data_7H2T
# 
_entry.id   7H2T 
# 
_audit_conform.dict_name       mmcif_pdbx.dic 
_audit_conform.dict_version    5.397 
_audit_conform.dict_location   http://mmcif.pdb.org/dictionaries/ascii/mmcif_pdbx.dic 
# 
loop_
_database_2.database_id 
_database_2.database_code 
_database_2.pdbx_database_accession 
_database_2.pdbx_DOI 
PDB   7H2T         pdb_00007h2t 10.2210/pdb7h2t/pdb 
WWPDB D_1001406952 ?            ?                   
# 
loop_
_pdbx_audit_revision_history.ordinal 
_pdbx_audit_revision_history.data_content_type 
_pdbx_audit_revision_history.major_revision 
_pdbx_audit_revision_history.minor_revision 
_pdbx_audit_revision_history.revision_date 
1 'Structure model' 1 0 2024-04-24 
2 'Structure model' 1 1 2024-10-16 
# 
_pdbx_audit_revision_details.ordinal             1 
_pdbx_audit_revision_details.revision_ordinal    1 
_pdbx_audit_revision_details.data_content_type   'Structure model' 
_pdbx_audit_revision_details.provider            repository 
_pdbx_audit_revision_details.type                'Initial release' 
_pdbx_audit_revision_details.description         ? 
_pdbx_audit_revision_details.details             ? 
# 
loop_
_pdbx_audit_revision_group.ordinal 
_pdbx_audit_revision_group.revision_ordinal 
_pdbx_audit_revision_group.data_content_type 
_pdbx_audit_revision_group.group 
1 2 'Structure model' 'Database references' 
2 2 'Structure model' 'Structure summary'   
# 
loop_
_pdbx_audit_revision_category.ordinal 
_pdbx_audit_revision_category.revision_ordinal 
_pdbx_audit_revision_category.data_content_type 
_pdbx_audit_revision_category.category 
1 2 'Structure model' citation           
2 2 'Structure model' citation_author    
3 2 'Structure model' pdbx_entry_details 
# 
loop_
_pdbx_audit_revision_item.ordinal 
_pdbx_audit_revision_item.revision_ordinal 
_pdbx_audit_revision_item.data_content_type 
_pdbx_audit_revision_item.item 
1 2 'Structure model' '_citation.country'                 
2 2 'Structure model' '_citation.journal_abbrev'          
3 2 'Structure model' '_citation.journal_id_CSD'          
4 2 'Structure model' '_citation.journal_id_ISSN'         
5 2 'Structure model' '_citation.pdbx_database_id_DOI'    
6 2 'Structure model' '_citation.pdbx_database_id_PubMed' 
7 2 'Structure model' '_citation.title'                   
8 2 'Structure model' '_citation.year'                    
# 
_pdbx_database_status.entry_id                        7H2T 
_pdbx_database_status.status_code                     REL 
_pdbx_database_status.status_code_sf                  REL 
_pdbx_database_status.status_code_mr                  ? 
_pdbx_database_status.status_code_cs                  ? 
_pdbx_database_status.recvd_initial_deposition_date   2024-04-04 
_pdbx_database_status.status_code_nmr_data            ? 
_pdbx_database_status.deposit_site                    RCSB 
_pdbx_database_status.process_site                    RCSB 
_pdbx_database_status.SG_entry                        ? 
_pdbx_database_status.pdb_format_compatible           Y 
_pdbx_database_status.methods_development_category    ? 
# 
_pdbx_contact_author.id                 1 
_pdbx_contact_author.email              frank.von-delft@diamond.ac.uk 
_pdbx_contact_author.name_first         Frank 
_pdbx_contact_author.name_last          'von Delft' 
_pdbx_contact_author.role               'principal investigator/group leader' 
_pdbx_contact_author.identifier_ORCID   0000-0003-0378-0017 
_pdbx_contact_author.name_mi            ? 
# 
loop_
_audit_author.name 
_audit_author.pdbx_ordinal 
_audit_author.identifier_ORCID 
'Lithgo, R.M.'        1  ? 
'Fairhead, M.'        2  ? 
'Koekemoer, L.'       3  ? 
'Balcomb, B.H.'       4  ? 
'Capkin, E.'          5  ? 
'Chandran, A.V.'      6  ? 
'Golding, M.'         7  ? 
'Godoy, A.S.'         8  ? 
'Aschenbrenner, J.C.' 9  ? 
'Marples, P.G.'       10 ? 
'Ni, X.'              11 ? 
'Thompson, W.'        12 ? 
'Tomlinson, C.W.E.'   13 ? 
'Wild, C.'            14 ? 
'Winokan, M.'         15 ? 
'Xavier, M.-A.E.'     16 ? 
'Fearon, D.'          17 ? 
'von Delft, F.'       18 ? 
# 
_citation.id                        primary 
_citation.title                     
;Crystallographic Fragment Screen of Coxsackievirus A16 2A Protease identifies new opportunities for the development of broad-spectrum anti-enterovirals.
;
_citation.journal_abbrev            Biorxiv 
_citation.journal_volume            ? 
_citation.page_first                ? 
_citation.page_last                 ? 
_citation.year                      2024 
_citation.journal_id_ASTM           ? 
_citation.country                   US 
_citation.journal_id_ISSN           2692-8205 
_citation.journal_id_CSD            ? 
_citation.book_publisher            ? 
_citation.pdbx_database_id_PubMed   38746446 
_citation.pdbx_database_id_DOI      10.1101/2024.04.29.591684 
# 
loop_
_citation_author.citation_id 
_citation_author.name 
_citation_author.identifier_ORCID 
_citation_author.ordinal 
primary 'Lithgo, R.M.'        0000-0002-4706-9916 1  
primary 'Tomlinson, C.W.E.'   0000-0002-1845-6028 2  
primary 'Fairhead, M.'        0000-0001-5361-3933 3  
primary 'Winokan, M.'         ?                   4  
primary 'Thompson, W.'        0000-0003-1474-7810 5  
primary 'Wild, C.'            0000-0003-0654-8141 6  
primary 'Aschenbrenner, J.C.' 0000-0002-4318-0481 7  
primary 'Balcomb, B.H.'       0000-0001-7599-8467 8  
primary 'Marples, P.G.'       0000-0002-8787-7969 9  
primary 'Chandran, A.V.'      0000-0001-9942-2614 10 
primary 'Golding, M.'         0009-0004-7472-8333 11 
primary 'Koekemoer, L.'       0000-0001-9226-9127 12 
primary 'Williams, E.P.'      0000-0002-1331-9518 13 
primary 'Wang, S.'            ?                   14 
primary 'Ni, X.'              0000-0002-7769-8297 15 
primary 'MacLean, E.'         0000-0003-1680-4292 16 
primary 'Giroud, C.'          0000-0002-1629-1581 17 
primary 'Godoy, A.S.'         0000-0002-0613-9164 18 
primary 'Xavier, M.A.'        0000-0002-1709-9479 19 
primary 'Walsh, M.'           0000-0001-5683-1151 20 
primary 'Fearon, D.'          0000-0003-3529-7863 21 
primary 'von Delft, F.'       0000-0003-0378-0017 22 
# 
loop_
_entity.id 
_entity.type 
_entity.src_method 
_entity.pdbx_description 
_entity.formula_weight 
_entity.pdbx_number_of_molecules 
_entity.pdbx_ec 
_entity.pdbx_mutation 
_entity.pdbx_fragment 
_entity.details 
1 polymer     man 'Protease 2A'                          16493.311 1   3.4.22.29 ? ? ? 
2 non-polymer man '4-(2-phenoxyethanoyl)piperazin-2-one' 234.251   2   ?         ? ? ? 
3 non-polymer syn 'ZINC ION'                             65.409    1   ?         ? ? ? 
4 non-polymer syn 'DIMETHYL SULFOXIDE'                   78.133    3   ?         ? ? ? 
5 non-polymer syn 'SULFATE ION'                          96.063    1   ?         ? ? ? 
6 water       nat water                                  18.015    233 ?         ? ? ? 
# 
_entity_name_com.entity_id   1 
_entity_name_com.name        'P2A,Picornain 2A,Protein 2A' 
# 
_entity_poly.entity_id                      1 
_entity_poly.type                           'polypeptide(L)' 
_entity_poly.nstd_linkage                   no 
_entity_poly.nstd_monomer                   no 
_entity_poly.pdbx_seq_one_letter_code       
;QEQTGGSGAIYVGNYRVVNRHLATHNDWANLVWEDSSRDLLVSSTTAQGCDTIARCDCQTGVYYCSSRRKHYPVSFSKPS
LIFVEASEYYPARYQSHLMLAVGHSEPGDCGGILRCQHGVVGIVSTGGNGLVGFADVRDLLWLDEEAMEQ
;
_entity_poly.pdbx_seq_one_letter_code_can   
;QEQTGGSGAIYVGNYRVVNRHLATHNDWANLVWEDSSRDLLVSSTTAQGCDTIARCDCQTGVYYCSSRRKHYPVSFSKPS
LIFVEASEYYPARYQSHLMLAVGHSEPGDCGGILRCQHGVVGIVSTGGNGLVGFADVRDLLWLDEEAMEQ
;
_entity_poly.pdbx_strand_id                 A 
_entity_poly.pdbx_target_identifier         ? 
# 
loop_
_pdbx_entity_nonpoly.entity_id 
_pdbx_entity_nonpoly.name 
_pdbx_entity_nonpoly.comp_id 
2 '4-(2-phenoxyethanoyl)piperazin-2-one' TEH 
3 'ZINC ION'                             ZN  
4 'DIMETHYL SULFOXIDE'                   DMS 
5 'SULFATE ION'                          SO4 
6 water                                  HOH 
# 
loop_
_entity_poly_seq.entity_id 
_entity_poly_seq.num 
_entity_poly_seq.mon_id 
_entity_poly_seq.hetero 
1 1   GLN n 
1 2   GLU n 
1 3   GLN n 
1 4   THR n 
1 5   GLY n 
1 6   GLY n 
1 7   SER n 
1 8   GLY n 
1 9   ALA n 
1 10  ILE n 
1 11  TYR n 
1 12  VAL n 
1 13  GLY n 
1 14  ASN n 
1 15  TYR n 
1 16  ARG n 
1 17  VAL n 
1 18  VAL n 
1 19  ASN n 
1 20  ARG n 
1 21  HIS n 
1 22  LEU n 
1 23  ALA n 
1 24  THR n 
1 25  HIS n 
1 26  ASN n 
1 27  ASP n 
1 28  TRP n 
1 29  ALA n 
1 30  ASN n 
1 31  LEU n 
1 32  VAL n 
1 33  TRP n 
1 34  GLU n 
1 35  ASP n 
1 36  SER n 
1 37  SER n 
1 38  ARG n 
1 39  ASP n 
1 40  LEU n 
1 41  LEU n 
1 42  VAL n 
1 43  SER n 
1 44  SER n 
1 45  THR n 
1 46  THR n 
1 47  ALA n 
1 48  GLN n 
1 49  GLY n 
1 50  CYS n 
1 51  ASP n 
1 52  THR n 
1 53  ILE n 
1 54  ALA n 
1 55  ARG n 
1 56  CYS n 
1 57  ASP n 
1 58  CYS n 
1 59  GLN n 
1 60  THR n 
1 61  GLY n 
1 62  VAL n 
1 63  TYR n 
1 64  TYR n 
1 65  CYS n 
1 66  SER n 
1 67  SER n 
1 68  ARG n 
1 69  ARG n 
1 70  LYS n 
1 71  HIS n 
1 72  TYR n 
1 73  PRO n 
1 74  VAL n 
1 75  SER n 
1 76  PHE n 
1 77  SER n 
1 78  LYS n 
1 79  PRO n 
1 80  SER n 
1 81  LEU n 
1 82  ILE n 
1 83  PHE n 
1 84  VAL n 
1 85  GLU n 
1 86  ALA n 
1 87  SER n 
1 88  GLU n 
1 89  TYR n 
1 90  TYR n 
1 91  PRO n 
1 92  ALA n 
1 93  ARG n 
1 94  TYR n 
1 95  GLN n 
1 96  SER n 
1 97  HIS n 
1 98  LEU n 
1 99  MET n 
1 100 LEU n 
1 101 ALA n 
1 102 VAL n 
1 103 GLY n 
1 104 HIS n 
1 105 SER n 
1 106 GLU n 
1 107 PRO n 
1 108 GLY n 
1 109 ASP n 
1 110 CYS n 
1 111 GLY n 
1 112 GLY n 
1 113 ILE n 
1 114 LEU n 
1 115 ARG n 
1 116 CYS n 
1 117 GLN n 
1 118 HIS n 
1 119 GLY n 
1 120 VAL n 
1 121 VAL n 
1 122 GLY n 
1 123 ILE n 
1 124 VAL n 
1 125 SER n 
1 126 THR n 
1 127 GLY n 
1 128 GLY n 
1 129 ASN n 
1 130 GLY n 
1 131 LEU n 
1 132 VAL n 
1 133 GLY n 
1 134 PHE n 
1 135 ALA n 
1 136 ASP n 
1 137 VAL n 
1 138 ARG n 
1 139 ASP n 
1 140 LEU n 
1 141 LEU n 
1 142 TRP n 
1 143 LEU n 
1 144 ASP n 
1 145 GLU n 
1 146 GLU n 
1 147 ALA n 
1 148 MET n 
1 149 GLU n 
1 150 GLN n 
# 
loop_
_entity_src_gen.entity_id 
_entity_src_gen.pdbx_src_id 
_entity_src_gen.pdbx_alt_source_flag 
_entity_src_gen.pdbx_seq_type 
_entity_src_gen.pdbx_beg_seq_num 
_entity_src_gen.pdbx_end_seq_num 
_entity_src_gen.gene_src_common_name 
_entity_src_gen.gene_src_genus 
_entity_src_gen.pdbx_gene_src_gene 
_entity_src_gen.gene_src_species 
_entity_src_gen.gene_src_strain 
_entity_src_gen.gene_src_tissue 
_entity_src_gen.gene_src_tissue_fraction 
_entity_src_gen.gene_src_details 
_entity_src_gen.pdbx_gene_src_fragment 
_entity_src_gen.pdbx_gene_src_scientific_name 
_entity_src_gen.pdbx_gene_src_ncbi_taxonomy_id 
_entity_src_gen.pdbx_gene_src_variant 
_entity_src_gen.pdbx_gene_src_cell_line 
_entity_src_gen.pdbx_gene_src_atcc 
_entity_src_gen.pdbx_gene_src_organ 
_entity_src_gen.pdbx_gene_src_organelle 
_entity_src_gen.pdbx_gene_src_cell 
_entity_src_gen.pdbx_gene_src_cellular_location 
_entity_src_gen.host_org_common_name 
_entity_src_gen.pdbx_host_org_scientific_name 
_entity_src_gen.pdbx_host_org_ncbi_taxonomy_id 
_entity_src_gen.host_org_genus 
_entity_src_gen.pdbx_host_org_gene 
_entity_src_gen.pdbx_host_org_organ 
_entity_src_gen.host_org_species 
_entity_src_gen.pdbx_host_org_tissue 
_entity_src_gen.pdbx_host_org_tissue_fraction 
_entity_src_gen.pdbx_host_org_strain 
_entity_src_gen.pdbx_host_org_variant 
_entity_src_gen.pdbx_host_org_cell_line 
_entity_src_gen.pdbx_host_org_atcc 
_entity_src_gen.pdbx_host_org_culture_collection 
_entity_src_gen.pdbx_host_org_cell 
_entity_src_gen.pdbx_host_org_organelle 
_entity_src_gen.pdbx_host_org_cellular_location 
_entity_src_gen.pdbx_host_org_vector_type 
_entity_src_gen.pdbx_host_org_vector 
_entity_src_gen.host_org_details 
_entity_src_gen.expression_system_id 
_entity_src_gen.plasmid_name 
_entity_src_gen.plasmid_details 
_entity_src_gen.pdbx_description 
1 1 sample 'Biological sequence' 1 150 ? ? ? ? ? ? ? ? ? 'Coxsackievirus A16' 31704 ? ? ? ? ? ? ? ? 'Escherichia coli' 562 ? ? ? ? 
? ? ? ? ? ? ? ? ? ? ? ? ? ? ? ? ? 
2 1 sample ?                     ? ?   ? ? ? ? ? ? ? ? ? 'Coxsackievirus A16' 31704 ? ? ? ? ? ? ? ? 'Escherichia coli' 562 ? ? ? ? 
? ? ? ? ? ? ? ? ? ? ? ? ? ? ? ? ? 
# 
loop_
_chem_comp.id 
_chem_comp.type 
_chem_comp.mon_nstd_flag 
_chem_comp.name 
_chem_comp.pdbx_synonyms 
_chem_comp.formula 
_chem_comp.formula_weight 
ALA 'L-peptide linking' y ALANINE                                ? 'C3 H7 N O2'     89.093  
ARG 'L-peptide linking' y ARGININE                               ? 'C6 H15 N4 O2 1' 175.209 
ASN 'L-peptide linking' y ASPARAGINE                             ? 'C4 H8 N2 O3'    132.118 
ASP 'L-peptide linking' y 'ASPARTIC ACID'                        ? 'C4 H7 N O4'     133.103 
CYS 'L-peptide linking' y CYSTEINE                               ? 'C3 H7 N O2 S'   121.158 
DMS non-polymer         . 'DIMETHYL SULFOXIDE'                   ? 'C2 H6 O S'      78.133  
GLN 'L-peptide linking' y GLUTAMINE                              ? 'C5 H10 N2 O3'   146.144 
GLU 'L-peptide linking' y 'GLUTAMIC ACID'                        ? 'C5 H9 N O4'     147.129 
GLY 'peptide linking'   y GLYCINE                                ? 'C2 H5 N O2'     75.067  
HIS 'L-peptide linking' y HISTIDINE                              ? 'C6 H10 N3 O2 1' 156.162 
HOH non-polymer         . WATER                                  ? 'H2 O'           18.015  
ILE 'L-peptide linking' y ISOLEUCINE                             ? 'C6 H13 N O2'    131.173 
LEU 'L-peptide linking' y LEUCINE                                ? 'C6 H13 N O2'    131.173 
LYS 'L-peptide linking' y LYSINE                                 ? 'C6 H15 N2 O2 1' 147.195 
MET 'L-peptide linking' y METHIONINE                             ? 'C5 H11 N O2 S'  149.211 
PHE 'L-peptide linking' y PHENYLALANINE                          ? 'C9 H11 N O2'    165.189 
PRO 'L-peptide linking' y PROLINE                                ? 'C5 H9 N O2'     115.130 
SER 'L-peptide linking' y SERINE                                 ? 'C3 H7 N O3'     105.093 
SO4 non-polymer         . 'SULFATE ION'                          ? 'O4 S -2'        96.063  
TEH non-polymer         . '4-(2-phenoxyethanoyl)piperazin-2-one' ? 'C12 H14 N2 O3'  234.251 
THR 'L-peptide linking' y THREONINE                              ? 'C4 H9 N O3'     119.119 
TRP 'L-peptide linking' y TRYPTOPHAN                             ? 'C11 H12 N2 O2'  204.225 
TYR 'L-peptide linking' y TYROSINE                               ? 'C9 H11 N O3'    181.189 
VAL 'L-peptide linking' y VALINE                                 ? 'C5 H11 N O2'    117.146 
ZN  non-polymer         . 'ZINC ION'                             ? 'Zn 2'           65.409  
# 
loop_
_pdbx_poly_seq_scheme.asym_id 
_pdbx_poly_seq_scheme.entity_id 
_pdbx_poly_seq_scheme.seq_id 
_pdbx_poly_seq_scheme.mon_id 
_pdbx_poly_seq_scheme.ndb_seq_num 
_pdbx_poly_seq_scheme.pdb_seq_num 
_pdbx_poly_seq_scheme.auth_seq_num 
_pdbx_poly_seq_scheme.pdb_mon_id 
_pdbx_poly_seq_scheme.auth_mon_id 
_pdbx_poly_seq_scheme.pdb_strand_id 
_pdbx_poly_seq_scheme.pdb_ins_code 
_pdbx_poly_seq_scheme.hetero 
A 1 1   GLN 1   1   ?   ?   ?   A . n 
A 1 2   GLU 2   2   ?   ?   ?   A . n 
A 1 3   GLN 3   3   ?   ?   ?   A . n 
A 1 4   THR 4   4   ?   ?   ?   A . n 
A 1 5   GLY 5   5   ?   ?   ?   A . n 
A 1 6   GLY 6   6   ?   ?   ?   A . n 
A 1 7   SER 7   7   7   SER SER A . n 
A 1 8   GLY 8   8   8   GLY GLY A . n 
A 1 9   ALA 9   9   9   ALA ALA A . n 
A 1 10  ILE 10  10  10  ILE ILE A . n 
A 1 11  TYR 11  11  11  TYR TYR A . n 
A 1 12  VAL 12  12  12  VAL VAL A . n 
A 1 13  GLY 13  13  13  GLY GLY A . n 
A 1 14  ASN 14  14  14  ASN ASN A . n 
A 1 15  TYR 15  15  15  TYR TYR A . n 
A 1 16  ARG 16  16  16  ARG ARG A . n 
A 1 17  VAL 17  17  17  VAL VAL A . n 
A 1 18  VAL 18  18  18  VAL VAL A . n 
A 1 19  ASN 19  19  19  ASN ASN A . n 
A 1 20  ARG 20  20  20  ARG ARG A . n 
A 1 21  HIS 21  21  21  HIS HIS A . n 
A 1 22  LEU 22  22  22  LEU LEU A . n 
A 1 23  ALA 23  23  23  ALA ALA A . n 
A 1 24  THR 24  24  24  THR THR A . n 
A 1 25  HIS 25  25  25  HIS HIS A . n 
A 1 26  ASN 26  26  26  ASN ASN A . n 
A 1 27  ASP 27  27  27  ASP ASP A . n 
A 1 28  TRP 28  28  28  TRP TRP A . n 
A 1 29  ALA 29  29  29  ALA ALA A . n 
A 1 30  ASN 30  30  30  ASN ASN A . n 
A 1 31  LEU 31  31  31  LEU LEU A . n 
A 1 32  VAL 32  32  32  VAL VAL A . n 
A 1 33  TRP 33  33  33  TRP TRP A . n 
A 1 34  GLU 34  34  34  GLU GLU A . n 
A 1 35  ASP 35  35  35  ASP ASP A . n 
A 1 36  SER 36  36  36  SER SER A . n 
A 1 37  SER 37  37  37  SER SER A . n 
A 1 38  ARG 38  38  38  ARG ARG A . n 
A 1 39  ASP 39  39  39  ASP ASP A . n 
A 1 40  LEU 40  40  40  LEU LEU A . n 
A 1 41  LEU 41  41  41  LEU LEU A . n 
A 1 42  VAL 42  42  42  VAL VAL A . n 
A 1 43  SER 43  43  43  SER SER A . n 
A 1 44  SER 44  44  44  SER SER A . n 
A 1 45  THR 45  45  45  THR THR A . n 
A 1 46  THR 46  46  46  THR THR A . n 
A 1 47  ALA 47  47  47  ALA ALA A . n 
A 1 48  GLN 48  48  48  GLN GLN A . n 
A 1 49  GLY 49  49  49  GLY GLY A . n 
A 1 50  CYS 50  50  50  CYS CYS A . n 
A 1 51  ASP 51  51  51  ASP ASP A . n 
A 1 52  THR 52  52  52  THR THR A . n 
A 1 53  ILE 53  53  53  ILE ILE A . n 
A 1 54  ALA 54  54  54  ALA ALA A . n 
A 1 55  ARG 55  55  55  ARG ARG A . n 
A 1 56  CYS 56  56  56  CYS CYS A . n 
A 1 57  ASP 57  57  57  ASP ASP A . n 
A 1 58  CYS 58  58  58  CYS CYS A . n 
A 1 59  GLN 59  59  59  GLN GLN A . n 
A 1 60  THR 60  60  60  THR THR A . n 
A 1 61  GLY 61  61  61  GLY GLY A . n 
A 1 62  VAL 62  62  62  VAL VAL A . n 
A 1 63  TYR 63  63  63  TYR TYR A . n 
A 1 64  TYR 64  64  64  TYR TYR A . n 
A 1 65  CYS 65  65  65  CYS CYS A . n 
A 1 66  SER 66  66  66  SER SER A . n 
A 1 67  SER 67  67  67  SER SER A . n 
A 1 68  ARG 68  68  68  ARG ARG A . n 
A 1 69  ARG 69  69  69  ARG ARG A . n 
A 1 70  LYS 70  70  70  LYS LYS A . n 
A 1 71  HIS 71  71  71  HIS HIS A . n 
A 1 72  TYR 72  72  72  TYR TYR A . n 
A 1 73  PRO 73  73  73  PRO PRO A . n 
A 1 74  VAL 74  74  74  VAL VAL A . n 
A 1 75  SER 75  75  75  SER SER A . n 
A 1 76  PHE 76  76  76  PHE PHE A . n 
A 1 77  SER 77  77  77  SER SER A . n 
A 1 78  LYS 78  78  78  LYS LYS A . n 
A 1 79  PRO 79  79  79  PRO PRO A . n 
A 1 80  SER 80  80  80  SER SER A . n 
A 1 81  LEU 81  81  81  LEU LEU A . n 
A 1 82  ILE 82  82  82  ILE ILE A . n 
A 1 83  PHE 83  83  83  PHE PHE A . n 
A 1 84  VAL 84  84  84  VAL VAL A . n 
A 1 85  GLU 85  85  85  GLU GLU A . n 
A 1 86  ALA 86  86  86  ALA ALA A . n 
A 1 87  SER 87  87  87  SER SER A . n 
A 1 88  GLU 88  88  88  GLU GLU A . n 
A 1 89  TYR 89  89  89  TYR TYR A . n 
A 1 90  TYR 90  90  90  TYR TYR A . n 
A 1 91  PRO 91  91  91  PRO PRO A . n 
A 1 92  ALA 92  92  92  ALA ALA A . n 
A 1 93  ARG 93  93  93  ARG ARG A . n 
A 1 94  TYR 94  94  94  TYR TYR A . n 
A 1 95  GLN 95  95  95  GLN GLN A . n 
A 1 96  SER 96  96  96  SER SER A . n 
A 1 97  HIS 97  97  97  HIS HIS A . n 
A 1 98  LEU 98  98  98  LEU LEU A . n 
A 1 99  MET 99  99  99  MET MET A . n 
A 1 100 LEU 100 100 100 LEU LEU A . n 
A 1 101 ALA 101 101 101 ALA ALA A . n 
A 1 102 VAL 102 102 102 VAL VAL A . n 
A 1 103 GLY 103 103 103 GLY GLY A . n 
A 1 104 HIS 104 104 104 HIS HIS A . n 
A 1 105 SER 105 105 105 SER SER A . n 
A 1 106 GLU 106 106 106 GLU GLU A . n 
A 1 107 PRO 107 107 107 PRO PRO A . n 
A 1 108 GLY 108 108 108 GLY GLY A . n 
A 1 109 ASP 109 109 109 ASP ASP A . n 
A 1 110 CYS 110 110 110 CYS CYS A . n 
A 1 111 GLY 111 111 111 GLY GLY A . n 
A 1 112 GLY 112 112 112 GLY GLY A . n 
A 1 113 ILE 113 113 113 ILE ILE A . n 
A 1 114 LEU 114 114 114 LEU LEU A . n 
A 1 115 ARG 115 115 115 ARG ARG A . n 
A 1 116 CYS 116 116 116 CYS CYS A . n 
A 1 117 GLN 117 117 117 GLN GLN A . n 
A 1 118 HIS 118 118 118 HIS HIS A . n 
A 1 119 GLY 119 119 119 GLY GLY A . n 
A 1 120 VAL 120 120 120 VAL VAL A . n 
A 1 121 VAL 121 121 121 VAL VAL A . n 
A 1 122 GLY 122 122 122 GLY GLY A . n 
A 1 123 ILE 123 123 123 ILE ILE A . n 
A 1 124 VAL 124 124 124 VAL VAL A . n 
A 1 125 SER 125 125 125 SER SER A . n 
A 1 126 THR 126 126 126 THR THR A . n 
A 1 127 GLY 127 127 127 GLY GLY A . n 
A 1 128 GLY 128 128 128 GLY GLY A . n 
A 1 129 ASN 129 129 129 ASN ASN A . n 
A 1 130 GLY 130 130 130 GLY GLY A . n 
A 1 131 LEU 131 131 131 LEU LEU A . n 
A 1 132 VAL 132 132 132 VAL VAL A . n 
A 1 133 GLY 133 133 133 GLY GLY A . n 
A 1 134 PHE 134 134 134 PHE PHE A . n 
A 1 135 ALA 135 135 135 ALA ALA A . n 
A 1 136 ASP 136 136 136 ASP ASP A . n 
A 1 137 VAL 137 137 137 VAL VAL A . n 
A 1 138 ARG 138 138 138 ARG ARG A . n 
A 1 139 ASP 139 139 139 ASP ASP A . n 
A 1 140 LEU 140 140 140 LEU LEU A . n 
A 1 141 LEU 141 141 141 LEU LEU A . n 
A 1 142 TRP 142 142 142 TRP TRP A . n 
A 1 143 LEU 143 143 143 LEU LEU A . n 
A 1 144 ASP 144 144 144 ASP ASP A . n 
A 1 145 GLU 145 145 145 GLU GLU A . n 
A 1 146 GLU 146 146 146 GLU GLU A . n 
A 1 147 ALA 147 147 ?   ?   ?   A . n 
A 1 148 MET 148 148 ?   ?   ?   A . n 
A 1 149 GLU 149 149 ?   ?   ?   A . n 
A 1 150 GLN 150 150 ?   ?   ?   A . n 
# 
loop_
_pdbx_nonpoly_scheme.asym_id 
_pdbx_nonpoly_scheme.entity_id 
_pdbx_nonpoly_scheme.mon_id 
_pdbx_nonpoly_scheme.ndb_seq_num 
_pdbx_nonpoly_scheme.pdb_seq_num 
_pdbx_nonpoly_scheme.auth_seq_num 
_pdbx_nonpoly_scheme.pdb_mon_id 
_pdbx_nonpoly_scheme.auth_mon_id 
_pdbx_nonpoly_scheme.pdb_strand_id 
_pdbx_nonpoly_scheme.pdb_ins_code 
B 2 TEH 1   201 147 TEH LIG A . 
C 2 TEH 1   202 201 TEH LIG A . 
D 3 ZN  1   203 1   ZN  ZN  A . 
E 4 DMS 1   204 -1  DMS DMS A . 
F 4 DMS 1   205 0   DMS DMS A . 
G 4 DMS 1   206 3   DMS DMS A . 
H 5 SO4 1   207 1   SO4 SO4 A . 
I 6 HOH 1   301 49  HOH HOH A . 
I 6 HOH 2   302 227 HOH HOH A . 
I 6 HOH 3   303 183 HOH HOH A . 
I 6 HOH 4   304 131 HOH HOH A . 
I 6 HOH 5   305 234 HOH HOH A . 
I 6 HOH 6   306 3   HOH HOH A . 
I 6 HOH 7   307 137 HOH HOH A . 
I 6 HOH 8   308 219 HOH HOH A . 
I 6 HOH 9   309 238 HOH HOH A . 
I 6 HOH 10  310 34  HOH HOH A . 
I 6 HOH 11  311 70  HOH HOH A . 
I 6 HOH 12  312 46  HOH HOH A . 
I 6 HOH 13  313 180 HOH HOH A . 
I 6 HOH 14  314 179 HOH HOH A . 
I 6 HOH 15  315 57  HOH HOH A . 
I 6 HOH 16  316 182 HOH HOH A . 
I 6 HOH 17  317 94  HOH HOH A . 
I 6 HOH 18  318 133 HOH HOH A . 
I 6 HOH 19  319 103 HOH HOH A . 
I 6 HOH 20  320 108 HOH HOH A . 
I 6 HOH 21  321 4   HOH HOH A . 
I 6 HOH 22  322 116 HOH HOH A . 
I 6 HOH 23  323 107 HOH HOH A . 
I 6 HOH 24  324 77  HOH HOH A . 
I 6 HOH 25  325 72  HOH HOH A . 
I 6 HOH 26  326 193 HOH HOH A . 
I 6 HOH 27  327 186 HOH HOH A . 
I 6 HOH 28  328 152 HOH HOH A . 
I 6 HOH 29  329 216 HOH HOH A . 
I 6 HOH 30  330 93  HOH HOH A . 
I 6 HOH 31  331 104 HOH HOH A . 
I 6 HOH 32  332 111 HOH HOH A . 
I 6 HOH 33  333 81  HOH HOH A . 
I 6 HOH 34  334 148 HOH HOH A . 
I 6 HOH 35  335 59  HOH HOH A . 
I 6 HOH 36  336 52  HOH HOH A . 
I 6 HOH 37  337 7   HOH HOH A . 
I 6 HOH 38  338 16  HOH HOH A . 
I 6 HOH 39  339 88  HOH HOH A . 
I 6 HOH 40  340 27  HOH HOH A . 
I 6 HOH 41  341 141 HOH HOH A . 
I 6 HOH 42  342 205 HOH HOH A . 
I 6 HOH 43  343 217 HOH HOH A . 
I 6 HOH 44  344 245 HOH HOH A . 
I 6 HOH 45  345 53  HOH HOH A . 
I 6 HOH 46  346 60  HOH HOH A . 
I 6 HOH 47  347 33  HOH HOH A . 
I 6 HOH 48  348 24  HOH HOH A . 
I 6 HOH 49  349 248 HOH HOH A . 
I 6 HOH 50  350 28  HOH HOH A . 
I 6 HOH 51  351 169 HOH HOH A . 
I 6 HOH 52  352 43  HOH HOH A . 
I 6 HOH 53  353 37  HOH HOH A . 
I 6 HOH 54  354 17  HOH HOH A . 
I 6 HOH 55  355 144 HOH HOH A . 
I 6 HOH 56  356 13  HOH HOH A . 
I 6 HOH 57  357 30  HOH HOH A . 
I 6 HOH 58  358 68  HOH HOH A . 
I 6 HOH 59  359 249 HOH HOH A . 
I 6 HOH 60  360 161 HOH HOH A . 
I 6 HOH 61  361 191 HOH HOH A . 
I 6 HOH 62  362 25  HOH HOH A . 
I 6 HOH 63  363 121 HOH HOH A . 
I 6 HOH 64  364 178 HOH HOH A . 
I 6 HOH 65  365 2   HOH HOH A . 
I 6 HOH 66  366 36  HOH HOH A . 
I 6 HOH 67  367 21  HOH HOH A . 
I 6 HOH 68  368 168 HOH HOH A . 
I 6 HOH 69  369 211 HOH HOH A . 
I 6 HOH 70  370 124 HOH HOH A . 
I 6 HOH 71  371 173 HOH HOH A . 
I 6 HOH 72  372 9   HOH HOH A . 
I 6 HOH 73  373 79  HOH HOH A . 
I 6 HOH 74  374 82  HOH HOH A . 
I 6 HOH 75  375 106 HOH HOH A . 
I 6 HOH 76  376 174 HOH HOH A . 
I 6 HOH 77  377 132 HOH HOH A . 
I 6 HOH 78  378 181 HOH HOH A . 
I 6 HOH 79  379 200 HOH HOH A . 
I 6 HOH 80  380 126 HOH HOH A . 
I 6 HOH 81  381 19  HOH HOH A . 
I 6 HOH 82  382 26  HOH HOH A . 
I 6 HOH 83  383 50  HOH HOH A . 
I 6 HOH 84  384 47  HOH HOH A . 
I 6 HOH 85  385 109 HOH HOH A . 
I 6 HOH 86  386 204 HOH HOH A . 
I 6 HOH 87  387 45  HOH HOH A . 
I 6 HOH 88  388 15  HOH HOH A . 
I 6 HOH 89  389 8   HOH HOH A . 
I 6 HOH 90  390 62  HOH HOH A . 
I 6 HOH 91  391 63  HOH HOH A . 
I 6 HOH 92  392 84  HOH HOH A . 
I 6 HOH 93  393 250 HOH HOH A . 
I 6 HOH 94  394 112 HOH HOH A . 
I 6 HOH 95  395 76  HOH HOH A . 
I 6 HOH 96  396 12  HOH HOH A . 
I 6 HOH 97  397 5   HOH HOH A . 
I 6 HOH 98  398 119 HOH HOH A . 
I 6 HOH 99  399 71  HOH HOH A . 
I 6 HOH 100 400 48  HOH HOH A . 
I 6 HOH 101 401 147 HOH HOH A . 
I 6 HOH 102 402 97  HOH HOH A . 
I 6 HOH 103 403 20  HOH HOH A . 
I 6 HOH 104 404 66  HOH HOH A . 
I 6 HOH 105 405 120 HOH HOH A . 
I 6 HOH 106 406 39  HOH HOH A . 
I 6 HOH 107 407 31  HOH HOH A . 
I 6 HOH 108 408 167 HOH HOH A . 
I 6 HOH 109 409 18  HOH HOH A . 
I 6 HOH 110 410 214 HOH HOH A . 
I 6 HOH 111 411 14  HOH HOH A . 
I 6 HOH 112 412 40  HOH HOH A . 
I 6 HOH 113 413 105 HOH HOH A . 
I 6 HOH 114 414 210 HOH HOH A . 
I 6 HOH 115 415 65  HOH HOH A . 
I 6 HOH 116 416 96  HOH HOH A . 
I 6 HOH 117 417 100 HOH HOH A . 
I 6 HOH 118 418 177 HOH HOH A . 
I 6 HOH 119 419 90  HOH HOH A . 
I 6 HOH 120 420 155 HOH HOH A . 
I 6 HOH 121 421 224 HOH HOH A . 
I 6 HOH 122 422 67  HOH HOH A . 
I 6 HOH 123 423 42  HOH HOH A . 
I 6 HOH 124 424 55  HOH HOH A . 
I 6 HOH 125 425 41  HOH HOH A . 
I 6 HOH 126 426 128 HOH HOH A . 
I 6 HOH 127 427 78  HOH HOH A . 
I 6 HOH 128 428 80  HOH HOH A . 
I 6 HOH 129 429 195 HOH HOH A . 
I 6 HOH 130 430 54  HOH HOH A . 
I 6 HOH 131 431 176 HOH HOH A . 
I 6 HOH 132 432 198 HOH HOH A . 
I 6 HOH 133 433 38  HOH HOH A . 
I 6 HOH 134 434 69  HOH HOH A . 
I 6 HOH 135 435 220 HOH HOH A . 
I 6 HOH 136 436 23  HOH HOH A . 
I 6 HOH 137 437 110 HOH HOH A . 
I 6 HOH 138 438 58  HOH HOH A . 
I 6 HOH 139 439 118 HOH HOH A . 
I 6 HOH 140 440 11  HOH HOH A . 
I 6 HOH 141 441 246 HOH HOH A . 
I 6 HOH 142 442 64  HOH HOH A . 
I 6 HOH 143 443 146 HOH HOH A . 
I 6 HOH 144 444 123 HOH HOH A . 
I 6 HOH 145 445 157 HOH HOH A . 
I 6 HOH 146 446 138 HOH HOH A . 
I 6 HOH 147 447 159 HOH HOH A . 
I 6 HOH 148 448 203 HOH HOH A . 
I 6 HOH 149 449 170 HOH HOH A . 
I 6 HOH 150 450 6   HOH HOH A . 
I 6 HOH 151 451 35  HOH HOH A . 
I 6 HOH 152 452 156 HOH HOH A . 
I 6 HOH 153 453 89  HOH HOH A . 
I 6 HOH 154 454 113 HOH HOH A . 
I 6 HOH 155 455 95  HOH HOH A . 
I 6 HOH 156 456 102 HOH HOH A . 
I 6 HOH 157 457 215 HOH HOH A . 
I 6 HOH 158 458 230 HOH HOH A . 
I 6 HOH 159 459 74  HOH HOH A . 
I 6 HOH 160 460 171 HOH HOH A . 
I 6 HOH 161 461 10  HOH HOH A . 
I 6 HOH 162 462 197 HOH HOH A . 
I 6 HOH 163 463 232 HOH HOH A . 
I 6 HOH 164 464 192 HOH HOH A . 
I 6 HOH 165 465 233 HOH HOH A . 
I 6 HOH 166 466 91  HOH HOH A . 
I 6 HOH 167 467 101 HOH HOH A . 
I 6 HOH 168 468 213 HOH HOH A . 
I 6 HOH 169 469 136 HOH HOH A . 
I 6 HOH 170 470 228 HOH HOH A . 
I 6 HOH 171 471 22  HOH HOH A . 
I 6 HOH 172 472 237 HOH HOH A . 
I 6 HOH 173 473 247 HOH HOH A . 
I 6 HOH 174 474 154 HOH HOH A . 
I 6 HOH 175 475 87  HOH HOH A . 
I 6 HOH 176 476 162 HOH HOH A . 
I 6 HOH 177 477 212 HOH HOH A . 
I 6 HOH 178 478 175 HOH HOH A . 
I 6 HOH 179 479 226 HOH HOH A . 
I 6 HOH 180 480 151 HOH HOH A . 
I 6 HOH 181 481 98  HOH HOH A . 
I 6 HOH 182 482 140 HOH HOH A . 
I 6 HOH 183 483 158 HOH HOH A . 
I 6 HOH 184 484 201 HOH HOH A . 
I 6 HOH 185 485 189 HOH HOH A . 
I 6 HOH 186 486 231 HOH HOH A . 
I 6 HOH 187 487 117 HOH HOH A . 
I 6 HOH 188 488 99  HOH HOH A . 
I 6 HOH 189 489 135 HOH HOH A . 
I 6 HOH 190 490 190 HOH HOH A . 
I 6 HOH 191 491 134 HOH HOH A . 
I 6 HOH 192 492 225 HOH HOH A . 
I 6 HOH 193 493 240 HOH HOH A . 
I 6 HOH 194 494 207 HOH HOH A . 
I 6 HOH 195 495 218 HOH HOH A . 
I 6 HOH 196 496 122 HOH HOH A . 
I 6 HOH 197 497 229 HOH HOH A . 
I 6 HOH 198 498 239 HOH HOH A . 
I 6 HOH 199 499 172 HOH HOH A . 
I 6 HOH 200 500 163 HOH HOH A . 
I 6 HOH 201 501 243 HOH HOH A . 
I 6 HOH 202 502 73  HOH HOH A . 
I 6 HOH 203 503 127 HOH HOH A . 
I 6 HOH 204 504 185 HOH HOH A . 
I 6 HOH 205 505 32  HOH HOH A . 
I 6 HOH 206 506 221 HOH HOH A . 
I 6 HOH 207 507 86  HOH HOH A . 
I 6 HOH 208 508 236 HOH HOH A . 
I 6 HOH 209 509 83  HOH HOH A . 
I 6 HOH 210 510 209 HOH HOH A . 
I 6 HOH 211 511 85  HOH HOH A . 
I 6 HOH 212 512 202 HOH HOH A . 
I 6 HOH 213 513 223 HOH HOH A . 
I 6 HOH 214 514 129 HOH HOH A . 
I 6 HOH 215 515 187 HOH HOH A . 
I 6 HOH 216 516 56  HOH HOH A . 
I 6 HOH 217 517 208 HOH HOH A . 
I 6 HOH 218 518 142 HOH HOH A . 
I 6 HOH 219 519 235 HOH HOH A . 
I 6 HOH 220 520 206 HOH HOH A . 
I 6 HOH 221 521 75  HOH HOH A . 
I 6 HOH 222 522 165 HOH HOH A . 
I 6 HOH 223 523 241 HOH HOH A . 
I 6 HOH 224 524 153 HOH HOH A . 
I 6 HOH 225 525 114 HOH HOH A . 
I 6 HOH 226 526 199 HOH HOH A . 
I 6 HOH 227 527 92  HOH HOH A . 
I 6 HOH 228 528 222 HOH HOH A . 
I 6 HOH 229 529 125 HOH HOH A . 
I 6 HOH 230 530 242 HOH HOH A . 
I 6 HOH 231 531 164 HOH HOH A . 
I 6 HOH 232 532 160 HOH HOH A . 
I 6 HOH 233 533 244 HOH HOH A . 
# 
loop_
_software.classification 
_software.name 
_software.version 
_software.citation_id 
_software.pdbx_ordinal 
_software.date 
_software.type 
_software.location 
_software.language 
refinement       REFMAC  5.8.0267 ? 1 ? ? ? ? 
refinement       REFMAC5 .        ? 2 ? ? ? ? 
'data scaling'   Aimless .        ? 3 ? ? ? ? 
phasing          PHASER  .        ? 4 ? ? ? ? 
'data reduction' XDS     .        ? 5 ? ? ? ? 
# 
_cell.entry_id           7H2T 
_cell.length_a           85.798 
_cell.length_b           56.951 
_cell.length_c           32.359 
_cell.angle_alpha        90.00 
_cell.angle_beta         94.94 
_cell.angle_gamma        90.00 
_cell.Z_PDB              4 
_cell.pdbx_unique_axis   ? 
# 
_symmetry.entry_id                         7H2T 
_symmetry.space_group_name_H-M             'C 1 2 1' 
_symmetry.pdbx_full_space_group_name_H-M   ? 
_symmetry.cell_setting                     ? 
_symmetry.Int_Tables_number                5 
# 
_exptl.entry_id          7H2T 
_exptl.method            'X-RAY DIFFRACTION' 
_exptl.crystals_number   1 
# 
_exptl_crystal.id                    1 
_exptl_crystal.density_meas          ? 
_exptl_crystal.density_Matthews      2.39 
_exptl_crystal.density_percent_sol   48.49 
_exptl_crystal.description           ? 
_exptl_crystal.preparation           ? 
# 
_exptl_crystal_grow.crystal_id      1 
_exptl_crystal_grow.method          'VAPOR DIFFUSION, SITTING DROP' 
_exptl_crystal_grow.pH              6.05 
_exptl_crystal_grow.temp            293.15 
_exptl_crystal_grow.pdbx_details    '0.1 M MES, pH 6.05, 16 % PEG 20,000' 
_exptl_crystal_grow.temp_details    ? 
_exptl_crystal_grow.pdbx_pH_range   ? 
# 
_diffrn.id                               1 
_diffrn.ambient_temp                     100 
_diffrn.crystal_id                       1 
_diffrn.ambient_temp_details             ? 
_diffrn.pdbx_serial_crystal_experiment   ? 
# 
_diffrn_detector.detector               PIXEL 
_diffrn_detector.type                   'DECTRIS EIGER2 XE 16M' 
_diffrn_detector.pdbx_collection_date   2023-10-10 
_diffrn_detector.diffrn_id              1 
_diffrn_detector.details                ? 
# 
_diffrn_radiation.diffrn_id                        1 
_diffrn_radiation.wavelength_id                    1 
_diffrn_radiation.pdbx_diffrn_protocol             'SINGLE WAVELENGTH' 
_diffrn_radiation.pdbx_monochromatic_or_laue_m_l   ? 
_diffrn_radiation.monochromator                    ? 
_diffrn_radiation.pdbx_scattering_type             x-ray 
# 
_diffrn_radiation_wavelength.id           1 
_diffrn_radiation_wavelength.wavelength   0.94055 
_diffrn_radiation_wavelength.wt           1.0 
# 
_diffrn_source.diffrn_id                   1 
_diffrn_source.source                      SYNCHROTRON 
_diffrn_source.type                        'DIAMOND BEAMLINE I03' 
_diffrn_source.pdbx_wavelength_list        0.94055 
_diffrn_source.pdbx_synchrotron_site       Diamond 
_diffrn_source.pdbx_synchrotron_beamline   I03 
_diffrn_source.pdbx_wavelength             ? 
# 
_reflns.entry_id                     7H2T 
_reflns.pdbx_diffrn_id               1 
_reflns.pdbx_ordinal                 1 
_reflns.d_resolution_low             47.42 
_reflns.d_resolution_high            1.25 
_reflns.number_obs                   42669 
_reflns.percent_possible_obs         99.3 
_reflns.pdbx_Rmerge_I_obs            0.076 
_reflns.pdbx_netI_over_sigmaI        15.5 
_reflns.pdbx_redundancy              6.7 
_reflns.pdbx_Rrim_I_all              0.083 
_reflns.pdbx_Rpim_I_all              0.033 
_reflns.pdbx_CC_half                 0.983 
_reflns.pdbx_number_measured_all     286987 
_reflns.pdbx_chi_squared             0.74 
_reflns.observed_criterion_sigma_I   ? 
_reflns.observed_criterion_sigma_F   ? 
_reflns.number_all                   ? 
_reflns.pdbx_Rsym_value              ? 
_reflns.B_iso_Wilson_estimate        ? 
_reflns.pdbx_CC_star                 ? 
# 
_reflns_shell.pdbx_diffrn_id              1 
_reflns_shell.pdbx_ordinal                1 
_reflns_shell.d_res_high                  1.25 
_reflns_shell.d_res_low                   1.27 
_reflns_shell.number_measured_all         13856 
_reflns_shell.number_unique_obs           2126 
_reflns_shell.Rmerge_I_obs                3.726 
_reflns_shell.pdbx_chi_squared            0.60 
_reflns_shell.pdbx_redundancy             6.5 
_reflns_shell.percent_possible_obs        98.6 
_reflns_shell.pdbx_netI_over_sigmaI_obs   0.5 
_reflns_shell.pdbx_Rrim_I_all             4.070 
_reflns_shell.pdbx_Rpim_I_all             1.609 
_reflns_shell.pdbx_CC_half                0.517 
_reflns_shell.percent_possible_all        ? 
_reflns_shell.pdbx_Rsym_value             ? 
_reflns_shell.meanI_over_sigI_obs         ? 
_reflns_shell.number_measured_obs         ? 
_reflns_shell.number_unique_all           ? 
_reflns_shell.pdbx_CC_star                ? 
# 
_refine.pdbx_refine_id                           'X-RAY DIFFRACTION' 
_refine.entry_id                                 7H2T 
_refine.pdbx_diffrn_id                           1 
_refine.pdbx_TLS_residual_ADP_flag               ? 
_refine.ls_number_reflns_obs                     38932 
_refine.ls_number_reflns_all                     ? 
_refine.pdbx_ls_sigma_I                          ? 
_refine.pdbx_ls_sigma_F                          ? 
_refine.pdbx_data_cutoff_high_absF               ? 
_refine.pdbx_data_cutoff_low_absF                ? 
_refine.pdbx_data_cutoff_high_rms_absF           ? 
_refine.ls_d_res_low                             47.39 
_refine.ls_d_res_high                            1.25 
_refine.ls_percent_reflns_obs                    95.26 
_refine.ls_R_factor_obs                          0.22426 
_refine.ls_R_factor_all                          ? 
_refine.ls_R_factor_R_work                       0.22237 
_refine.ls_R_factor_R_free                       0.25849 
_refine.ls_R_factor_R_free_error                 ? 
_refine.ls_R_factor_R_free_error_details         ? 
_refine.ls_percent_reflns_R_free                 5.0 
_refine.ls_number_reflns_R_free                  2049 
_refine.ls_number_parameters                     ? 
_refine.ls_number_restraints                     ? 
_refine.occupancy_min                            ? 
_refine.occupancy_max                            ? 
_refine.correlation_coeff_Fo_to_Fc               0.951 
_refine.correlation_coeff_Fo_to_Fc_free          0.922 
_refine.B_iso_mean                               24.136 
_refine.aniso_B[1][1]                            -0.22 
_refine.aniso_B[2][2]                            0.72 
_refine.aniso_B[3][3]                            -0.46 
_refine.aniso_B[1][2]                            0.00 
_refine.aniso_B[1][3]                            -0.18 
_refine.aniso_B[2][3]                            0.00 
_refine.solvent_model_details                    MASK 
_refine.solvent_model_param_ksol                 ? 
_refine.solvent_model_param_bsol                 ? 
_refine.pdbx_solvent_vdw_probe_radii             1.20 
_refine.pdbx_solvent_ion_probe_radii             0.80 
_refine.pdbx_solvent_shrinkage_radii             0.80 
_refine.pdbx_ls_cross_valid_method               THROUGHOUT 
_refine.details                                  'HYDROGENS HAVE BEEN ADDED IN THE RIDING POSITIONS' 
_refine.pdbx_starting_model                      ? 
_refine.pdbx_method_to_determine_struct          'MOLECULAR REPLACEMENT' 
_refine.pdbx_isotropic_thermal_model             ? 
_refine.pdbx_stereochemistry_target_values       'MAXIMUM LIKELIHOOD' 
_refine.pdbx_stereochem_target_val_spec_case     ? 
_refine.pdbx_R_Free_selection_details            RANDOM 
_refine.pdbx_overall_ESU_R                       0.062 
_refine.pdbx_overall_ESU_R_Free                  0.066 
_refine.overall_SU_ML                            ? 
_refine.pdbx_overall_phase_error                 ? 
_refine.overall_SU_B                             ? 
_refine.overall_SU_R_Cruickshank_DPI             ? 
_refine.pdbx_overall_SU_R_free_Cruickshank_DPI   ? 
_refine.pdbx_overall_SU_R_Blow_DPI               ? 
_refine.pdbx_overall_SU_R_free_Blow_DPI          ? 
# 
_refine_hist.pdbx_refine_id                   'X-RAY DIFFRACTION' 
_refine_hist.cycle_id                         1 
_refine_hist.pdbx_number_atoms_protein        1083 
_refine_hist.pdbx_number_atoms_nucleic_acid   0 
_refine_hist.pdbx_number_atoms_ligand         52 
_refine_hist.number_atoms_solvent             233 
_refine_hist.number_atoms_total               1368 
_refine_hist.d_res_high                       1.25 
_refine_hist.d_res_low                        47.39 
# 
loop_
_refine_ls_restr.type 
_refine_ls_restr.dev_ideal 
_refine_ls_restr.dev_ideal_target 
_refine_ls_restr.weight 
_refine_ls_restr.number 
_refine_ls_restr.pdbx_refine_id 
_refine_ls_restr.pdbx_restraint_function 
r_bond_refined_d             0.013  0.013  ? 1426 'X-RAY DIFFRACTION' ? 
r_bond_other_d               0.035  0.014  ? 1162 'X-RAY DIFFRACTION' ? 
r_angle_refined_deg          2.349  1.640  ? 1786 'X-RAY DIFFRACTION' ? 
r_angle_other_deg            2.436  1.650  ? 2666 'X-RAY DIFFRACTION' ? 
r_dihedral_angle_1_deg       6.763  5.000  ? 163  'X-RAY DIFFRACTION' ? 
r_dihedral_angle_2_deg       31.050 20.423 ? 71   'X-RAY DIFFRACTION' ? 
r_dihedral_angle_3_deg       13.107 15.000 ? 184  'X-RAY DIFFRACTION' ? 
r_dihedral_angle_4_deg       22.240 15.000 ? 12   'X-RAY DIFFRACTION' ? 
r_chiral_restr               0.086  0.200  ? 149  'X-RAY DIFFRACTION' ? 
r_gen_planes_refined         0.015  0.020  ? 1714 'X-RAY DIFFRACTION' ? 
r_gen_planes_other           0.026  0.020  ? 338  'X-RAY DIFFRACTION' ? 
r_nbd_refined                ?      ?      ? ?    'X-RAY DIFFRACTION' ? 
r_nbd_other                  ?      ?      ? ?    'X-RAY DIFFRACTION' ? 
r_nbtor_refined              ?      ?      ? ?    'X-RAY DIFFRACTION' ? 
r_nbtor_other                ?      ?      ? ?    'X-RAY DIFFRACTION' ? 
r_xyhbond_nbd_refined        ?      ?      ? ?    'X-RAY DIFFRACTION' ? 
r_xyhbond_nbd_other          ?      ?      ? ?    'X-RAY DIFFRACTION' ? 
r_metal_ion_refined          ?      ?      ? ?    'X-RAY DIFFRACTION' ? 
r_metal_ion_other            ?      ?      ? ?    'X-RAY DIFFRACTION' ? 
r_symmetry_vdw_refined       ?      ?      ? ?    'X-RAY DIFFRACTION' ? 
r_symmetry_vdw_other         ?      ?      ? ?    'X-RAY DIFFRACTION' ? 
r_symmetry_hbond_refined     ?      ?      ? ?    'X-RAY DIFFRACTION' ? 
r_symmetry_hbond_other       ?      ?      ? ?    'X-RAY DIFFRACTION' ? 
r_symmetry_metal_ion_refined ?      ?      ? ?    'X-RAY DIFFRACTION' ? 
r_symmetry_metal_ion_other   ?      ?      ? ?    'X-RAY DIFFRACTION' ? 
r_mcbond_it                  1.789  2.228  ? 678  'X-RAY DIFFRACTION' ? 
r_mcbond_other               1.816  2.164  ? 650  'X-RAY DIFFRACTION' ? 
r_mcangle_it                 2.668  3.248  ? 797  'X-RAY DIFFRACTION' ? 
r_mcangle_other              2.667  3.247  ? 798  'X-RAY DIFFRACTION' ? 
r_scbond_it                  2.411  2.569  ? 745  'X-RAY DIFFRACTION' ? 
r_scbond_other               2.403  2.572  ? 745  'X-RAY DIFFRACTION' ? 
r_scangle_it                 ?      ?      ? ?    'X-RAY DIFFRACTION' ? 
r_scangle_other              3.550  3.684  ? 984  'X-RAY DIFFRACTION' ? 
r_long_range_B_refined       7.754  29.464 ? 1579 'X-RAY DIFFRACTION' ? 
r_long_range_B_other         7.753  29.512 ? 1580 'X-RAY DIFFRACTION' ? 
r_rigid_bond_restr           ?      ?      ? ?    'X-RAY DIFFRACTION' ? 
r_sphericity_free            ?      ?      ? ?    'X-RAY DIFFRACTION' ? 
r_sphericity_bonded          ?      ?      ? ?    'X-RAY DIFFRACTION' ? 
# 
_refine_ls_shell.pdbx_refine_id                   'X-RAY DIFFRACTION' 
_refine_ls_shell.pdbx_total_number_of_bins_used   20 
_refine_ls_shell.d_res_high                       1.249 
_refine_ls_shell.d_res_low                        1.282 
_refine_ls_shell.number_reflns_R_work             2146 
_refine_ls_shell.R_factor_R_work                  0.770 
_refine_ls_shell.percent_reflns_obs               72.27 
_refine_ls_shell.R_factor_R_free                  0.816 
_refine_ls_shell.R_factor_R_free_error            ? 
_refine_ls_shell.percent_reflns_R_free            ? 
_refine_ls_shell.number_reflns_R_free             134 
_refine_ls_shell.number_reflns_all                ? 
_refine_ls_shell.R_factor_all                     ? 
_refine_ls_shell.R_factor_obs                     ? 
_refine_ls_shell.number_reflns_obs                ? 
# 
_struct.entry_id                  7H2T 
_struct.title                     
;Group deposition for crystallographic fragment screening of Coxsackievirus A16 (G-10) 2A protease -- Crystal structure of Coxsackievirus A16 (G-10) 2A protease in complex with Z31602870 (A71EV2A-x0152)
;
_struct.pdbx_model_details        ? 
_struct.pdbx_CASP_flag            ? 
_struct.pdbx_model_type_details   ? 
# 
_struct_keywords.entry_id        7H2T 
_struct_keywords.pdbx_keywords   HYDROLASE 
_struct_keywords.text            
;Diamond Light Source, I03, ASAP, Coxsackievirus A16, crystallographic fragment screening, PanDDA, Pandda2, XChemExplorer, viral protein, HYDROLASE
;
# 
loop_
_struct_asym.id 
_struct_asym.pdbx_blank_PDB_chainid_flag 
_struct_asym.pdbx_modified 
_struct_asym.entity_id 
_struct_asym.details 
A N N 1 ? 
B N N 2 ? 
C N N 2 ? 
D N N 3 ? 
E N N 4 ? 
F N N 4 ? 
G N N 4 ? 
H N N 5 ? 
I N N 6 ? 
# 
_struct_ref.id                         1 
_struct_ref.db_name                    UNP 
_struct_ref.db_code                    POLG_CX16G 
_struct_ref.pdbx_db_accession          Q65900 
_struct_ref.pdbx_db_isoform            ? 
_struct_ref.entity_id                  1 
_struct_ref.pdbx_seq_one_letter_code   
;SGAIYVGNYRVVNRHLATHNDWANLVWEDSSRDLLVSSTTAQGCDTIARCDCQTGVYYCSSRRKHYPVSFSKPSLIFVEA
SEYYPARYQSHLMLAVGHSEPGDCGGILRCQHGVVGIVSTGGNGLVGFADVRDLLWLDEEAMEQ
;
_struct_ref.pdbx_align_begin           869 
# 
_struct_ref_seq.align_id                      1 
_struct_ref_seq.ref_id                        1 
_struct_ref_seq.pdbx_PDB_id_code              7H2T 
_struct_ref_seq.pdbx_strand_id                A 
_struct_ref_seq.seq_align_beg                 7 
_struct_ref_seq.pdbx_seq_align_beg_ins_code   ? 
_struct_ref_seq.seq_align_end                 150 
_struct_ref_seq.pdbx_seq_align_end_ins_code   ? 
_struct_ref_seq.pdbx_db_accession             Q65900 
_struct_ref_seq.db_align_beg                  869 
_struct_ref_seq.pdbx_db_align_beg_ins_code    ? 
_struct_ref_seq.db_align_end                  1012 
_struct_ref_seq.pdbx_db_align_end_ins_code    ? 
_struct_ref_seq.pdbx_auth_seq_align_beg       7 
_struct_ref_seq.pdbx_auth_seq_align_end       150 
# 
loop_
_struct_ref_seq_dif.align_id 
_struct_ref_seq_dif.pdbx_pdb_id_code 
_struct_ref_seq_dif.mon_id 
_struct_ref_seq_dif.pdbx_pdb_strand_id 
_struct_ref_seq_dif.seq_num 
_struct_ref_seq_dif.pdbx_pdb_ins_code 
_struct_ref_seq_dif.pdbx_seq_db_name 
_struct_ref_seq_dif.pdbx_seq_db_accession_code 
_struct_ref_seq_dif.db_mon_id 
_struct_ref_seq_dif.pdbx_seq_db_seq_num 
_struct_ref_seq_dif.details 
_struct_ref_seq_dif.pdbx_auth_seq_num 
_struct_ref_seq_dif.pdbx_ordinal 
1 7H2T GLN A 1 ? UNP Q65900 ? ? 'expression tag' 1 1 
1 7H2T GLU A 2 ? UNP Q65900 ? ? 'expression tag' 2 2 
1 7H2T GLN A 3 ? UNP Q65900 ? ? 'expression tag' 3 3 
1 7H2T THR A 4 ? UNP Q65900 ? ? 'expression tag' 4 4 
1 7H2T GLY A 5 ? UNP Q65900 ? ? 'expression tag' 5 5 
1 7H2T GLY A 6 ? UNP Q65900 ? ? 'expression tag' 6 6 
# 
_pdbx_struct_assembly.id                   1 
_pdbx_struct_assembly.details              author_and_software_defined_assembly 
_pdbx_struct_assembly.method_details       PISA 
_pdbx_struct_assembly.oligomeric_details   monomeric 
_pdbx_struct_assembly.oligomeric_count     1 
# 
loop_
_pdbx_struct_assembly_prop.biol_id 
_pdbx_struct_assembly_prop.type 
_pdbx_struct_assembly_prop.value 
_pdbx_struct_assembly_prop.details 
1 'ABSA (A^2)' 560  ? 
1 MORE         -7   ? 
1 'SSA (A^2)'  7420 ? 
# 
_pdbx_struct_assembly_gen.assembly_id       1 
_pdbx_struct_assembly_gen.oper_expression   1 
_pdbx_struct_assembly_gen.asym_id_list      A,B,C,D,E,F,G,H,I 
# 
_pdbx_struct_oper_list.id                   1 
_pdbx_struct_oper_list.type                 'identity operation' 
_pdbx_struct_oper_list.name                 1_555 
_pdbx_struct_oper_list.symmetry_operation   x,y,z 
_pdbx_struct_oper_list.matrix[1][1]         1.0000000000 
_pdbx_struct_oper_list.matrix[1][2]         0.0000000000 
_pdbx_struct_oper_list.matrix[1][3]         0.0000000000 
_pdbx_struct_oper_list.vector[1]            0.0000000000 
_pdbx_struct_oper_list.matrix[2][1]         0.0000000000 
_pdbx_struct_oper_list.matrix[2][2]         1.0000000000 
_pdbx_struct_oper_list.matrix[2][3]         0.0000000000 
_pdbx_struct_oper_list.vector[2]            0.0000000000 
_pdbx_struct_oper_list.matrix[3][1]         0.0000000000 
_pdbx_struct_oper_list.matrix[3][2]         0.0000000000 
_pdbx_struct_oper_list.matrix[3][3]         1.0000000000 
_pdbx_struct_oper_list.vector[3]            0.0000000000 
# 
loop_
_struct_conf.conf_type_id 
_struct_conf.id 
_struct_conf.pdbx_PDB_helix_id 
_struct_conf.beg_label_comp_id 
_struct_conf.beg_label_asym_id 
_struct_conf.beg_label_seq_id 
_struct_conf.pdbx_beg_PDB_ins_code 
_struct_conf.end_label_comp_id 
_struct_conf.end_label_asym_id 
_struct_conf.end_label_seq_id 
_struct_conf.pdbx_end_PDB_ins_code 
_struct_conf.beg_auth_comp_id 
_struct_conf.beg_auth_asym_id 
_struct_conf.beg_auth_seq_id 
_struct_conf.end_auth_comp_id 
_struct_conf.end_auth_asym_id 
_struct_conf.end_auth_seq_id 
_struct_conf.pdbx_PDB_helix_class 
_struct_conf.details 
_struct_conf.pdbx_PDB_helix_length 
HELX_P HELX_P1 AA1 HIS A 21  ? ALA A 23  ? HIS A 21  ALA A 23  5 ? 3 
HELX_P HELX_P2 AA2 THR A 24  ? ASN A 30  ? THR A 24  ASN A 30  1 ? 7 
HELX_P HELX_P3 AA3 SER A 66  ? ARG A 69  ? SER A 66  ARG A 69  5 ? 4 
HELX_P HELX_P4 AA4 GLU A 106 ? CYS A 110 ? GLU A 106 CYS A 110 5 ? 5 
HELX_P HELX_P5 AA5 LEU A 140 ? GLU A 145 ? LEU A 140 GLU A 145 5 ? 6 
# 
_struct_conf_type.id          HELX_P 
_struct_conf_type.criteria    ? 
_struct_conf_type.reference   ? 
# 
loop_
_struct_conn.id 
_struct_conn.conn_type_id 
_struct_conn.pdbx_leaving_atom_flag 
_struct_conn.pdbx_PDB_id 
_struct_conn.ptnr1_label_asym_id 
_struct_conn.ptnr1_label_comp_id 
_struct_conn.ptnr1_label_seq_id 
_struct_conn.ptnr1_label_atom_id 
_struct_conn.pdbx_ptnr1_label_alt_id 
_struct_conn.pdbx_ptnr1_PDB_ins_code 
_struct_conn.pdbx_ptnr1_standard_comp_id 
_struct_conn.ptnr1_symmetry 
_struct_conn.ptnr2_label_asym_id 
_struct_conn.ptnr2_label_comp_id 
_struct_conn.ptnr2_label_seq_id 
_struct_conn.ptnr2_label_atom_id 
_struct_conn.pdbx_ptnr2_label_alt_id 
_struct_conn.pdbx_ptnr2_PDB_ins_code 
_struct_conn.ptnr1_auth_asym_id 
_struct_conn.ptnr1_auth_comp_id 
_struct_conn.ptnr1_auth_seq_id 
_struct_conn.ptnr2_auth_asym_id 
_struct_conn.ptnr2_auth_comp_id 
_struct_conn.ptnr2_auth_seq_id 
_struct_conn.ptnr2_symmetry 
_struct_conn.pdbx_ptnr3_label_atom_id 
_struct_conn.pdbx_ptnr3_label_seq_id 
_struct_conn.pdbx_ptnr3_label_comp_id 
_struct_conn.pdbx_ptnr3_label_asym_id 
_struct_conn.pdbx_ptnr3_label_alt_id 
_struct_conn.pdbx_ptnr3_PDB_ins_code 
_struct_conn.details 
_struct_conn.pdbx_dist_value 
_struct_conn.pdbx_value_order 
_struct_conn.pdbx_role 
metalc1 metalc ? ? A CYS 56  SG  ? ? ? 1_555 D ZN . ZN ? ? A CYS 56  A ZN 203 1_555 ? ? ? ? ? ? ? 2.357 ? ? 
metalc2 metalc ? ? A CYS 58  SG  ? ? ? 1_555 D ZN . ZN ? ? A CYS 58  A ZN 203 1_555 ? ? ? ? ? ? ? 2.296 ? ? 
metalc3 metalc ? ? A CYS 116 SG  ? ? ? 1_555 D ZN . ZN ? ? A CYS 116 A ZN 203 1_555 ? ? ? ? ? ? ? 2.281 ? ? 
metalc4 metalc ? ? A HIS 118 ND1 ? ? ? 1_555 D ZN . ZN ? ? A HIS 118 A ZN 203 1_555 ? ? ? ? ? ? ? 2.098 ? ? 
# 
_struct_conn_type.id          metalc 
_struct_conn_type.criteria    ? 
_struct_conn_type.reference   ? 
# 
loop_
_pdbx_struct_conn_angle.id 
_pdbx_struct_conn_angle.ptnr1_label_atom_id 
_pdbx_struct_conn_angle.ptnr1_label_alt_id 
_pdbx_struct_conn_angle.ptnr1_label_asym_id 
_pdbx_struct_conn_angle.ptnr1_label_comp_id 
_pdbx_struct_conn_angle.ptnr1_label_seq_id 
_pdbx_struct_conn_angle.ptnr1_auth_atom_id 
_pdbx_struct_conn_angle.ptnr1_auth_asym_id 
_pdbx_struct_conn_angle.ptnr1_auth_comp_id 
_pdbx_struct_conn_angle.ptnr1_auth_seq_id 
_pdbx_struct_conn_angle.ptnr1_PDB_ins_code 
_pdbx_struct_conn_angle.ptnr1_symmetry 
_pdbx_struct_conn_angle.ptnr2_label_atom_id 
_pdbx_struct_conn_angle.ptnr2_label_alt_id 
_pdbx_struct_conn_angle.ptnr2_label_asym_id 
_pdbx_struct_conn_angle.ptnr2_label_comp_id 
_pdbx_struct_conn_angle.ptnr2_label_seq_id 
_pdbx_struct_conn_angle.ptnr2_auth_atom_id 
_pdbx_struct_conn_angle.ptnr2_auth_asym_id 
_pdbx_struct_conn_angle.ptnr2_auth_comp_id 
_pdbx_struct_conn_angle.ptnr2_auth_seq_id 
_pdbx_struct_conn_angle.ptnr2_PDB_ins_code 
_pdbx_struct_conn_angle.ptnr2_symmetry 
_pdbx_struct_conn_angle.ptnr3_label_atom_id 
_pdbx_struct_conn_angle.ptnr3_label_alt_id 
_pdbx_struct_conn_angle.ptnr3_label_asym_id 
_pdbx_struct_conn_angle.ptnr3_label_comp_id 
_pdbx_struct_conn_angle.ptnr3_label_seq_id 
_pdbx_struct_conn_angle.ptnr3_auth_atom_id 
_pdbx_struct_conn_angle.ptnr3_auth_asym_id 
_pdbx_struct_conn_angle.ptnr3_auth_comp_id 
_pdbx_struct_conn_angle.ptnr3_auth_seq_id 
_pdbx_struct_conn_angle.ptnr3_PDB_ins_code 
_pdbx_struct_conn_angle.ptnr3_symmetry 
_pdbx_struct_conn_angle.value 
_pdbx_struct_conn_angle.value_esd 
1 SG ? A CYS 56  ? A CYS 56  ? 1_555 ZN ? D ZN . ? A ZN 203 ? 1_555 SG  ? A CYS 58  ? A CYS 58  ? 1_555 109.5 ? 
2 SG ? A CYS 56  ? A CYS 56  ? 1_555 ZN ? D ZN . ? A ZN 203 ? 1_555 SG  ? A CYS 116 ? A CYS 116 ? 1_555 106.5 ? 
3 SG ? A CYS 58  ? A CYS 58  ? 1_555 ZN ? D ZN . ? A ZN 203 ? 1_555 SG  ? A CYS 116 ? A CYS 116 ? 1_555 118.4 ? 
4 SG ? A CYS 56  ? A CYS 56  ? 1_555 ZN ? D ZN . ? A ZN 203 ? 1_555 ND1 ? A HIS 118 ? A HIS 118 ? 1_555 107.4 ? 
5 SG ? A CYS 58  ? A CYS 58  ? 1_555 ZN ? D ZN . ? A ZN 203 ? 1_555 ND1 ? A HIS 118 ? A HIS 118 ? 1_555 99.4  ? 
6 SG ? A CYS 116 ? A CYS 116 ? 1_555 ZN ? D ZN . ? A ZN 203 ? 1_555 ND1 ? A HIS 118 ? A HIS 118 ? 1_555 115.1 ? 
# 
loop_
_struct_sheet.id 
_struct_sheet.type 
_struct_sheet.number_strands 
_struct_sheet.details 
AA1 ? 3 ? 
AA2 ? 7 ? 
# 
loop_
_struct_sheet_order.sheet_id 
_struct_sheet_order.range_id_1 
_struct_sheet_order.range_id_2 
_struct_sheet_order.offset 
_struct_sheet_order.sense 
AA1 1 2 ? anti-parallel 
AA1 2 3 ? anti-parallel 
AA2 1 2 ? anti-parallel 
AA2 2 3 ? anti-parallel 
AA2 3 4 ? anti-parallel 
AA2 4 5 ? anti-parallel 
AA2 5 6 ? anti-parallel 
AA2 6 7 ? anti-parallel 
# 
loop_
_struct_sheet_range.sheet_id 
_struct_sheet_range.id 
_struct_sheet_range.beg_label_comp_id 
_struct_sheet_range.beg_label_asym_id 
_struct_sheet_range.beg_label_seq_id 
_struct_sheet_range.pdbx_beg_PDB_ins_code 
_struct_sheet_range.end_label_comp_id 
_struct_sheet_range.end_label_asym_id 
_struct_sheet_range.end_label_seq_id 
_struct_sheet_range.pdbx_end_PDB_ins_code 
_struct_sheet_range.beg_auth_comp_id 
_struct_sheet_range.beg_auth_asym_id 
_struct_sheet_range.beg_auth_seq_id 
_struct_sheet_range.end_auth_comp_id 
_struct_sheet_range.end_auth_asym_id 
_struct_sheet_range.end_auth_seq_id 
AA1 1 LEU A 31  ? ASP A 35  ? LEU A 31  ASP A 35  
AA1 2 LEU A 40  ? CYS A 50  ? LEU A 40  CYS A 50  
AA1 3 ILE A 10  ? ASN A 19  ? ILE A 10  ASN A 19  
AA2 1 LYS A 70  ? SER A 75  ? LYS A 70  SER A 75  
AA2 2 THR A 60  ? CYS A 65  ? THR A 60  CYS A 65  
AA2 3 ILE A 113 ? CYS A 116 ? ILE A 113 CYS A 116 
AA2 4 GLY A 119 ? THR A 126 ? GLY A 119 THR A 126 
AA2 5 LEU A 131 ? ASP A 136 ? LEU A 131 ASP A 136 
AA2 6 ARG A 93  ? VAL A 102 ? ARG A 93  VAL A 102 
AA2 7 SER A 80  ? VAL A 84  ? SER A 80  VAL A 84  
# 
loop_
_pdbx_struct_sheet_hbond.sheet_id 
_pdbx_struct_sheet_hbond.range_id_1 
_pdbx_struct_sheet_hbond.range_id_2 
_pdbx_struct_sheet_hbond.range_1_label_atom_id 
_pdbx_struct_sheet_hbond.range_1_label_comp_id 
_pdbx_struct_sheet_hbond.range_1_label_asym_id 
_pdbx_struct_sheet_hbond.range_1_label_seq_id 
_pdbx_struct_sheet_hbond.range_1_PDB_ins_code 
_pdbx_struct_sheet_hbond.range_1_auth_atom_id 
_pdbx_struct_sheet_hbond.range_1_auth_comp_id 
_pdbx_struct_sheet_hbond.range_1_auth_asym_id 
_pdbx_struct_sheet_hbond.range_1_auth_seq_id 
_pdbx_struct_sheet_hbond.range_2_label_atom_id 
_pdbx_struct_sheet_hbond.range_2_label_comp_id 
_pdbx_struct_sheet_hbond.range_2_label_asym_id 
_pdbx_struct_sheet_hbond.range_2_label_seq_id 
_pdbx_struct_sheet_hbond.range_2_PDB_ins_code 
_pdbx_struct_sheet_hbond.range_2_auth_atom_id 
_pdbx_struct_sheet_hbond.range_2_auth_comp_id 
_pdbx_struct_sheet_hbond.range_2_auth_asym_id 
_pdbx_struct_sheet_hbond.range_2_auth_seq_id 
AA1 1 2 N VAL A 32  ? N VAL A 32  O VAL A 42  ? O VAL A 42  
AA1 2 3 N LEU A 41  ? N LEU A 41  O VAL A 18  ? O VAL A 18  
AA2 1 2 O LYS A 70  ? O LYS A 70  N CYS A 65  ? N CYS A 65  
AA2 2 3 N VAL A 62  ? N VAL A 62  O ARG A 115 ? O ARG A 115 
AA2 3 4 N LEU A 114 ? N LEU A 114 O VAL A 121 ? O VAL A 121 
AA2 4 5 N SER A 125 ? N SER A 125 O GLY A 133 ? O GLY A 133 
AA2 5 6 O VAL A 132 ? O VAL A 132 N ALA A 101 ? N ALA A 101 
AA2 6 7 O ARG A 93  ? O ARG A 93  N VAL A 84  ? N VAL A 84  
# 
_pdbx_entry_details.entry_id                   7H2T 
_pdbx_entry_details.compound_details           ? 
_pdbx_entry_details.source_details             ? 
_pdbx_entry_details.nonpolymer_details         ? 
_pdbx_entry_details.sequence_details           ? 
_pdbx_entry_details.has_ligand_of_interest     ? 
_pdbx_entry_details.has_protein_modification   N 
# 
loop_
_pdbx_validate_close_contact.id 
_pdbx_validate_close_contact.PDB_model_num 
_pdbx_validate_close_contact.auth_atom_id_1 
_pdbx_validate_close_contact.auth_asym_id_1 
_pdbx_validate_close_contact.auth_comp_id_1 
_pdbx_validate_close_contact.auth_seq_id_1 
_pdbx_validate_close_contact.PDB_ins_code_1 
_pdbx_validate_close_contact.label_alt_id_1 
_pdbx_validate_close_contact.auth_atom_id_2 
_pdbx_validate_close_contact.auth_asym_id_2 
_pdbx_validate_close_contact.auth_comp_id_2 
_pdbx_validate_close_contact.auth_seq_id_2 
_pdbx_validate_close_contact.PDB_ins_code_2 
_pdbx_validate_close_contact.label_alt_id_2 
_pdbx_validate_close_contact.dist 
1 1 N14 A TEH 202 ? ? O   A HOH 301 ? ? 1.67 
2 1 C13 A TEH 202 ? ? O   A HOH 301 ? ? 1.70 
3 1 C01 A TEH 202 ? ? O   A HOH 410 ? ? 1.87 
4 1 C02 A TEH 202 ? ? O   A HOH 410 ? ? 1.93 
5 1 O   A SER 7   ? ? C02 A TEH 202 ? ? 1.96 
6 1 O   A SER 7   ? ? C03 A TEH 202 ? ? 1.99 
7 1 O   A HOH 392 ? ? O   A HOH 491 ? ? 2.04 
8 1 O   A HOH 349 ? ? O   A HOH 452 ? ? 2.05 
9 1 C15 A TEH 202 ? ? O   A HOH 301 ? ? 2.19 
# 
loop_
_pdbx_validate_symm_contact.id 
_pdbx_validate_symm_contact.PDB_model_num 
_pdbx_validate_symm_contact.auth_atom_id_1 
_pdbx_validate_symm_contact.auth_asym_id_1 
_pdbx_validate_symm_contact.auth_comp_id_1 
_pdbx_validate_symm_contact.auth_seq_id_1 
_pdbx_validate_symm_contact.PDB_ins_code_1 
_pdbx_validate_symm_contact.label_alt_id_1 
_pdbx_validate_symm_contact.site_symmetry_1 
_pdbx_validate_symm_contact.auth_atom_id_2 
_pdbx_validate_symm_contact.auth_asym_id_2 
_pdbx_validate_symm_contact.auth_comp_id_2 
_pdbx_validate_symm_contact.auth_seq_id_2 
_pdbx_validate_symm_contact.PDB_ins_code_2 
_pdbx_validate_symm_contact.label_alt_id_2 
_pdbx_validate_symm_contact.site_symmetry_2 
_pdbx_validate_symm_contact.dist 
1 1 O3 A SO4 207 ? ? 1_555 O3 A SO4 207 ? ? 2_556 1.06 
2 1 S  A SO4 207 ? ? 1_555 O3 A SO4 207 ? ? 2_556 1.21 
3 1 O3 A SO4 207 ? ? 1_555 O4 A SO4 207 ? ? 2_556 1.41 
4 1 S  A SO4 207 ? ? 1_555 S  A SO4 207 ? ? 2_556 2.16 
# 
_pdbx_validate_rmsd_angle.id                         1 
_pdbx_validate_rmsd_angle.PDB_model_num              1 
_pdbx_validate_rmsd_angle.auth_atom_id_1             NE 
_pdbx_validate_rmsd_angle.auth_asym_id_1             A 
_pdbx_validate_rmsd_angle.auth_comp_id_1             ARG 
_pdbx_validate_rmsd_angle.auth_seq_id_1              115 
_pdbx_validate_rmsd_angle.PDB_ins_code_1             ? 
_pdbx_validate_rmsd_angle.label_alt_id_1             ? 
_pdbx_validate_rmsd_angle.auth_atom_id_2             CZ 
_pdbx_validate_rmsd_angle.auth_asym_id_2             A 
_pdbx_validate_rmsd_angle.auth_comp_id_2             ARG 
_pdbx_validate_rmsd_angle.auth_seq_id_2              115 
_pdbx_validate_rmsd_angle.PDB_ins_code_2             ? 
_pdbx_validate_rmsd_angle.label_alt_id_2             ? 
_pdbx_validate_rmsd_angle.auth_atom_id_3             NH2 
_pdbx_validate_rmsd_angle.auth_asym_id_3             A 
_pdbx_validate_rmsd_angle.auth_comp_id_3             ARG 
_pdbx_validate_rmsd_angle.auth_seq_id_3              115 
_pdbx_validate_rmsd_angle.PDB_ins_code_3             ? 
_pdbx_validate_rmsd_angle.label_alt_id_3             ? 
_pdbx_validate_rmsd_angle.angle_value                115.25 
_pdbx_validate_rmsd_angle.angle_target_value         120.30 
_pdbx_validate_rmsd_angle.angle_deviation            -5.05 
_pdbx_validate_rmsd_angle.angle_standard_deviation   0.50 
_pdbx_validate_rmsd_angle.linker_flag                N 
# 
loop_
_pdbx_validate_torsion.id 
_pdbx_validate_torsion.PDB_model_num 
_pdbx_validate_torsion.auth_comp_id 
_pdbx_validate_torsion.auth_asym_id 
_pdbx_validate_torsion.auth_seq_id 
_pdbx_validate_torsion.PDB_ins_code 
_pdbx_validate_torsion.label_alt_id 
_pdbx_validate_torsion.phi 
_pdbx_validate_torsion.psi 
1 1 SER A 67  ? ? -69.95  0.18   
2 1 SER A 125 ? ? -135.02 -31.51 
# 
_pdbx_distant_solvent_atoms.id                                1 
_pdbx_distant_solvent_atoms.PDB_model_num                     1 
_pdbx_distant_solvent_atoms.auth_atom_id                      O 
_pdbx_distant_solvent_atoms.label_alt_id                      ? 
_pdbx_distant_solvent_atoms.auth_asym_id                      A 
_pdbx_distant_solvent_atoms.auth_comp_id                      HOH 
_pdbx_distant_solvent_atoms.auth_seq_id                       533 
_pdbx_distant_solvent_atoms.PDB_ins_code                      ? 
_pdbx_distant_solvent_atoms.neighbor_macromolecule_distance   7.73 
_pdbx_distant_solvent_atoms.neighbor_ligand_distance          . 
# 
loop_
_pdbx_unobs_or_zero_occ_residues.id 
_pdbx_unobs_or_zero_occ_residues.PDB_model_num 
_pdbx_unobs_or_zero_occ_residues.polymer_flag 
_pdbx_unobs_or_zero_occ_residues.occupancy_flag 
_pdbx_unobs_or_zero_occ_residues.auth_asym_id 
_pdbx_unobs_or_zero_occ_residues.auth_comp_id 
_pdbx_unobs_or_zero_occ_residues.auth_seq_id 
_pdbx_unobs_or_zero_occ_residues.PDB_ins_code 
_pdbx_unobs_or_zero_occ_residues.label_asym_id 
_pdbx_unobs_or_zero_occ_residues.label_comp_id 
_pdbx_unobs_or_zero_occ_residues.label_seq_id 
1  1 Y 1 A GLN 1   ? A GLN 1   
2  1 Y 1 A GLU 2   ? A GLU 2   
3  1 Y 1 A GLN 3   ? A GLN 3   
4  1 Y 1 A THR 4   ? A THR 4   
5  1 Y 1 A GLY 5   ? A GLY 5   
6  1 Y 1 A GLY 6   ? A GLY 6   
7  1 Y 1 A ALA 147 ? A ALA 147 
8  1 Y 1 A MET 148 ? A MET 148 
9  1 Y 1 A GLU 149 ? A GLU 149 
10 1 Y 1 A GLN 150 ? A GLN 150 
# 
loop_
_chem_comp_atom.comp_id 
_chem_comp_atom.atom_id 
_chem_comp_atom.type_symbol 
_chem_comp_atom.pdbx_aromatic_flag 
_chem_comp_atom.pdbx_stereo_config 
_chem_comp_atom.pdbx_ordinal 
ALA N    N  N N 1   
ALA CA   C  N S 2   
ALA C    C  N N 3   
ALA O    O  N N 4   
ALA CB   C  N N 5   
ALA OXT  O  N N 6   
ALA H    H  N N 7   
ALA H2   H  N N 8   
ALA HA   H  N N 9   
ALA HB1  H  N N 10  
ALA HB2  H  N N 11  
ALA HB3  H  N N 12  
ALA HXT  H  N N 13  
ARG N    N  N N 14  
ARG CA   C  N S 15  
ARG C    C  N N 16  
ARG O    O  N N 17  
ARG CB   C  N N 18  
ARG CG   C  N N 19  
ARG CD   C  N N 20  
ARG NE   N  N N 21  
ARG CZ   C  N N 22  
ARG NH1  N  N N 23  
ARG NH2  N  N N 24  
ARG OXT  O  N N 25  
ARG H    H  N N 26  
ARG H2   H  N N 27  
ARG HA   H  N N 28  
ARG HB2  H  N N 29  
ARG HB3  H  N N 30  
ARG HG2  H  N N 31  
ARG HG3  H  N N 32  
ARG HD2  H  N N 33  
ARG HD3  H  N N 34  
ARG HE   H  N N 35  
ARG HH11 H  N N 36  
ARG HH12 H  N N 37  
ARG HH21 H  N N 38  
ARG HH22 H  N N 39  
ARG HXT  H  N N 40  
ASN N    N  N N 41  
ASN CA   C  N S 42  
ASN C    C  N N 43  
ASN O    O  N N 44  
ASN CB   C  N N 45  
ASN CG   C  N N 46  
ASN OD1  O  N N 47  
ASN ND2  N  N N 48  
ASN OXT  O  N N 49  
ASN H    H  N N 50  
ASN H2   H  N N 51  
ASN HA   H  N N 52  
ASN HB2  H  N N 53  
ASN HB3  H  N N 54  
ASN HD21 H  N N 55  
ASN HD22 H  N N 56  
ASN HXT  H  N N 57  
ASP N    N  N N 58  
ASP CA   C  N S 59  
ASP C    C  N N 60  
ASP O    O  N N 61  
ASP CB   C  N N 62  
ASP CG   C  N N 63  
ASP OD1  O  N N 64  
ASP OD2  O  N N 65  
ASP OXT  O  N N 66  
ASP H    H  N N 67  
ASP H2   H  N N 68  
ASP HA   H  N N 69  
ASP HB2  H  N N 70  
ASP HB3  H  N N 71  
ASP HD2  H  N N 72  
ASP HXT  H  N N 73  
CYS N    N  N N 74  
CYS CA   C  N R 75  
CYS C    C  N N 76  
CYS O    O  N N 77  
CYS CB   C  N N 78  
CYS SG   S  N N 79  
CYS OXT  O  N N 80  
CYS H    H  N N 81  
CYS H2   H  N N 82  
CYS HA   H  N N 83  
CYS HB2  H  N N 84  
CYS HB3  H  N N 85  
CYS HG   H  N N 86  
CYS HXT  H  N N 87  
DMS S    S  N N 88  
DMS O    O  N N 89  
DMS C1   C  N N 90  
DMS C2   C  N N 91  
DMS H11  H  N N 92  
DMS H12  H  N N 93  
DMS H13  H  N N 94  
DMS H21  H  N N 95  
DMS H22  H  N N 96  
DMS H23  H  N N 97  
GLN N    N  N N 98  
GLN CA   C  N S 99  
GLN C    C  N N 100 
GLN O    O  N N 101 
GLN CB   C  N N 102 
GLN CG   C  N N 103 
GLN CD   C  N N 104 
GLN OE1  O  N N 105 
GLN NE2  N  N N 106 
GLN OXT  O  N N 107 
GLN H    H  N N 108 
GLN H2   H  N N 109 
GLN HA   H  N N 110 
GLN HB2  H  N N 111 
GLN HB3  H  N N 112 
GLN HG2  H  N N 113 
GLN HG3  H  N N 114 
GLN HE21 H  N N 115 
GLN HE22 H  N N 116 
GLN HXT  H  N N 117 
GLU N    N  N N 118 
GLU CA   C  N S 119 
GLU C    C  N N 120 
GLU O    O  N N 121 
GLU CB   C  N N 122 
GLU CG   C  N N 123 
GLU CD   C  N N 124 
GLU OE1  O  N N 125 
GLU OE2  O  N N 126 
GLU OXT  O  N N 127 
GLU H    H  N N 128 
GLU H2   H  N N 129 
GLU HA   H  N N 130 
GLU HB2  H  N N 131 
GLU HB3  H  N N 132 
GLU HG2  H  N N 133 
GLU HG3  H  N N 134 
GLU HE2  H  N N 135 
GLU HXT  H  N N 136 
GLY N    N  N N 137 
GLY CA   C  N N 138 
GLY C    C  N N 139 
GLY O    O  N N 140 
GLY OXT  O  N N 141 
GLY H    H  N N 142 
GLY H2   H  N N 143 
GLY HA2  H  N N 144 
GLY HA3  H  N N 145 
GLY HXT  H  N N 146 
HIS N    N  N N 147 
HIS CA   C  N S 148 
HIS C    C  N N 149 
HIS O    O  N N 150 
HIS CB   C  N N 151 
HIS CG   C  Y N 152 
HIS ND1  N  Y N 153 
HIS CD2  C  Y N 154 
HIS CE1  C  Y N 155 
HIS NE2  N  Y N 156 
HIS OXT  O  N N 157 
HIS H    H  N N 158 
HIS H2   H  N N 159 
HIS HA   H  N N 160 
HIS HB2  H  N N 161 
HIS HB3  H  N N 162 
HIS HD1  H  N N 163 
HIS HD2  H  N N 164 
HIS HE1  H  N N 165 
HIS HE2  H  N N 166 
HIS HXT  H  N N 167 
HOH O    O  N N 168 
HOH H1   H  N N 169 
HOH H2   H  N N 170 
ILE N    N  N N 171 
ILE CA   C  N S 172 
ILE C    C  N N 173 
ILE O    O  N N 174 
ILE CB   C  N S 175 
ILE CG1  C  N N 176 
ILE CG2  C  N N 177 
ILE CD1  C  N N 178 
ILE OXT  O  N N 179 
ILE H    H  N N 180 
ILE H2   H  N N 181 
ILE HA   H  N N 182 
ILE HB   H  N N 183 
ILE HG12 H  N N 184 
ILE HG13 H  N N 185 
ILE HG21 H  N N 186 
ILE HG22 H  N N 187 
ILE HG23 H  N N 188 
ILE HD11 H  N N 189 
ILE HD12 H  N N 190 
ILE HD13 H  N N 191 
ILE HXT  H  N N 192 
LEU N    N  N N 193 
LEU CA   C  N S 194 
LEU C    C  N N 195 
LEU O    O  N N 196 
LEU CB   C  N N 197 
LEU CG   C  N N 198 
LEU CD1  C  N N 199 
LEU CD2  C  N N 200 
LEU OXT  O  N N 201 
LEU H    H  N N 202 
LEU H2   H  N N 203 
LEU HA   H  N N 204 
LEU HB2  H  N N 205 
LEU HB3  H  N N 206 
LEU HG   H  N N 207 
LEU HD11 H  N N 208 
LEU HD12 H  N N 209 
LEU HD13 H  N N 210 
LEU HD21 H  N N 211 
LEU HD22 H  N N 212 
LEU HD23 H  N N 213 
LEU HXT  H  N N 214 
LYS N    N  N N 215 
LYS CA   C  N S 216 
LYS C    C  N N 217 
LYS O    O  N N 218 
LYS CB   C  N N 219 
LYS CG   C  N N 220 
LYS CD   C  N N 221 
LYS CE   C  N N 222 
LYS NZ   N  N N 223 
LYS OXT  O  N N 224 
LYS H    H  N N 225 
LYS H2   H  N N 226 
LYS HA   H  N N 227 
LYS HB2  H  N N 228 
LYS HB3  H  N N 229 
LYS HG2  H  N N 230 
LYS HG3  H  N N 231 
LYS HD2  H  N N 232 
LYS HD3  H  N N 233 
LYS HE2  H  N N 234 
LYS HE3  H  N N 235 
LYS HZ1  H  N N 236 
LYS HZ2  H  N N 237 
LYS HZ3  H  N N 238 
LYS HXT  H  N N 239 
MET N    N  N N 240 
MET CA   C  N S 241 
MET C    C  N N 242 
MET O    O  N N 243 
MET CB   C  N N 244 
MET CG   C  N N 245 
MET SD   S  N N 246 
MET CE   C  N N 247 
MET OXT  O  N N 248 
MET H    H  N N 249 
MET H2   H  N N 250 
MET HA   H  N N 251 
MET HB2  H  N N 252 
MET HB3  H  N N 253 
MET HG2  H  N N 254 
MET HG3  H  N N 255 
MET HE1  H  N N 256 
MET HE2  H  N N 257 
MET HE3  H  N N 258 
MET HXT  H  N N 259 
PHE N    N  N N 260 
PHE CA   C  N S 261 
PHE C    C  N N 262 
PHE O    O  N N 263 
PHE CB   C  N N 264 
PHE CG   C  Y N 265 
PHE CD1  C  Y N 266 
PHE CD2  C  Y N 267 
PHE CE1  C  Y N 268 
PHE CE2  C  Y N 269 
PHE CZ   C  Y N 270 
PHE OXT  O  N N 271 
PHE H    H  N N 272 
PHE H2   H  N N 273 
PHE HA   H  N N 274 
PHE HB2  H  N N 275 
PHE HB3  H  N N 276 
PHE HD1  H  N N 277 
PHE HD2  H  N N 278 
PHE HE1  H  N N 279 
PHE HE2  H  N N 280 
PHE HZ   H  N N 281 
PHE HXT  H  N N 282 
PRO N    N  N N 283 
PRO CA   C  N S 284 
PRO C    C  N N 285 
PRO O    O  N N 286 
PRO CB   C  N N 287 
PRO CG   C  N N 288 
PRO CD   C  N N 289 
PRO OXT  O  N N 290 
PRO H    H  N N 291 
PRO HA   H  N N 292 
PRO HB2  H  N N 293 
PRO HB3  H  N N 294 
PRO HG2  H  N N 295 
PRO HG3  H  N N 296 
PRO HD2  H  N N 297 
PRO HD3  H  N N 298 
PRO HXT  H  N N 299 
SER N    N  N N 300 
SER CA   C  N S 301 
SER C    C  N N 302 
SER O    O  N N 303 
SER CB   C  N N 304 
SER OG   O  N N 305 
SER OXT  O  N N 306 
SER H    H  N N 307 
SER H2   H  N N 308 
SER HA   H  N N 309 
SER HB2  H  N N 310 
SER HB3  H  N N 311 
SER HG   H  N N 312 
SER HXT  H  N N 313 
SO4 S    S  N N 314 
SO4 O1   O  N N 315 
SO4 O2   O  N N 316 
SO4 O3   O  N N 317 
SO4 O4   O  N N 318 
TEH C13  C  N N 319 
TEH C15  C  N N 320 
TEH C17  C  N N 321 
TEH C01  C  Y N 322 
TEH C02  C  Y N 323 
TEH C03  C  Y N 324 
TEH C04  C  Y N 325 
TEH C05  C  Y N 326 
TEH C06  C  Y N 327 
TEH C08  C  N N 328 
TEH C09  C  N N 329 
TEH C12  C  N N 330 
TEH N11  N  N N 331 
TEH N14  N  N N 332 
TEH O07  O  N N 333 
TEH O10  O  N N 334 
TEH O16  O  N N 335 
TEH H1   H  N N 336 
TEH H2   H  N N 337 
TEH H3   H  N N 338 
TEH H4   H  N N 339 
TEH H5   H  N N 340 
TEH H6   H  N N 341 
TEH H7   H  N N 342 
TEH H8   H  N N 343 
TEH H9   H  N N 344 
TEH H10  H  N N 345 
TEH H11  H  N N 346 
TEH H12  H  N N 347 
TEH H13  H  N N 348 
TEH H14  H  N N 349 
THR N    N  N N 350 
THR CA   C  N S 351 
THR C    C  N N 352 
THR O    O  N N 353 
THR CB   C  N R 354 
THR OG1  O  N N 355 
THR CG2  C  N N 356 
THR OXT  O  N N 357 
THR H    H  N N 358 
THR H2   H  N N 359 
THR HA   H  N N 360 
THR HB   H  N N 361 
THR HG1  H  N N 362 
THR HG21 H  N N 363 
THR HG22 H  N N 364 
THR HG23 H  N N 365 
THR HXT  H  N N 366 
TRP N    N  N N 367 
TRP CA   C  N S 368 
TRP C    C  N N 369 
TRP O    O  N N 370 
TRP CB   C  N N 371 
TRP CG   C  Y N 372 
TRP CD1  C  Y N 373 
TRP CD2  C  Y N 374 
TRP NE1  N  Y N 375 
TRP CE2  C  Y N 376 
TRP CE3  C  Y N 377 
TRP CZ2  C  Y N 378 
TRP CZ3  C  Y N 379 
TRP CH2  C  Y N 380 
TRP OXT  O  N N 381 
TRP H    H  N N 382 
TRP H2   H  N N 383 
TRP HA   H  N N 384 
TRP HB2  H  N N 385 
TRP HB3  H  N N 386 
TRP HD1  H  N N 387 
TRP HE1  H  N N 388 
TRP HE3  H  N N 389 
TRP HZ2  H  N N 390 
TRP HZ3  H  N N 391 
TRP HH2  H  N N 392 
TRP HXT  H  N N 393 
TYR N    N  N N 394 
TYR CA   C  N S 395 
TYR C    C  N N 396 
TYR O    O  N N 397 
TYR CB   C  N N 398 
TYR CG   C  Y N 399 
TYR CD1  C  Y N 400 
TYR CD2  C  Y N 401 
TYR CE1  C  Y N 402 
TYR CE2  C  Y N 403 
TYR CZ   C  Y N 404 
TYR OH   O  N N 405 
TYR OXT  O  N N 406 
TYR H    H  N N 407 
TYR H2   H  N N 408 
TYR HA   H  N N 409 
TYR HB2  H  N N 410 
TYR HB3  H  N N 411 
TYR HD1  H  N N 412 
TYR HD2  H  N N 413 
TYR HE1  H  N N 414 
TYR HE2  H  N N 415 
TYR HH   H  N N 416 
TYR HXT  H  N N 417 
VAL N    N  N N 418 
VAL CA   C  N S 419 
VAL C    C  N N 420 
VAL O    O  N N 421 
VAL CB   C  N N 422 
VAL CG1  C  N N 423 
VAL CG2  C  N N 424 
VAL OXT  O  N N 425 
VAL H    H  N N 426 
VAL H2   H  N N 427 
VAL HA   H  N N 428 
VAL HB   H  N N 429 
VAL HG11 H  N N 430 
VAL HG12 H  N N 431 
VAL HG13 H  N N 432 
VAL HG21 H  N N 433 
VAL HG22 H  N N 434 
VAL HG23 H  N N 435 
VAL HXT  H  N N 436 
ZN  ZN   ZN N N 437 
# 
loop_
_chem_comp_bond.comp_id 
_chem_comp_bond.atom_id_1 
_chem_comp_bond.atom_id_2 
_chem_comp_bond.value_order 
_chem_comp_bond.pdbx_aromatic_flag 
_chem_comp_bond.pdbx_stereo_config 
_chem_comp_bond.pdbx_ordinal 
ALA N   CA   sing N N 1   
ALA N   H    sing N N 2   
ALA N   H2   sing N N 3   
ALA CA  C    sing N N 4   
ALA CA  CB   sing N N 5   
ALA CA  HA   sing N N 6   
ALA C   O    doub N N 7   
ALA C   OXT  sing N N 8   
ALA CB  HB1  sing N N 9   
ALA CB  HB2  sing N N 10  
ALA CB  HB3  sing N N 11  
ALA OXT HXT  sing N N 12  
ARG N   CA   sing N N 13  
ARG N   H    sing N N 14  
ARG N   H2   sing N N 15  
ARG CA  C    sing N N 16  
ARG CA  CB   sing N N 17  
ARG CA  HA   sing N N 18  
ARG C   O    doub N N 19  
ARG C   OXT  sing N N 20  
ARG CB  CG   sing N N 21  
ARG CB  HB2  sing N N 22  
ARG CB  HB3  sing N N 23  
ARG CG  CD   sing N N 24  
ARG CG  HG2  sing N N 25  
ARG CG  HG3  sing N N 26  
ARG CD  NE   sing N N 27  
ARG CD  HD2  sing N N 28  
ARG CD  HD3  sing N N 29  
ARG NE  CZ   sing N N 30  
ARG NE  HE   sing N N 31  
ARG CZ  NH1  sing N N 32  
ARG CZ  NH2  doub N N 33  
ARG NH1 HH11 sing N N 34  
ARG NH1 HH12 sing N N 35  
ARG NH2 HH21 sing N N 36  
ARG NH2 HH22 sing N N 37  
ARG OXT HXT  sing N N 38  
ASN N   CA   sing N N 39  
ASN N   H    sing N N 40  
ASN N   H2   sing N N 41  
ASN CA  C    sing N N 42  
ASN CA  CB   sing N N 43  
ASN CA  HA   sing N N 44  
ASN C   O    doub N N 45  
ASN C   OXT  sing N N 46  
ASN CB  CG   sing N N 47  
ASN CB  HB2  sing N N 48  
ASN CB  HB3  sing N N 49  
ASN CG  OD1  doub N N 50  
ASN CG  ND2  sing N N 51  
ASN ND2 HD21 sing N N 52  
ASN ND2 HD22 sing N N 53  
ASN OXT HXT  sing N N 54  
ASP N   CA   sing N N 55  
ASP N   H    sing N N 56  
ASP N   H2   sing N N 57  
ASP CA  C    sing N N 58  
ASP CA  CB   sing N N 59  
ASP CA  HA   sing N N 60  
ASP C   O    doub N N 61  
ASP C   OXT  sing N N 62  
ASP CB  CG   sing N N 63  
ASP CB  HB2  sing N N 64  
ASP CB  HB3  sing N N 65  
ASP CG  OD1  doub N N 66  
ASP CG  OD2  sing N N 67  
ASP OD2 HD2  sing N N 68  
ASP OXT HXT  sing N N 69  
CYS N   CA   sing N N 70  
CYS N   H    sing N N 71  
CYS N   H2   sing N N 72  
CYS CA  C    sing N N 73  
CYS CA  CB   sing N N 74  
CYS CA  HA   sing N N 75  
CYS C   O    doub N N 76  
CYS C   OXT  sing N N 77  
CYS CB  SG   sing N N 78  
CYS CB  HB2  sing N N 79  
CYS CB  HB3  sing N N 80  
CYS SG  HG   sing N N 81  
CYS OXT HXT  sing N N 82  
DMS S   O    doub N N 83  
DMS S   C1   sing N N 84  
DMS S   C2   sing N N 85  
DMS C1  H11  sing N N 86  
DMS C1  H12  sing N N 87  
DMS C1  H13  sing N N 88  
DMS C2  H21  sing N N 89  
DMS C2  H22  sing N N 90  
DMS C2  H23  sing N N 91  
GLN N   CA   sing N N 92  
GLN N   H    sing N N 93  
GLN N   H2   sing N N 94  
GLN CA  C    sing N N 95  
GLN CA  CB   sing N N 96  
GLN CA  HA   sing N N 97  
GLN C   O    doub N N 98  
GLN C   OXT  sing N N 99  
GLN CB  CG   sing N N 100 
GLN CB  HB2  sing N N 101 
GLN CB  HB3  sing N N 102 
GLN CG  CD   sing N N 103 
GLN CG  HG2  sing N N 104 
GLN CG  HG3  sing N N 105 
GLN CD  OE1  doub N N 106 
GLN CD  NE2  sing N N 107 
GLN NE2 HE21 sing N N 108 
GLN NE2 HE22 sing N N 109 
GLN OXT HXT  sing N N 110 
GLU N   CA   sing N N 111 
GLU N   H    sing N N 112 
GLU N   H2   sing N N 113 
GLU CA  C    sing N N 114 
GLU CA  CB   sing N N 115 
GLU CA  HA   sing N N 116 
GLU C   O    doub N N 117 
GLU C   OXT  sing N N 118 
GLU CB  CG   sing N N 119 
GLU CB  HB2  sing N N 120 
GLU CB  HB3  sing N N 121 
GLU CG  CD   sing N N 122 
GLU CG  HG2  sing N N 123 
GLU CG  HG3  sing N N 124 
GLU CD  OE1  doub N N 125 
GLU CD  OE2  sing N N 126 
GLU OE2 HE2  sing N N 127 
GLU OXT HXT  sing N N 128 
GLY N   CA   sing N N 129 
GLY N   H    sing N N 130 
GLY N   H2   sing N N 131 
GLY CA  C    sing N N 132 
GLY CA  HA2  sing N N 133 
GLY CA  HA3  sing N N 134 
GLY C   O    doub N N 135 
GLY C   OXT  sing N N 136 
GLY OXT HXT  sing N N 137 
HIS N   CA   sing N N 138 
HIS N   H    sing N N 139 
HIS N   H2   sing N N 140 
HIS CA  C    sing N N 141 
HIS CA  CB   sing N N 142 
HIS CA  HA   sing N N 143 
HIS C   O    doub N N 144 
HIS C   OXT  sing N N 145 
HIS CB  CG   sing N N 146 
HIS CB  HB2  sing N N 147 
HIS CB  HB3  sing N N 148 
HIS CG  ND1  sing Y N 149 
HIS CG  CD2  doub Y N 150 
HIS ND1 CE1  doub Y N 151 
HIS ND1 HD1  sing N N 152 
HIS CD2 NE2  sing Y N 153 
HIS CD2 HD2  sing N N 154 
HIS CE1 NE2  sing Y N 155 
HIS CE1 HE1  sing N N 156 
HIS NE2 HE2  sing N N 157 
HIS OXT HXT  sing N N 158 
HOH O   H1   sing N N 159 
HOH O   H2   sing N N 160 
ILE N   CA   sing N N 161 
ILE N   H    sing N N 162 
ILE N   H2   sing N N 163 
ILE CA  C    sing N N 164 
ILE CA  CB   sing N N 165 
ILE CA  HA   sing N N 166 
ILE C   O    doub N N 167 
ILE C   OXT  sing N N 168 
ILE CB  CG1  sing N N 169 
ILE CB  CG2  sing N N 170 
ILE CB  HB   sing N N 171 
ILE CG1 CD1  sing N N 172 
ILE CG1 HG12 sing N N 173 
ILE CG1 HG13 sing N N 174 
ILE CG2 HG21 sing N N 175 
ILE CG2 HG22 sing N N 176 
ILE CG2 HG23 sing N N 177 
ILE CD1 HD11 sing N N 178 
ILE CD1 HD12 sing N N 179 
ILE CD1 HD13 sing N N 180 
ILE OXT HXT  sing N N 181 
LEU N   CA   sing N N 182 
LEU N   H    sing N N 183 
LEU N   H2   sing N N 184 
LEU CA  C    sing N N 185 
LEU CA  CB   sing N N 186 
LEU CA  HA   sing N N 187 
LEU C   O    doub N N 188 
LEU C   OXT  sing N N 189 
LEU CB  CG   sing N N 190 
LEU CB  HB2  sing N N 191 
LEU CB  HB3  sing N N 192 
LEU CG  CD1  sing N N 193 
LEU CG  CD2  sing N N 194 
LEU CG  HG   sing N N 195 
LEU CD1 HD11 sing N N 196 
LEU CD1 HD12 sing N N 197 
LEU CD1 HD13 sing N N 198 
LEU CD2 HD21 sing N N 199 
LEU CD2 HD22 sing N N 200 
LEU CD2 HD23 sing N N 201 
LEU OXT HXT  sing N N 202 
LYS N   CA   sing N N 203 
LYS N   H    sing N N 204 
LYS N   H2   sing N N 205 
LYS CA  C    sing N N 206 
LYS CA  CB   sing N N 207 
LYS CA  HA   sing N N 208 
LYS C   O    doub N N 209 
LYS C   OXT  sing N N 210 
LYS CB  CG   sing N N 211 
LYS CB  HB2  sing N N 212 
LYS CB  HB3  sing N N 213 
LYS CG  CD   sing N N 214 
LYS CG  HG2  sing N N 215 
LYS CG  HG3  sing N N 216 
LYS CD  CE   sing N N 217 
LYS CD  HD2  sing N N 218 
LYS CD  HD3  sing N N 219 
LYS CE  NZ   sing N N 220 
LYS CE  HE2  sing N N 221 
LYS CE  HE3  sing N N 222 
LYS NZ  HZ1  sing N N 223 
LYS NZ  HZ2  sing N N 224 
LYS NZ  HZ3  sing N N 225 
LYS OXT HXT  sing N N 226 
MET N   CA   sing N N 227 
MET N   H    sing N N 228 
MET N   H2   sing N N 229 
MET CA  C    sing N N 230 
MET CA  CB   sing N N 231 
MET CA  HA   sing N N 232 
MET C   O    doub N N 233 
MET C   OXT  sing N N 234 
MET CB  CG   sing N N 235 
MET CB  HB2  sing N N 236 
MET CB  HB3  sing N N 237 
MET CG  SD   sing N N 238 
MET CG  HG2  sing N N 239 
MET CG  HG3  sing N N 240 
MET SD  CE   sing N N 241 
MET CE  HE1  sing N N 242 
MET CE  HE2  sing N N 243 
MET CE  HE3  sing N N 244 
MET OXT HXT  sing N N 245 
PHE N   CA   sing N N 246 
PHE N   H    sing N N 247 
PHE N   H2   sing N N 248 
PHE CA  C    sing N N 249 
PHE CA  CB   sing N N 250 
PHE CA  HA   sing N N 251 
PHE C   O    doub N N 252 
PHE C   OXT  sing N N 253 
PHE CB  CG   sing N N 254 
PHE CB  HB2  sing N N 255 
PHE CB  HB3  sing N N 256 
PHE CG  CD1  doub Y N 257 
PHE CG  CD2  sing Y N 258 
PHE CD1 CE1  sing Y N 259 
PHE CD1 HD1  sing N N 260 
PHE CD2 CE2  doub Y N 261 
PHE CD2 HD2  sing N N 262 
PHE CE1 CZ   doub Y N 263 
PHE CE1 HE1  sing N N 264 
PHE CE2 CZ   sing Y N 265 
PHE CE2 HE2  sing N N 266 
PHE CZ  HZ   sing N N 267 
PHE OXT HXT  sing N N 268 
PRO N   CA   sing N N 269 
PRO N   CD   sing N N 270 
PRO N   H    sing N N 271 
PRO CA  C    sing N N 272 
PRO CA  CB   sing N N 273 
PRO CA  HA   sing N N 274 
PRO C   O    doub N N 275 
PRO C   OXT  sing N N 276 
PRO CB  CG   sing N N 277 
PRO CB  HB2  sing N N 278 
PRO CB  HB3  sing N N 279 
PRO CG  CD   sing N N 280 
PRO CG  HG2  sing N N 281 
PRO CG  HG3  sing N N 282 
PRO CD  HD2  sing N N 283 
PRO CD  HD3  sing N N 284 
PRO OXT HXT  sing N N 285 
SER N   CA   sing N N 286 
SER N   H    sing N N 287 
SER N   H2   sing N N 288 
SER CA  C    sing N N 289 
SER CA  CB   sing N N 290 
SER CA  HA   sing N N 291 
SER C   O    doub N N 292 
SER C   OXT  sing N N 293 
SER CB  OG   sing N N 294 
SER CB  HB2  sing N N 295 
SER CB  HB3  sing N N 296 
SER OG  HG   sing N N 297 
SER OXT HXT  sing N N 298 
SO4 S   O1   doub N N 299 
SO4 S   O2   doub N N 300 
SO4 S   O3   sing N N 301 
SO4 S   O4   sing N N 302 
TEH C03 C02  doub Y N 303 
TEH C03 C04  sing Y N 304 
TEH C02 C01  sing Y N 305 
TEH O07 C04  sing N N 306 
TEH O07 C08  sing N N 307 
TEH C04 C05  doub Y N 308 
TEH O10 C09  doub N N 309 
TEH O16 C15  doub N N 310 
TEH C01 C06  doub Y N 311 
TEH C09 C08  sing N N 312 
TEH C09 N11  sing N N 313 
TEH C15 N14  sing N N 314 
TEH C15 C17  sing N N 315 
TEH C12 N11  sing N N 316 
TEH C12 C13  sing N N 317 
TEH N11 C17  sing N N 318 
TEH N14 C13  sing N N 319 
TEH C05 C06  sing Y N 320 
TEH C13 H1   sing N N 321 
TEH C13 H2   sing N N 322 
TEH C17 H3   sing N N 323 
TEH C17 H4   sing N N 324 
TEH C01 H5   sing N N 325 
TEH C02 H6   sing N N 326 
TEH C03 H7   sing N N 327 
TEH C05 H8   sing N N 328 
TEH C06 H9   sing N N 329 
TEH C08 H10  sing N N 330 
TEH C08 H11  sing N N 331 
TEH C12 H12  sing N N 332 
TEH C12 H13  sing N N 333 
TEH N14 H14  sing N N 334 
THR N   CA   sing N N 335 
THR N   H    sing N N 336 
THR N   H2   sing N N 337 
THR CA  C    sing N N 338 
THR CA  CB   sing N N 339 
THR CA  HA   sing N N 340 
THR C   O    doub N N 341 
THR C   OXT  sing N N 342 
THR CB  OG1  sing N N 343 
THR CB  CG2  sing N N 344 
THR CB  HB   sing N N 345 
THR OG1 HG1  sing N N 346 
THR CG2 HG21 sing N N 347 
THR CG2 HG22 sing N N 348 
THR CG2 HG23 sing N N 349 
THR OXT HXT  sing N N 350 
TRP N   CA   sing N N 351 
TRP N   H    sing N N 352 
TRP N   H2   sing N N 353 
TRP CA  C    sing N N 354 
TRP CA  CB   sing N N 355 
TRP CA  HA   sing N N 356 
TRP C   O    doub N N 357 
TRP C   OXT  sing N N 358 
TRP CB  CG   sing N N 359 
TRP CB  HB2  sing N N 360 
TRP CB  HB3  sing N N 361 
TRP CG  CD1  doub Y N 362 
TRP CG  CD2  sing Y N 363 
TRP CD1 NE1  sing Y N 364 
TRP CD1 HD1  sing N N 365 
TRP CD2 CE2  doub Y N 366 
TRP CD2 CE3  sing Y N 367 
TRP NE1 CE2  sing Y N 368 
TRP NE1 HE1  sing N N 369 
TRP CE2 CZ2  sing Y N 370 
TRP CE3 CZ3  doub Y N 371 
TRP CE3 HE3  sing N N 372 
TRP CZ2 CH2  doub Y N 373 
TRP CZ2 HZ2  sing N N 374 
TRP CZ3 CH2  sing Y N 375 
TRP CZ3 HZ3  sing N N 376 
TRP CH2 HH2  sing N N 377 
TRP OXT HXT  sing N N 378 
TYR N   CA   sing N N 379 
TYR N   H    sing N N 380 
TYR N   H2   sing N N 381 
TYR CA  C    sing N N 382 
TYR CA  CB   sing N N 383 
TYR CA  HA   sing N N 384 
TYR C   O    doub N N 385 
TYR C   OXT  sing N N 386 
TYR CB  CG   sing N N 387 
TYR CB  HB2  sing N N 388 
TYR CB  HB3  sing N N 389 
TYR CG  CD1  doub Y N 390 
TYR CG  CD2  sing Y N 391 
TYR CD1 CE1  sing Y N 392 
TYR CD1 HD1  sing N N 393 
TYR CD2 CE2  doub Y N 394 
TYR CD2 HD2  sing N N 395 
TYR CE1 CZ   doub Y N 396 
TYR CE1 HE1  sing N N 397 
TYR CE2 CZ   sing Y N 398 
TYR CE2 HE2  sing N N 399 
TYR CZ  OH   sing N N 400 
TYR OH  HH   sing N N 401 
TYR OXT HXT  sing N N 402 
VAL N   CA   sing N N 403 
VAL N   H    sing N N 404 
VAL N   H2   sing N N 405 
VAL CA  C    sing N N 406 
VAL CA  CB   sing N N 407 
VAL CA  HA   sing N N 408 
VAL C   O    doub N N 409 
VAL C   OXT  sing N N 410 
VAL CB  CG1  sing N N 411 
VAL CB  CG2  sing N N 412 
VAL CB  HB   sing N N 413 
VAL CG1 HG11 sing N N 414 
VAL CG1 HG12 sing N N 415 
VAL CG1 HG13 sing N N 416 
VAL CG2 HG21 sing N N 417 
VAL CG2 HG22 sing N N 418 
VAL CG2 HG23 sing N N 419 
VAL OXT HXT  sing N N 420 
# 
_pdbx_audit_support.funding_organization   
'National Institutes of Health/National Institute Of Allergy and Infectious Diseases (NIH/NIAID)' 
_pdbx_audit_support.country                'United States' 
_pdbx_audit_support.grant_number           U19AI171399 
_pdbx_audit_support.ordinal                1 
# 
_pdbx_deposit_group.group_id            G_1002288 
_pdbx_deposit_group.group_description   'Crystallographic fragment screening of Coxsackievirus A16 (G-10) 2A protease' 
_pdbx_deposit_group.group_title         
'Group deposition for crystallographic fragment screening of Coxsackievirus A16 (G-10) 2A protease' 
_pdbx_deposit_group.group_type          'changed state' 
# 
_atom_sites.entry_id                    7H2T 
_atom_sites.fract_transf_matrix[1][1]   -0.00646509 
_atom_sites.fract_transf_matrix[1][2]   0.00702708 
_atom_sites.fract_transf_matrix[1][3]   0.00675853 
_atom_sites.fract_transf_matrix[2][1]   -0.01080756 
_atom_sites.fract_transf_matrix[2][2]   0.00304139 
_atom_sites.fract_transf_matrix[2][3]   -0.01350056 
_atom_sites.fract_transf_matrix[3][1]   -0.01884224 
_atom_sites.fract_transf_matrix[3][2]   -0.02251480 
_atom_sites.fract_transf_matrix[3][3]   0.01001160 
_atom_sites.fract_transf_vector[1]      0.185820 
_atom_sites.fract_transf_vector[2]      0.124541 
_atom_sites.fract_transf_vector[3]      0.447442 
# 
loop_
_atom_type.symbol 
C  
N  
O  
S  
ZN 
# 
loop_
_atom_site.group_PDB 
_atom_site.id 
_atom_site.type_symbol 
_atom_site.label_atom_id 
_atom_site.label_alt_id 
_atom_site.label_comp_id 
_atom_site.label_asym_id 
_atom_site.label_entity_id 
_atom_site.label_seq_id 
_atom_site.pdbx_PDB_ins_code 
_atom_site.Cartn_x 
_atom_site.Cartn_y 
_atom_site.Cartn_z 
_atom_site.occupancy 
_atom_site.B_iso_or_equiv 
_atom_site.pdbx_formal_charge 
_atom_site.auth_seq_id 
_atom_site.auth_comp_id 
_atom_site.auth_asym_id 
_atom_site.auth_atom_id 
_atom_site.pdbx_PDB_model_num 
ATOM   1    N  N   . SER A 1 7   ? -7.623  -5.205  5.567   1.00 27.96 ? 7   SER A N   1 
ATOM   2    C  CA  . SER A 1 7   ? -7.804  -3.778  5.869   1.00 27.66 ? 7   SER A CA  1 
ATOM   3    C  C   . SER A 1 7   ? -6.506  -3.219  6.456   1.00 26.82 ? 7   SER A C   1 
ATOM   4    O  O   . SER A 1 7   ? -5.620  -3.966  6.921   1.00 27.23 ? 7   SER A O   1 
ATOM   5    C  CB  . SER A 1 7   ? -8.933  -3.578  6.841   1.00 31.26 ? 7   SER A CB  1 
ATOM   6    O  OG  . SER A 1 7   ? -8.688  -4.339  8.011   1.00 32.12 ? 7   SER A OG  1 
ATOM   7    N  N   . GLY A 1 8   ? -6.429  -1.920  6.521   1.00 25.63 ? 8   GLY A N   1 
ATOM   8    C  CA  . GLY A 1 8   ? -5.336  -1.250  7.208   1.00 24.68 ? 8   GLY A CA  1 
ATOM   9    C  C   . GLY A 1 8   ? -5.019  0.006   6.450   1.00 21.31 ? 8   GLY A C   1 
ATOM   10   O  O   . GLY A 1 8   ? -5.480  0.171   5.295   1.00 22.13 ? 8   GLY A O   1 
ATOM   11   N  N   . ALA A 1 9   ? -4.333  0.898   7.120   1.00 21.34 ? 9   ALA A N   1 
ATOM   12   C  CA  . ALA A 1 9   ? -4.034  2.242   6.611   1.00 20.43 ? 9   ALA A CA  1 
ATOM   13   C  C   . ALA A 1 9   ? -2.689  2.684   7.114   1.00 18.92 ? 9   ALA A C   1 
ATOM   14   O  O   . ALA A 1 9   ? -2.253  2.199   8.138   1.00 20.70 ? 9   ALA A O   1 
ATOM   15   C  CB  . ALA A 1 9   ? -5.072  3.258   6.997   1.00 19.55 ? 9   ALA A CB  1 
ATOM   16   N  N   . ILE A 1 10  ? -2.154  3.664   6.433   1.00 18.38 ? 10  ILE A N   1 
ATOM   17   C  CA  . ILE A 1 10  ? -0.999  4.464   6.888   1.00 19.66 ? 10  ILE A CA  1 
ATOM   18   C  C   . ILE A 1 10  ? -1.528  5.766   7.474   1.00 20.54 ? 10  ILE A C   1 
ATOM   19   O  O   . ILE A 1 10  ? -2.347  6.404   6.795   1.00 22.42 ? 10  ILE A O   1 
ATOM   20   C  CB  . ILE A 1 10  ? 0.004   4.736   5.752   1.00 18.75 ? 10  ILE A CB  1 
ATOM   21   C  CG1 . ILE A 1 10  ? 0.459   3.468   5.005   1.00 21.02 ? 10  ILE A CG1 1 
ATOM   22   C  CG2 . ILE A 1 10  ? 1.215   5.462   6.327   1.00 19.90 ? 10  ILE A CG2 1 
ATOM   23   C  CD1 . ILE A 1 10  ? 1.164   3.744   3.722   1.00 18.16 ? 10  ILE A CD1 1 
ATOM   24   N  N   . TYR A 1 11  ? -1.024  6.161   8.643   1.00 24.79 ? 11  TYR A N   1 
ATOM   25   C  CA  . TYR A 1 11  ? -1.383  7.443   9.309   1.00 25.98 ? 11  TYR A CA  1 
ATOM   26   C  C   . TYR A 1 11  ? -0.113  8.271   9.416   1.00 24.54 ? 11  TYR A C   1 
ATOM   27   O  O   . TYR A 1 11  ? 0.682   7.998   10.340  1.00 25.50 ? 11  TYR A O   1 
ATOM   28   C  CB  . TYR A 1 11  ? -2.054  7.156   10.653  1.00 26.50 ? 11  TYR A CB  1 
ATOM   29   C  CG  . TYR A 1 11  ? -3.391  6.485   10.480  1.00 25.19 ? 11  TYR A CG  1 
ATOM   30   C  CD1 . TYR A 1 11  ? -4.499  7.237   10.114  1.00 26.71 ? 11  TYR A CD1 1 
ATOM   31   C  CD2 . TYR A 1 11  ? -3.566  5.130   10.661  1.00 26.82 ? 11  TYR A CD2 1 
ATOM   32   C  CE1 . TYR A 1 11  ? -5.729  6.645   9.876   1.00 25.66 ? 11  TYR A CE1 1 
ATOM   33   C  CE2 . TYR A 1 11  ? -4.798  4.527   10.468  1.00 28.12 ? 11  TYR A CE2 1 
ATOM   34   C  CZ  . TYR A 1 11  ? -5.888  5.289   10.078  1.00 26.30 ? 11  TYR A CZ  1 
ATOM   35   O  OH  . TYR A 1 11  ? -7.100  4.692   9.876   1.00 28.20 ? 11  TYR A OH  1 
ATOM   36   N  N   . VAL A 1 12  ? 0.048   9.201   8.488   1.00 23.67 ? 12  VAL A N   1 
ATOM   37   C  CA  . VAL A 1 12  ? 1.250   10.074  8.405   1.00 25.11 ? 12  VAL A CA  1 
ATOM   38   C  C   . VAL A 1 12  ? 0.767   11.523  8.456   1.00 25.62 ? 12  VAL A C   1 
ATOM   39   O  O   . VAL A 1 12  ? -0.030  11.962  7.603   1.00 27.35 ? 12  VAL A O   1 
ATOM   40   C  CB  . VAL A 1 12  ? 2.191   9.769   7.213   1.00 24.78 ? 12  VAL A CB  1 
ATOM   41   C  CG1 . VAL A 1 12  ? 1.507   9.790   5.868   1.00 25.27 ? 12  VAL A CG1 1 
ATOM   42   C  CG2 . VAL A 1 12  ? 3.384   10.708  7.223   1.00 25.20 ? 12  VAL A CG2 1 
ATOM   43   N  N   . GLY A 1 13  ? 1.315   12.259  9.428   1.00 27.99 ? 13  GLY A N   1 
ATOM   44   C  CA  . GLY A 1 13  ? 0.819   13.594  9.785   1.00 29.31 ? 13  GLY A CA  1 
ATOM   45   C  C   . GLY A 1 13  ? -0.699  13.558  9.875   1.00 26.89 ? 13  GLY A C   1 
ATOM   46   O  O   . GLY A 1 13  ? -1.210  12.730  10.650  1.00 29.60 ? 13  GLY A O   1 
ATOM   47   N  N   . ASN A 1 14  ? -1.360  14.413  9.093   1.00 27.82 ? 14  ASN A N   1 
ATOM   48   C  CA  . ASN A 1 14  ? -2.833  14.546  9.083   1.00 33.76 ? 14  ASN A CA  1 
ATOM   49   C  C   . ASN A 1 14  ? -3.360  13.878  7.811   1.00 33.90 ? 14  ASN A C   1 
ATOM   50   O  O   . ASN A 1 14  ? -4.343  14.354  7.245   1.00 29.35 ? 14  ASN A O   1 
ATOM   51   C  CB  . ASN A 1 14  ? -3.238  16.006  9.269   1.00 35.75 ? 14  ASN A CB  1 
ATOM   52   C  CG  . ASN A 1 14  ? -3.064  16.416  10.717  1.00 37.32 ? 14  ASN A CG  1 
ATOM   53   O  OD1 . ASN A 1 14  ? -3.912  16.133  11.564  1.00 42.48 ? 14  ASN A OD1 1 
ATOM   54   N  ND2 . ASN A 1 14  ? -1.932  17.018  11.021  1.00 37.51 ? 14  ASN A ND2 1 
ATOM   55   N  N   . TYR A 1 15  ? -2.719  12.781  7.397   1.00 29.07 ? 15  TYR A N   1 
ATOM   56   C  CA  . TYR A 1 15  ? -3.152  11.968  6.231   1.00 26.11 ? 15  TYR A CA  1 
ATOM   57   C  C   . TYR A 1 15  ? -3.415  10.511  6.628   1.00 22.52 ? 15  TYR A C   1 
ATOM   58   O  O   . TYR A 1 15  ? -2.745  9.893   7.442   1.00 25.08 ? 15  TYR A O   1 
ATOM   59   C  CB  . TYR A 1 15  ? -2.099  12.001  5.129   1.00 28.06 ? 15  TYR A CB  1 
ATOM   60   C  CG  . TYR A 1 15  ? -1.749  13.361  4.597   1.00 28.70 ? 15  TYR A CG  1 
ATOM   61   C  CD1 . TYR A 1 15  ? -2.707  14.160  3.991   1.00 31.63 ? 15  TYR A CD1 1 
ATOM   62   C  CD2 . TYR A 1 15  ? -0.450  13.834  4.654   1.00 27.69 ? 15  TYR A CD2 1 
ATOM   63   C  CE1 . TYR A 1 15  ? -2.384  15.398  3.461   1.00 31.25 ? 15  TYR A CE1 1 
ATOM   64   C  CE2 . TYR A 1 15  ? -0.106  15.067  4.115   1.00 29.72 ? 15  TYR A CE2 1 
ATOM   65   C  CZ  . TYR A 1 15  ? -1.082  15.862  3.532   1.00 35.50 ? 15  TYR A CZ  1 
ATOM   66   O  OH  . TYR A 1 15  ? -0.766  17.087  3.018   1.00 38.67 ? 15  TYR A OH  1 
ATOM   67   N  N   . ARG A 1 16  ? -4.422  9.940   5.978   1.00 24.09 ? 16  ARG A N   1 
ATOM   68   C  CA  . ARG A 1 16  ? -4.780  8.514   6.034   1.00 22.30 ? 16  ARG A CA  1 
ATOM   69   C  C   . ARG A 1 16  ? -4.646  7.976   4.621   1.00 21.66 ? 16  ARG A C   1 
ATOM   70   O  O   . ARG A 1 16  ? -5.259  8.520   3.695   1.00 22.86 ? 16  ARG A O   1 
ATOM   71   C  CB  . ARG A 1 16  ? -6.185  8.326   6.603   1.00 21.58 ? 16  ARG A CB  1 
ATOM   72   C  CG  . ARG A 1 16  ? -6.815  6.962   6.400   1.00 23.24 ? 16  ARG A CG  1 
ATOM   73   C  CD  . ARG A 1 16  ? -8.148  6.934   7.117   1.00 23.33 ? 16  ARG A CD  1 
ATOM   74   N  NE  . ARG A 1 16  ? -9.114  6.172   6.358   1.00 23.15 ? 16  ARG A NE  1 
ATOM   75   C  CZ  . ARG A 1 16  ? -9.371  4.877   6.513   1.00 21.66 ? 16  ARG A CZ  1 
ATOM   76   N  NH1 . ARG A 1 16  ? -8.658  4.146   7.364   1.00 22.59 ? 16  ARG A NH1 1 
ATOM   77   N  NH2 . ARG A 1 16  ? -10.279 4.304   5.735   1.00 23.28 ? 16  ARG A NH2 1 
ATOM   78   N  N   . VAL A 1 17  ? -3.742  7.010   4.440   1.00 19.01 ? 17  VAL A N   1 
ATOM   79   C  CA  . VAL A 1 17  ? -3.498  6.371   3.128   1.00 17.82 ? 17  VAL A CA  1 
ATOM   80   C  C   . VAL A 1 17  ? -4.096  4.976   3.169   1.00 19.25 ? 17  VAL A C   1 
ATOM   81   O  O   . VAL A 1 17  ? -3.698  4.147   4.023   1.00 18.12 ? 17  VAL A O   1 
ATOM   82   C  CB  . VAL A 1 17  ? -1.999  6.254   2.821   1.00 18.37 ? 17  VAL A CB  1 
ATOM   83   C  CG1 . VAL A 1 17  ? -1.791  5.816   1.378   1.00 18.75 ? 17  VAL A CG1 1 
ATOM   84   C  CG2 . VAL A 1 17  ? -1.311  7.559   3.163   1.00 18.66 ? 17  VAL A CG2 1 
ATOM   85   N  N   . VAL A 1 18  ? -5.035  4.734   2.276   1.00 18.77 ? 18  VAL A N   1 
ATOM   86   C  CA  . VAL A 1 18  ? -5.784  3.463   2.205   1.00 19.05 ? 18  VAL A CA  1 
ATOM   87   C  C   . VAL A 1 18  ? -5.765  2.957   0.786   1.00 17.62 ? 18  VAL A C   1 
ATOM   88   O  O   . VAL A 1 18  ? -5.535  3.710   -0.143  1.00 19.08 ? 18  VAL A O   1 
ATOM   89   C  CB  . VAL A 1 18  ? -7.230  3.630   2.703   1.00 19.32 ? 18  VAL A CB  1 
ATOM   90   C  CG1 . VAL A 1 18  ? -7.212  3.843   4.195   1.00 22.13 ? 18  VAL A CG1 1 
ATOM   91   C  CG2 . VAL A 1 18  ? -8.017  4.724   1.956   1.00 21.79 ? 18  VAL A CG2 1 
ATOM   92   N  N   . ASN A 1 19  ? -6.042  1.673   0.630   1.00 17.51 ? 19  ASN A N   1 
ATOM   93   C  CA  . ASN A 1 19  ? -6.373  1.133   -0.696  1.00 17.67 ? 19  ASN A CA  1 
ATOM   94   C  C   . ASN A 1 19  ? -7.615  1.850   -1.237  1.00 19.94 ? 19  ASN A C   1 
ATOM   95   O  O   . ASN A 1 19  ? -8.608  1.971   -0.496  1.00 20.55 ? 19  ASN A O   1 
ATOM   96   C  CB  . ASN A 1 19  ? -6.647  -0.362  -0.614  1.00 18.15 ? 19  ASN A CB  1 
ATOM   97   C  CG  . ASN A 1 19  ? -5.481  -1.154  -0.052  1.00 15.95 ? 19  ASN A CG  1 
ATOM   98   O  OD1 . ASN A 1 19  ? -5.455  -1.464  1.137   1.00 18.12 ? 19  ASN A OD1 1 
ATOM   99   N  ND2 . ASN A 1 19  ? -4.633  -1.620  -0.946  1.00 17.45 ? 19  ASN A ND2 1 
ATOM   100  N  N   . ARG A 1 20  ? -7.527  2.317   -2.467  1.00 20.17 ? 20  ARG A N   1 
ATOM   101  C  CA  . ARG A 1 20  ? -8.661  3.041   -3.112  1.00 19.57 ? 20  ARG A CA  1 
ATOM   102  C  C   . ARG A 1 20  ? -9.928  2.184   -3.041  1.00 19.93 ? 20  ARG A C   1 
ATOM   103  O  O   . ARG A 1 20  ? -11.036 2.710   -2.725  1.00 18.58 ? 20  ARG A O   1 
ATOM   104  C  CB  . ARG A 1 20  ? -8.325  3.429   -4.532  1.00 19.20 ? 20  ARG A CB  1 
ATOM   105  C  CG  . ARG A 1 20  ? -9.340  4.402   -5.146  1.00 20.65 ? 20  ARG A CG  1 
ATOM   106  C  CD  . ARG A 1 20  ? -8.934  4.745   -6.540  1.00 22.46 ? 20  ARG A CD  1 
ATOM   107  N  NE  . ARG A 1 20  ? -9.851  5.652   -7.226  1.00 25.11 ? 20  ARG A NE  1 
ATOM   108  C  CZ  . ARG A 1 20  ? -10.970 5.277   -7.824  1.00 24.03 ? 20  ARG A CZ  1 
ATOM   109  N  NH1 . ARG A 1 20  ? -11.405 4.024   -7.772  1.00 25.59 ? 20  ARG A NH1 1 
ATOM   110  N  NH2 . ARG A 1 20  ? -11.681 6.185   -8.483  1.00 27.23 ? 20  ARG A NH2 1 
ATOM   111  N  N   . HIS A 1 21  ? -9.801  0.876   -3.215  1.00 20.30 ? 21  HIS A N   1 
ATOM   112  C  CA  . HIS A 1 21  ? -10.990 -0.014  -3.295  1.00 19.85 ? 21  HIS A CA  1 
ATOM   113  C  C   . HIS A 1 21  ? -11.632 -0.178  -1.926  1.00 21.50 ? 21  HIS A C   1 
ATOM   114  O  O   . HIS A 1 21  ? -12.772 -0.725  -1.905  1.00 23.47 ? 21  HIS A O   1 
ATOM   115  C  CB  . HIS A 1 21  ? -10.668 -1.322  -4.019  1.00 21.75 ? 21  HIS A CB  1 
ATOM   116  C  CG  . HIS A 1 21  ? -9.853  -2.259  -3.199  1.00 20.24 ? 21  HIS A CG  1 
ATOM   117  N  ND1 . HIS A 1 21  ? -8.440  -2.256  -3.229  1.00 21.89 ? 21  HIS A ND1 1 
ATOM   118  C  CD2 . HIS A 1 21  ? -10.229 -3.275  -2.385  1.00 21.66 ? 21  HIS A CD2 1 
ATOM   119  C  CE1 . HIS A 1 21  ? -8.021  -3.211  -2.425  1.00 22.57 ? 21  HIS A CE1 1 
ATOM   120  N  NE2 . HIS A 1 21  ? -9.081  -3.856  -1.885  1.00 23.20 ? 21  HIS A NE2 1 
ATOM   121  N  N   . LEU A 1 22  ? -10.972 0.198   -0.829  1.00 18.69 ? 22  LEU A N   1 
ATOM   122  C  CA  . LEU A 1 22  ? -11.484 0.068   0.549   1.00 18.52 ? 22  LEU A CA  1 
ATOM   123  C  C   . LEU A 1 22  ? -11.833 1.434   1.131   1.00 18.87 ? 22  LEU A C   1 
ATOM   124  O  O   . LEU A 1 22  ? -12.215 1.492   2.318   1.00 23.07 ? 22  LEU A O   1 
ATOM   125  C  CB  . LEU A 1 22  ? -10.430 -0.643  1.414   1.00 20.49 ? 22  LEU A CB  1 
ATOM   126  C  CG  . LEU A 1 22  ? -10.149 -2.090  1.047   1.00 22.02 ? 22  LEU A CG  1 
ATOM   127  C  CD1 . LEU A 1 22  ? -9.153  -2.689  2.053   1.00 21.35 ? 22  LEU A CD1 1 
ATOM   128  C  CD2 . LEU A 1 22  ? -11.460 -2.919  1.055   1.00 23.84 ? 22  LEU A CD2 1 
ATOM   129  N  N   . ALA A 1 23  ? -11.664 2.519   0.382   1.00 21.47 ? 23  ALA A N   1 
ATOM   130  C  CA  . ALA A 1 23  ? -11.921 3.862   0.936   1.00 21.06 ? 23  ALA A CA  1 
ATOM   131  C  C   . ALA A 1 23  ? -13.421 3.971   1.245   1.00 20.28 ? 23  ALA A C   1 
ATOM   132  O  O   . ALA A 1 23  ? -14.261 3.358   0.470   1.00 23.10 ? 23  ALA A O   1 
ATOM   133  C  CB  . ALA A 1 23  ? -11.472 4.917   -0.032  1.00 22.40 ? 23  ALA A CB  1 
ATOM   134  N  N   . THR A 1 24  ? -13.716 4.675   2.307   1.00 22.93 ? 24  THR A N   1 
ATOM   135  C  CA  . THR A 1 24  ? -15.095 4.821   2.858   1.00 24.40 ? 24  THR A CA  1 
ATOM   136  C  C   . THR A 1 24  ? -15.745 6.053   2.230   1.00 26.03 ? 24  THR A C   1 
ATOM   137  O  O   . THR A 1 24  ? -15.065 6.858   1.565   1.00 24.57 ? 24  THR A O   1 
ATOM   138  C  CB  . THR A 1 24  ? -15.045 4.909   4.382   1.00 24.59 ? 24  THR A CB  1 
ATOM   139  O  OG1 . THR A 1 24  ? -14.317 6.082   4.770   1.00 24.84 ? 24  THR A OG1 1 
ATOM   140  C  CG2 . THR A 1 24  ? -14.439 3.660   4.989   1.00 25.64 ? 24  THR A CG2 1 
ATOM   141  N  N   . HIS A 1 25  ? -17.053 6.245   2.445   1.00 24.51 ? 25  HIS A N   1 
ATOM   142  C  CA  . HIS A 1 25  ? -17.664 7.543   2.086   1.00 27.20 ? 25  HIS A CA  1 
ATOM   143  C  C   . HIS A 1 25  ? -16.894 8.697   2.768   1.00 24.42 ? 25  HIS A C   1 
ATOM   144  O  O   . HIS A 1 25  ? -16.610 9.676   2.088   1.00 25.19 ? 25  HIS A O   1 
ATOM   145  C  CB  . HIS A 1 25  ? -19.180 7.543   2.344   1.00 28.81 ? 25  HIS A CB  1 
ATOM   146  C  CG  . HIS A 1 25  ? -19.728 8.932   2.316   1.00 32.54 ? 25  HIS A CG  1 
ATOM   147  N  ND1 . HIS A 1 25  ? -20.158 9.526   1.155   1.00 33.42 ? 25  HIS A ND1 1 
ATOM   148  C  CD2 . HIS A 1 25  ? -19.811 9.877   3.287   1.00 36.87 ? 25  HIS A CD2 1 
ATOM   149  C  CE1 . HIS A 1 25  ? -20.564 10.750  1.414   1.00 32.88 ? 25  HIS A CE1 1 
ATOM   150  N  NE2 . HIS A 1 25  ? -20.341 10.996  2.717   1.00 35.85 ? 25  HIS A NE2 1 
ATOM   151  N  N   . ASN A 1 26  ? -16.540 8.581   4.053   1.00 24.10 ? 26  ASN A N   1 
ATOM   152  C  CA  . ASN A 1 26  ? -15.807 9.635   4.789   1.00 24.76 ? 26  ASN A CA  1 
ATOM   153  C  C   . ASN A 1 26  ? -14.452 9.906   4.132   1.00 25.62 ? 26  ASN A C   1 
ATOM   154  O  O   . ASN A 1 26  ? -14.051 11.082  3.989   1.00 23.69 ? 26  ASN A O   1 
ATOM   155  C  CB  . ASN A 1 26  ? -15.548 9.302   6.257   1.00 29.24 ? 26  ASN A CB  1 
ATOM   156  C  CG  . ASN A 1 26  ? -14.805 10.431  6.949   1.00 36.75 ? 26  ASN A CG  1 
ATOM   157  O  OD1 . ASN A 1 26  ? -15.396 11.452  7.305   1.00 41.59 ? 26  ASN A OD1 1 
ATOM   158  N  ND2 . ASN A 1 26  ? -13.495 10.306  7.107   1.00 38.76 ? 26  ASN A ND2 1 
ATOM   159  N  N   . ASP A 1 27  ? -13.770 8.864   3.641   1.00 23.94 ? 27  ASP A N   1 
ATOM   160  C  CA  . ASP A 1 27  ? -12.525 9.126   2.881   1.00 22.04 ? 27  ASP A CA  1 
ATOM   161  C  C   . ASP A 1 27  ? -12.793 10.045  1.683   1.00 22.87 ? 27  ASP A C   1 
ATOM   162  O  O   . ASP A 1 27  ? -11.994 10.973  1.464   1.00 23.35 ? 27  ASP A O   1 
ATOM   163  C  CB  . ASP A 1 27  ? -11.802 7.835   2.470   1.00 21.97 ? 27  ASP A CB  1 
ATOM   164  C  CG  . ASP A 1 27  ? -11.192 7.080   3.650   1.00 22.00 ? 27  ASP A CG  1 
ATOM   165  O  OD1 . ASP A 1 27  ? -10.593 7.740   4.494   1.00 23.81 ? 27  ASP A OD1 1 
ATOM   166  O  OD2 . ASP A 1 27  ? -11.297 5.817   3.687   1.00 23.91 ? 27  ASP A OD2 1 
ATOM   167  N  N   . TRP A 1 28  ? -13.771 9.705   0.839   1.00 21.52 ? 28  TRP A N   1 
ATOM   168  C  CA  . TRP A 1 28  ? -14.108 10.392  -0.423  1.00 20.08 ? 28  TRP A CA  1 
ATOM   169  C  C   . TRP A 1 28  ? -14.648 11.804  -0.139  1.00 18.54 ? 28  TRP A C   1 
ATOM   170  O  O   . TRP A 1 28  ? -14.293 12.692  -0.901  1.00 21.70 ? 28  TRP A O   1 
ATOM   171  C  CB  . TRP A 1 28  ? -15.142 9.534   -1.160  1.00 21.75 ? 28  TRP A CB  1 
ATOM   172  C  CG  . TRP A 1 28  ? -14.554 8.399   -1.937  1.00 21.23 ? 28  TRP A CG  1 
ATOM   173  C  CD1 . TRP A 1 28  ? -14.594 7.072   -1.631  1.00 22.16 ? 28  TRP A CD1 1 
ATOM   174  C  CD2 . TRP A 1 28  ? -13.880 8.517   -3.199  1.00 21.95 ? 28  TRP A CD2 1 
ATOM   175  N  NE1 . TRP A 1 28  ? -13.989 6.364   -2.638  1.00 21.25 ? 28  TRP A NE1 1 
ATOM   176  C  CE2 . TRP A 1 28  ? -13.512 7.225   -3.595  1.00 22.07 ? 28  TRP A CE2 1 
ATOM   177  C  CE3 . TRP A 1 28  ? -13.521 9.595   -4.017  1.00 23.34 ? 28  TRP A CE3 1 
ATOM   178  C  CZ2 . TRP A 1 28  ? -12.854 6.986   -4.799  1.00 23.33 ? 28  TRP A CZ2 1 
ATOM   179  C  CZ3 . TRP A 1 28  ? -12.836 9.368   -5.180  1.00 25.87 ? 28  TRP A CZ3 1 
ATOM   180  C  CH2 . TRP A 1 28  ? -12.490 8.070   -5.565  1.00 23.91 ? 28  TRP A CH2 1 
ATOM   181  N  N   . ALA A 1 29  ? -15.283 11.981  1.010   1.00 20.74 ? 29  ALA A N   1 
ATOM   182  C  CA  . ALA A 1 29  ? -15.834 13.295  1.417   1.00 24.82 ? 29  ALA A CA  1 
ATOM   183  C  C   . ALA A 1 29  ? -14.712 14.186  1.967   1.00 29.80 ? 29  ALA A C   1 
ATOM   184  O  O   . ALA A 1 29  ? -14.938 15.384  2.161   1.00 30.31 ? 29  ALA A O   1 
ATOM   185  C  CB  . ALA A 1 29  ? -16.934 13.087  2.435   1.00 28.05 ? 29  ALA A CB  1 
ATOM   186  N  N   . ASN A 1 30  ? -13.546 13.608  2.257   1.00 28.76 ? 30  ASN A N   1 
ATOM   187  C  CA  . ASN A 1 30  ? -12.402 14.353  2.827   1.00 28.73 ? 30  ASN A CA  1 
ATOM   188  C  C   . ASN A 1 30  ? -11.173 14.029  1.985   1.00 27.84 ? 30  ASN A C   1 
ATOM   189  O  O   . ASN A 1 30  ? -10.067 13.787  2.579   1.00 27.47 ? 30  ASN A O   1 
ATOM   190  C  CB  . ASN A 1 30  ? -12.200 13.981  4.288   1.00 25.10 ? 30  ASN A CB  1 
ATOM   191  C  CG  . ASN A 1 30  ? -13.295 14.473  5.206   1.00 30.48 ? 30  ASN A CG  1 
ATOM   192  O  OD1 . ASN A 1 30  ? -13.266 15.620  5.638   1.00 33.73 ? 30  ASN A OD1 1 
ATOM   193  N  ND2 . ASN A 1 30  ? -14.240 13.607  5.519   1.00 31.00 ? 30  ASN A ND2 1 
ATOM   194  N  N   . LEU A 1 31  ? -11.356 14.027  0.668   1.00 27.98 ? 31  LEU A N   1 
ATOM   195  C  CA  . LEU A 1 31  ? -10.372 13.478  -0.283  1.00 29.22 ? 31  LEU A CA  1 
ATOM   196  C  C   . LEU A 1 31  ? -9.216  14.463  -0.362  1.00 29.26 ? 31  LEU A C   1 
ATOM   197  O  O   . LEU A 1 31  ? -9.468  15.680  -0.454  1.00 30.65 ? 31  LEU A O   1 
ATOM   198  C  CB  . LEU A 1 31  ? -10.989 13.252  -1.664  1.00 27.40 ? 31  LEU A CB  1 
ATOM   199  C  CG  . LEU A 1 31  ? -10.015 12.735  -2.716  1.00 27.96 ? 31  LEU A CG  1 
ATOM   200  C  CD1 . LEU A 1 31  ? -9.466  11.376  -2.308  1.00 28.87 ? 31  LEU A CD1 1 
ATOM   201  C  CD2 . LEU A 1 31  ? -10.686 12.666  -4.053  1.00 28.67 ? 31  LEU A CD2 1 
ATOM   202  N  N   . VAL A 1 32  ? -7.991  13.954  -0.277  1.00 26.68 ? 32  VAL A N   1 
ATOM   203  C  CA  . VAL A 1 32  ? -6.780  14.738  -0.595  1.00 26.05 ? 32  VAL A CA  1 
ATOM   204  C  C   . VAL A 1 32  ? -6.360  14.367  -2.016  1.00 25.24 ? 32  VAL A C   1 
ATOM   205  O  O   . VAL A 1 32  ? -6.080  15.254  -2.795  1.00 29.41 ? 32  VAL A O   1 
ATOM   206  C  CB  . VAL A 1 32  ? -5.677  14.467  0.439   1.00 26.82 ? 32  VAL A CB  1 
ATOM   207  C  CG1 . VAL A 1 32  ? -4.369  15.097  0.007   1.00 27.57 ? 32  VAL A CG1 1 
ATOM   208  C  CG2 . VAL A 1 32  ? -6.089  14.925  1.824   1.00 29.40 ? 32  VAL A CG2 1 
ATOM   209  N  N   . TRP A 1 33  ? -6.311  13.071  -2.355  1.00 24.38 ? 33  TRP A N   1 
ATOM   210  C  CA  . TRP A 1 33  ? -5.727  12.574  -3.621  1.00 25.01 ? 33  TRP A CA  1 
ATOM   211  C  C   . TRP A 1 33  ? -6.158  11.129  -3.832  1.00 24.33 ? 33  TRP A C   1 
ATOM   212  O  O   . TRP A 1 33  ? -6.305  10.434  -2.854  1.00 23.07 ? 33  TRP A O   1 
ATOM   213  C  CB  . TRP A 1 33  ? -4.205  12.708  -3.566  1.00 27.57 ? 33  TRP A CB  1 
ATOM   214  C  CG  . TRP A 1 33  ? -3.462  12.040  -4.674  1.00 26.08 ? 33  TRP A CG  1 
ATOM   215  C  CD1 . TRP A 1 33  ? -3.202  12.555  -5.911  1.00 29.67 ? 33  TRP A CD1 1 
ATOM   216  C  CD2 . TRP A 1 33  ? -2.806  10.751  -4.646  1.00 24.96 ? 33  TRP A CD2 1 
ATOM   217  N  NE1 . TRP A 1 33  ? -2.461  11.677  -6.656  1.00 30.32 ? 33  TRP A NE1 1 
ATOM   218  C  CE2 . TRP A 1 33  ? -2.222  10.553  -5.910  1.00 26.15 ? 33  TRP A CE2 1 
ATOM   219  C  CE3 . TRP A 1 33  ? -2.709  9.729   -3.702  1.00 24.92 ? 33  TRP A CE3 1 
ATOM   220  C  CZ2 . TRP A 1 33  ? -1.470  9.421   -6.217  1.00 25.03 ? 33  TRP A CZ2 1 
ATOM   221  C  CZ3 . TRP A 1 33  ? -1.977  8.598   -4.012  1.00 25.71 ? 33  TRP A CZ3 1 
ATOM   222  C  CH2 . TRP A 1 33  ? -1.377  8.449   -5.252  1.00 24.51 ? 33  TRP A CH2 1 
ATOM   223  N  N   . GLU A 1 34  ? -6.375  10.717  -5.067  1.00 23.30 ? 34  GLU A N   1 
ATOM   224  C  CA  . GLU A 1 34  ? -6.693  9.299   -5.363  1.00 23.67 ? 34  GLU A CA  1 
ATOM   225  C  C   . GLU A 1 34  ? -6.176  8.944   -6.747  1.00 25.14 ? 34  GLU A C   1 
ATOM   226  O  O   . GLU A 1 34  ? -6.074  9.830   -7.609  1.00 26.11 ? 34  GLU A O   1 
ATOM   227  C  CB  . GLU A 1 34  ? -8.175  9.015   -5.206  1.00 27.17 ? 34  GLU A CB  1 
ATOM   228  C  CG  . GLU A 1 34  ? -9.043  9.903   -6.094  1.00 28.04 ? 34  GLU A CG  1 
ATOM   229  C  CD  . GLU A 1 34  ? -9.252  9.431   -7.523  1.00 26.58 ? 34  GLU A CD  1 
ATOM   230  O  OE1 . GLU A 1 34  ? -9.610  10.304  -8.370  1.00 27.96 ? 34  GLU A OE1 1 
ATOM   231  O  OE2 . GLU A 1 34  ? -9.103  8.215   -7.804  1.00 26.78 ? 34  GLU A OE2 1 
ATOM   232  N  N   . ASP A 1 35  ? -5.827  7.668   -6.941  1.00 23.08 ? 35  ASP A N   1 
ATOM   233  C  CA  . ASP A 1 35  ? -5.286  7.158   -8.221  1.00 23.84 ? 35  ASP A CA  1 
ATOM   234  C  C   . ASP A 1 35  ? -5.701  5.699   -8.378  1.00 26.87 ? 35  ASP A C   1 
ATOM   235  O  O   . ASP A 1 35  ? -5.197  4.844   -7.627  1.00 24.26 ? 35  ASP A O   1 
ATOM   236  C  CB  . ASP A 1 35  ? -3.785  7.401   -8.206  1.00 25.61 ? 35  ASP A CB  1 
ATOM   237  C  CG  . ASP A 1 35  ? -3.080  6.999   -9.470  1.00 26.02 ? 35  ASP A CG  1 
ATOM   238  O  OD1 . ASP A 1 35  ? -3.475  5.972   -10.107 1.00 29.37 ? 35  ASP A OD1 1 
ATOM   239  O  OD2 . ASP A 1 35  ? -2.137  7.733   -9.790  1.00 30.08 ? 35  ASP A OD2 1 
ATOM   240  N  N   A SER A 1 36  ? -6.669  5.429   -9.245  0.25 25.80 ? 36  SER A N   1 
ATOM   241  N  N   B SER A 1 36  ? -6.669  5.429   -9.245  0.25 25.80 ? 36  SER A N   1 
ATOM   242  C  CA  A SER A 1 36  ? -7.189  4.064   -9.495  0.25 25.91 ? 36  SER A CA  1 
ATOM   243  C  CA  B SER A 1 36  ? -7.189  4.058   -9.486  0.25 26.44 ? 36  SER A CA  1 
ATOM   244  C  C   A SER A 1 36  ? -6.048  3.149   -9.946  0.25 27.16 ? 36  SER A C   1 
ATOM   245  C  C   B SER A 1 36  ? -6.048  3.149   -9.946  0.25 27.16 ? 36  SER A C   1 
ATOM   246  O  O   A SER A 1 36  ? -6.061  1.986   -9.559  0.25 27.08 ? 36  SER A O   1 
ATOM   247  O  O   B SER A 1 36  ? -6.061  1.986   -9.559  0.25 27.08 ? 36  SER A O   1 
ATOM   248  C  CB  A SER A 1 36  ? -8.274  4.085   -10.537 0.25 26.00 ? 36  SER A CB  1 
ATOM   249  C  CB  B SER A 1 36  ? -8.307  4.058   -10.505 0.25 27.17 ? 36  SER A CB  1 
ATOM   250  O  OG  A SER A 1 36  ? -8.747  2.779   -10.771 0.25 25.19 ? 36  SER A OG  1 
ATOM   251  O  OG  B SER A 1 36  ? -8.155  5.142   -11.409 0.25 27.79 ? 36  SER A OG  1 
ATOM   252  N  N   . SER A 1 37  ? -5.149  3.683   -10.762 1.00 27.17 ? 37  SER A N   1 
ATOM   253  C  CA  . SER A 1 37  ? -4.062  2.895   -11.395 1.00 25.64 ? 37  SER A CA  1 
ATOM   254  C  C   . SER A 1 37  ? -3.153  2.341   -10.301 1.00 24.88 ? 37  SER A C   1 
ATOM   255  O  O   . SER A 1 37  ? -2.654  1.229   -10.489 1.00 25.86 ? 37  SER A O   1 
ATOM   256  C  CB  . SER A 1 37  ? -3.265  3.669   -12.396 1.00 25.37 ? 37  SER A CB  1 
ATOM   257  O  OG  . SER A 1 37  ? -2.512  4.695   -11.782 1.00 30.61 ? 37  SER A OG  1 
ATOM   258  N  N   . ARG A 1 38  ? -3.035  3.051   -9.170  1.00 22.70 ? 38  ARG A N   1 
ATOM   259  C  CA  . ARG A 1 38  ? -2.141  2.653   -8.033  1.00 22.76 ? 38  ARG A CA  1 
ATOM   260  C  C   . ARG A 1 38  ? -2.928  1.990   -6.897  1.00 23.04 ? 38  ARG A C   1 
ATOM   261  O  O   . ARG A 1 38  ? -2.309  1.543   -5.949  1.00 23.35 ? 38  ARG A O   1 
ATOM   262  C  CB  . ARG A 1 38  ? -1.410  3.863   -7.481  1.00 22.79 ? 38  ARG A CB  1 
ATOM   263  C  CG  . ARG A 1 38  ? -0.588  4.597   -8.515  1.00 25.16 ? 38  ARG A CG  1 
ATOM   264  C  CD  . ARG A 1 38  ? 0.080   5.770   -7.855  1.00 25.41 ? 38  ARG A CD  1 
ATOM   265  N  NE  . ARG A 1 38  ? 0.998   5.442   -6.759  1.00 23.13 ? 38  ARG A NE  1 
ATOM   266  C  CZ  . ARG A 1 38  ? 2.114   6.147   -6.492  1.00 21.85 ? 38  ARG A CZ  1 
ATOM   267  N  NH1 . ARG A 1 38  ? 2.434   7.196   -7.243  1.00 22.76 ? 38  ARG A NH1 1 
ATOM   268  N  NH2 . ARG A 1 38  ? 2.964   5.772   -5.545  1.00 21.19 ? 38  ARG A NH2 1 
ATOM   269  N  N   . ASP A 1 39  ? -4.253  1.972   -6.974  1.00 21.63 ? 39  ASP A N   1 
ATOM   270  C  CA  . ASP A 1 39  ? -5.135  1.478   -5.902  1.00 20.98 ? 39  ASP A CA  1 
ATOM   271  C  C   . ASP A 1 39  ? -4.881  2.277   -4.635  1.00 18.84 ? 39  ASP A C   1 
ATOM   272  O  O   . ASP A 1 39  ? -4.895  1.675   -3.567  1.00 19.29 ? 39  ASP A O   1 
ATOM   273  C  CB  . ASP A 1 39  ? -4.932  -0.025  -5.649  1.00 22.04 ? 39  ASP A CB  1 
ATOM   274  C  CG  . ASP A 1 39  ? -5.871  -0.589  -4.604  1.00 23.85 ? 39  ASP A CG  1 
ATOM   275  O  OD1 . ASP A 1 39  ? -7.054  -0.135  -4.603  1.00 22.28 ? 39  ASP A OD1 1 
ATOM   276  O  OD2 . ASP A 1 39  ? -5.463  -1.471  -3.803  1.00 21.51 ? 39  ASP A OD2 1 
ATOM   277  N  N   . LEU A 1 40  ? -4.673  3.619   -4.706  1.00 18.93 ? 40  LEU A N   1 
ATOM   278  C  CA  . LEU A 1 40  ? -4.411  4.423   -3.507  1.00 19.79 ? 40  LEU A CA  1 
ATOM   279  C  C   . LEU A 1 40  ? -5.432  5.543   -3.386  1.00 18.85 ? 40  LEU A C   1 
ATOM   280  O  O   . LEU A 1 40  ? -5.793  6.146   -4.408  1.00 21.36 ? 40  LEU A O   1 
ATOM   281  C  CB  . LEU A 1 40  ? -3.015  5.009   -3.590  1.00 20.12 ? 40  LEU A CB  1 
ATOM   282  C  CG  . LEU A 1 40  ? -1.868  4.045   -3.258  1.00 19.66 ? 40  LEU A CG  1 
ATOM   283  C  CD1 . LEU A 1 40  ? -0.566  4.844   -3.278  1.00 20.67 ? 40  LEU A CD1 1 
ATOM   284  C  CD2 . LEU A 1 40  ? -2.054  3.392   -1.896  1.00 19.21 ? 40  LEU A CD2 1 
ATOM   285  N  N   . LEU A 1 41  ? -5.710  5.872   -2.148  1.00 17.96 ? 41  LEU A N   1 
ATOM   286  C  CA  . LEU A 1 41  ? -6.519  7.074   -1.859  1.00 19.52 ? 41  LEU A CA  1 
ATOM   287  C  C   . LEU A 1 41  ? -6.001  7.649   -0.553  1.00 19.49 ? 41  LEU A C   1 
ATOM   288  O  O   . LEU A 1 41  ? -5.656  6.880   0.380   1.00 19.87 ? 41  LEU A O   1 
ATOM   289  C  CB  . LEU A 1 41  ? -8.012  6.704   -1.840  1.00 20.86 ? 41  LEU A CB  1 
ATOM   290  C  CG  . LEU A 1 41  ? -8.974  7.884   -1.582  1.00 19.73 ? 41  LEU A CG  1 
ATOM   291  C  CD1 . LEU A 1 41  ? -10.307 7.660   -2.276  1.00 20.59 ? 41  LEU A CD1 1 
ATOM   292  C  CD2 . LEU A 1 41  ? -9.160  8.104   -0.108  1.00 19.21 ? 41  LEU A CD2 1 
ATOM   293  N  N   . VAL A 1 42  ? -5.864  8.965   -0.508  1.00 18.58 ? 42  VAL A N   1 
ATOM   294  C  CA  . VAL A 1 42  ? -5.464  9.682   0.728   1.00 19.61 ? 42  VAL A CA  1 
ATOM   295  C  C   . VAL A 1 42  ? -6.581  10.644  1.117   1.00 20.69 ? 42  VAL A C   1 
ATOM   296  O  O   . VAL A 1 42  ? -7.028  11.391  0.235   1.00 22.72 ? 42  VAL A O   1 
ATOM   297  C  CB  . VAL A 1 42  ? -4.125  10.419  0.593   1.00 18.14 ? 42  VAL A CB  1 
ATOM   298  C  CG1 . VAL A 1 42  ? -3.723  11.061  1.905   1.00 20.95 ? 42  VAL A CG1 1 
ATOM   299  C  CG2 . VAL A 1 42  ? -3.025  9.471   0.090   1.00 18.53 ? 42  VAL A CG2 1 
ATOM   300  N  N   . SER A 1 43  ? -6.963  10.583  2.367   1.00 20.95 ? 43  SER A N   1 
ATOM   301  C  CA  . SER A 1 43  ? -7.942  11.499  3.006   1.00 21.93 ? 43  SER A CA  1 
ATOM   302  C  C   . SER A 1 43  ? -7.272  12.230  4.177   1.00 26.38 ? 43  SER A C   1 
ATOM   303  O  O   . SER A 1 43  ? -6.201  11.790  4.702   1.00 25.94 ? 43  SER A O   1 
ATOM   304  C  CB  . SER A 1 43  ? -9.169  10.702  3.394   1.00 21.08 ? 43  SER A CB  1 
ATOM   305  O  OG  . SER A 1 43  ? -8.912  9.749   4.388   1.00 22.79 ? 43  SER A OG  1 
ATOM   306  N  N   . SER A 1 44  ? -7.893  13.329  4.610   1.00 27.91 ? 44  SER A N   1 
ATOM   307  C  CA  . SER A 1 44  ? -7.437  14.163  5.757   1.00 29.51 ? 44  SER A CA  1 
ATOM   308  C  C   . SER A 1 44  ? -7.869  13.597  7.113   1.00 30.79 ? 44  SER A C   1 
ATOM   309  O  O   . SER A 1 44  ? -8.978  13.011  7.201   1.00 31.27 ? 44  SER A O   1 
ATOM   310  C  CB  . SER A 1 44  ? -7.945  15.551  5.595   1.00 30.55 ? 44  SER A CB  1 
ATOM   311  O  OG  . SER A 1 44  ? -9.351  15.501  5.488   1.00 29.28 ? 44  SER A OG  1 
ATOM   312  N  N   . THR A 1 45  ? -7.074  13.816  8.170   1.00 32.09 ? 45  THR A N   1 
ATOM   313  C  CA  . THR A 1 45  ? -7.384  13.364  9.552   1.00 34.59 ? 45  THR A CA  1 
ATOM   314  C  C   . THR A 1 45  ? -7.361  14.576  10.497  1.00 38.56 ? 45  THR A C   1 
ATOM   315  O  O   . THR A 1 45  ? -6.752  15.579  10.150  1.00 33.16 ? 45  THR A O   1 
ATOM   316  C  CB  . THR A 1 45  ? -6.436  12.255  10.038  1.00 37.63 ? 45  THR A CB  1 
ATOM   317  O  OG1 . THR A 1 45  ? -5.155  12.811  10.337  1.00 36.98 ? 45  THR A OG1 1 
ATOM   318  C  CG2 . THR A 1 45  ? -6.284  11.146  9.012   1.00 35.37 ? 45  THR A CG2 1 
ATOM   319  N  N   . THR A 1 46  ? -7.923  14.428  11.693  1.00 42.26 ? 46  THR A N   1 
ATOM   320  C  CA  . THR A 1 46  ? -7.934  15.495  12.723  1.00 45.24 ? 46  THR A CA  1 
ATOM   321  C  C   . THR A 1 46  ? -6.703  15.293  13.616  1.00 44.20 ? 46  THR A C   1 
ATOM   322  O  O   . THR A 1 46  ? -5.960  16.261  13.817  1.00 48.94 ? 46  THR A O   1 
ATOM   323  C  CB  . THR A 1 46  ? -9.321  15.536  13.382  1.00 43.51 ? 46  THR A CB  1 
ATOM   324  O  OG1 . THR A 1 46  ? -9.662  14.235  13.854  1.00 47.41 ? 46  THR A OG1 1 
ATOM   325  C  CG2 . THR A 1 46  ? -10.396 15.964  12.409  1.00 45.53 ? 46  THR A CG2 1 
ATOM   326  N  N   . ALA A 1 47  ? -6.452  14.062  14.062  1.00 42.38 ? 47  ALA A N   1 
ATOM   327  C  CA  . ALA A 1 47  ? -5.300  13.690  14.917  1.00 41.27 ? 47  ALA A CA  1 
ATOM   328  C  C   . ALA A 1 47  ? -4.089  13.349  14.040  1.00 38.09 ? 47  ALA A C   1 
ATOM   329  O  O   . ALA A 1 47  ? -4.278  12.833  12.897  1.00 33.08 ? 47  ALA A O   1 
ATOM   330  C  CB  . ALA A 1 47  ? -5.674  12.545  15.823  1.00 42.49 ? 47  ALA A CB  1 
ATOM   331  N  N   . GLN A 1 48  ? -2.887  13.648  14.539  1.00 35.98 ? 48  GLN A N   1 
ATOM   332  C  CA  . GLN A 1 48  ? -1.616  13.286  13.852  1.00 32.32 ? 48  GLN A CA  1 
ATOM   333  C  C   . GLN A 1 48  ? -1.360  11.779  14.001  1.00 32.38 ? 48  GLN A C   1 
ATOM   334  O  O   . GLN A 1 48  ? -1.671  11.185  15.073  1.00 33.58 ? 48  GLN A O   1 
ATOM   335  C  CB  . GLN A 1 48  ? -0.462  14.141  14.373  1.00 38.08 ? 48  GLN A CB  1 
ATOM   336  C  CG  . GLN A 1 48  ? -0.540  15.568  13.860  1.00 46.27 ? 48  GLN A CG  1 
ATOM   337  C  CD  . GLN A 1 48  ? 0.738   16.341  14.051  1.00 56.18 ? 48  GLN A CD  1 
ATOM   338  O  OE1 . GLN A 1 48  ? 1.239   16.467  15.170  1.00 72.26 ? 48  GLN A OE1 1 
ATOM   339  N  NE2 . GLN A 1 48  ? 1.281   16.862  12.955  1.00 61.74 ? 48  GLN A NE2 1 
ATOM   340  N  N   . GLY A 1 49  ? -0.812  11.165  12.941  1.00 32.72 ? 49  GLY A N   1 
ATOM   341  C  CA  . GLY A 1 49  ? -0.571  9.711   12.889  1.00 33.78 ? 49  GLY A CA  1 
ATOM   342  C  C   . GLY A 1 49  ? 0.823   9.341   13.364  1.00 31.10 ? 49  GLY A C   1 
ATOM   343  O  O   . GLY A 1 49  ? 1.705   10.212  13.331  1.00 30.95 ? 49  GLY A O   1 
ATOM   344  N  N   . CYS A 1 50  ? 1.030   8.065   13.707  1.00 30.92 ? 50  CYS A N   1 
ATOM   345  C  CA  . CYS A 1 50  ? 2.299   7.543   14.288  1.00 29.65 ? 50  CYS A CA  1 
ATOM   346  C  C   . CYS A 1 50  ? 3.320   7.154   13.190  1.00 31.35 ? 50  CYS A C   1 
ATOM   347  O  O   . CYS A 1 50  ? 4.469   6.984   13.561  1.00 28.60 ? 50  CYS A O   1 
ATOM   348  C  CB  . CYS A 1 50  ? 2.052   6.316   15.176  1.00 32.56 ? 50  CYS A CB  1 
ATOM   349  S  SG  . CYS A 1 50  ? 1.322   6.622   16.818  1.00 40.11 ? 50  CYS A SG  1 
ATOM   350  N  N   . ASP A 1 51  ? 2.935   7.003   11.920  1.00 29.60 ? 51  ASP A N   1 
ATOM   351  C  CA  . ASP A 1 51  ? 3.837   6.437   10.869  1.00 24.96 ? 51  ASP A CA  1 
ATOM   352  C  C   . ASP A 1 51  ? 4.728   7.507   10.238  1.00 24.58 ? 51  ASP A C   1 
ATOM   353  O  O   . ASP A 1 51  ? 4.299   8.659   10.033  1.00 26.62 ? 51  ASP A O   1 
ATOM   354  C  CB  . ASP A 1 51  ? 3.066   5.647   9.803   1.00 26.60 ? 51  ASP A CB  1 
ATOM   355  C  CG  . ASP A 1 51  ? 2.155   4.593   10.385  1.00 24.36 ? 51  ASP A CG  1 
ATOM   356  O  OD1 . ASP A 1 51  ? 2.575   3.912   11.364  1.00 30.80 ? 51  ASP A OD1 1 
ATOM   357  O  OD2 . ASP A 1 51  ? 1.005   4.477   9.889   1.00 26.76 ? 51  ASP A OD2 1 
ATOM   358  N  N   . THR A 1 52  ? 5.934   7.060   9.872   1.00 22.56 ? 52  THR A N   1 
ATOM   359  C  CA  . THR A 1 52  ? 6.937   7.759   9.043   1.00 25.39 ? 52  THR A CA  1 
ATOM   360  C  C   . THR A 1 52  ? 7.041   7.041   7.690   1.00 21.70 ? 52  THR A C   1 
ATOM   361  O  O   . THR A 1 52  ? 7.161   5.812   7.709   1.00 21.19 ? 52  THR A O   1 
ATOM   362  C  CB  . THR A 1 52  ? 8.301   7.681   9.743   1.00 25.01 ? 52  THR A CB  1 
ATOM   363  O  OG1 . THR A 1 52  ? 8.200   8.342   11.011  1.00 28.04 ? 52  THR A OG1 1 
ATOM   364  C  CG2 . THR A 1 52  ? 9.421   8.343   8.958   1.00 29.11 ? 52  THR A CG2 1 
ATOM   365  N  N   . ILE A 1 53  ? 7.083   7.781   6.595   1.00 20.32 ? 53  ILE A N   1 
ATOM   366  C  CA  . ILE A 1 53  ? 7.264   7.178   5.249   1.00 19.82 ? 53  ILE A CA  1 
ATOM   367  C  C   . ILE A 1 53  ? 8.771   6.991   4.995   1.00 18.18 ? 53  ILE A C   1 
ATOM   368  O  O   . ILE A 1 53  ? 9.574   7.904   5.251   1.00 17.96 ? 53  ILE A O   1 
ATOM   369  C  CB  . ILE A 1 53  ? 6.567   8.002   4.167   1.00 19.20 ? 53  ILE A CB  1 
ATOM   370  C  CG1 . ILE A 1 53  ? 5.105   8.339   4.535   1.00 18.51 ? 53  ILE A CG1 1 
ATOM   371  C  CG2 . ILE A 1 53  ? 6.653   7.325   2.808   1.00 20.12 ? 53  ILE A CG2 1 
ATOM   372  C  CD1 . ILE A 1 53  ? 4.240   7.149   4.860   1.00 20.14 ? 53  ILE A CD1 1 
ATOM   373  N  N   . ALA A 1 54  ? 9.155   5.798   4.556   1.00 18.21 ? 54  ALA A N   1 
ATOM   374  C  CA  . ALA A 1 54  ? 10.514  5.529   4.031   1.00 18.07 ? 54  ALA A CA  1 
ATOM   375  C  C   . ALA A 1 54  ? 10.789  6.413   2.800   1.00 15.91 ? 54  ALA A C   1 
ATOM   376  O  O   . ALA A 1 54  ? 9.914   6.569   1.892   1.00 16.63 ? 54  ALA A O   1 
ATOM   377  C  CB  . ALA A 1 54  ? 10.574  4.067   3.663   1.00 17.19 ? 54  ALA A CB  1 
ATOM   378  N  N   . ARG A 1 55  ? 12.013  6.957   2.743   1.00 18.21 ? 55  ARG A N   1 
ATOM   379  C  CA  . ARG A 1 55  ? 12.510  7.677   1.548   1.00 18.06 ? 55  ARG A CA  1 
ATOM   380  C  C   . ARG A 1 55  ? 13.812  7.008   1.149   1.00 16.52 ? 55  ARG A C   1 
ATOM   381  O  O   . ARG A 1 55  ? 14.812  7.267   1.745   1.00 19.45 ? 55  ARG A O   1 
ATOM   382  C  CB  . ARG A 1 55  ? 12.618  9.192   1.793   1.00 20.16 ? 55  ARG A CB  1 
ATOM   383  C  CG  . ARG A 1 55  ? 11.330  9.846   2.282   1.00 20.91 ? 55  ARG A CG  1 
ATOM   384  C  CD  . ARG A 1 55  ? 10.227  9.929   1.247   1.00 22.48 ? 55  ARG A CD  1 
ATOM   385  N  NE  . ARG A 1 55  ? 8.973   10.434  1.847   1.00 24.65 ? 55  ARG A NE  1 
ATOM   386  C  CZ  . ARG A 1 55  ? 7.755   10.237  1.361   1.00 21.10 ? 55  ARG A CZ  1 
ATOM   387  N  NH1 . ARG A 1 55  ? 7.553   9.632   0.205   1.00 20.60 ? 55  ARG A NH1 1 
ATOM   388  N  NH2 . ARG A 1 55  ? 6.701   10.723  2.004   1.00 25.94 ? 55  ARG A NH2 1 
ATOM   389  N  N   . CYS A 1 56  ? 13.745  6.101   0.196   1.00 15.56 ? 56  CYS A N   1 
ATOM   390  C  CA  . CYS A 1 56  ? 14.804  5.099   -0.062  1.00 15.84 ? 56  CYS A CA  1 
ATOM   391  C  C   . CYS A 1 56  ? 14.457  4.248   -1.259  1.00 16.63 ? 56  CYS A C   1 
ATOM   392  O  O   . CYS A 1 56  ? 13.349  4.369   -1.786  1.00 16.22 ? 56  CYS A O   1 
ATOM   393  C  CB  . CYS A 1 56  ? 14.946  4.203   1.149   1.00 14.70 ? 56  CYS A CB  1 
ATOM   394  S  SG  . CYS A 1 56  ? 13.546  3.049   1.346   1.00 16.41 ? 56  CYS A SG  1 
ATOM   395  N  N   A ASP A 1 57  ? 15.389  3.400   -1.695  0.25 16.74 ? 57  ASP A N   1 
ATOM   396  N  N   B ASP A 1 57  ? 15.427  3.385   -1.590  0.25 17.19 ? 57  ASP A N   1 
ATOM   397  C  CA  A ASP A 1 57  ? 15.120  2.369   -2.731  0.25 17.50 ? 57  ASP A CA  1 
ATOM   398  C  CA  B ASP A 1 57  ? 15.474  2.422   -2.718  0.25 18.60 ? 57  ASP A CA  1 
ATOM   399  C  C   A ASP A 1 57  ? 15.449  0.994   -2.153  0.25 17.67 ? 57  ASP A C   1 
ATOM   400  C  C   B ASP A 1 57  ? 15.475  0.986   -2.163  0.25 18.05 ? 57  ASP A C   1 
ATOM   401  O  O   A ASP A 1 57  ? 15.916  0.151   -2.913  0.25 20.12 ? 57  ASP A O   1 
ATOM   402  O  O   B ASP A 1 57  ? 15.736  0.075   -2.973  0.25 19.99 ? 57  ASP A O   1 
ATOM   403  C  CB  A ASP A 1 57  ? 15.937  2.585   -4.002  0.25 19.10 ? 57  ASP A CB  1 
ATOM   404  C  CB  B ASP A 1 57  ? 16.758  2.658   -3.532  0.25 20.04 ? 57  ASP A CB  1 
ATOM   405  C  CG  A ASP A 1 57  ? 17.446  2.562   -3.791  0.25 20.82 ? 57  ASP A CG  1 
ATOM   406  C  CG  B ASP A 1 57  ? 16.749  2.193   -4.987  0.25 21.49 ? 57  ASP A CG  1 
ATOM   407  O  OD1 A ASP A 1 57  ? 17.900  2.328   -2.672  0.25 21.94 ? 57  ASP A OD1 1 
ATOM   408  O  OD1 B ASP A 1 57  ? 15.674  2.250   -5.626  0.25 22.41 ? 57  ASP A OD1 1 
ATOM   409  O  OD2 A ASP A 1 57  ? 18.159  2.774   -4.777  0.25 23.88 ? 57  ASP A OD2 1 
ATOM   410  O  OD2 B ASP A 1 57  ? 17.819  1.788   -5.459  0.25 23.35 ? 57  ASP A OD2 1 
ATOM   411  N  N   . CYS A 1 58  ? 15.126  0.775   -0.891  1.00 17.44 ? 58  CYS A N   1 
ATOM   412  C  CA  . CYS A 1 58  ? 15.199  -0.584  -0.301  1.00 17.67 ? 58  CYS A CA  1 
ATOM   413  C  C   . CYS A 1 58  ? 14.345  -1.546  -1.122  1.00 15.61 ? 58  CYS A C   1 
ATOM   414  O  O   . CYS A 1 58  ? 13.263  -1.154  -1.607  1.00 16.75 ? 58  CYS A O   1 
ATOM   415  C  CB  . CYS A 1 58  ? 14.726  -0.690  1.135   1.00 19.65 ? 58  CYS A CB  1 
ATOM   416  S  SG  . CYS A 1 58  ? 15.767  0.139   2.365   1.00 18.57 ? 58  CYS A SG  1 
ATOM   417  N  N   . GLN A 1 59  ? 14.862  -2.774  -1.215  1.00 17.56 ? 59  GLN A N   1 
ATOM   418  C  CA  . GLN A 1 59  ? 14.169  -3.933  -1.792  1.00 15.97 ? 59  GLN A CA  1 
ATOM   419  C  C   . GLN A 1 59  ? 14.089  -5.034  -0.752  1.00 14.43 ? 59  GLN A C   1 
ATOM   420  O  O   . GLN A 1 59  ? 13.767  -6.173  -1.155  1.00 16.98 ? 59  GLN A O   1 
ATOM   421  C  CB  . GLN A 1 59  ? 14.839  -4.451  -3.076  1.00 19.05 ? 59  GLN A CB  1 
ATOM   422  C  CG  . GLN A 1 59  ? 14.596  -3.575  -4.291  1.00 20.03 ? 59  GLN A CG  1 
ATOM   423  C  CD  . GLN A 1 59  ? 15.130  -4.233  -5.550  1.00 18.88 ? 59  GLN A CD  1 
ATOM   424  O  OE1 . GLN A 1 59  ? 16.204  -3.857  -6.055  1.00 24.57 ? 59  GLN A OE1 1 
ATOM   425  N  NE2 . GLN A 1 59  ? 14.474  -5.284  -6.016  1.00 20.66 ? 59  GLN A NE2 1 
ATOM   426  N  N   . THR A 1 60  ? 14.308  -4.757  0.522   1.00 15.45 ? 60  THR A N   1 
ATOM   427  C  CA  . THR A 1 60  ? 14.003  -5.765  1.543   1.00 14.98 ? 60  THR A CA  1 
ATOM   428  C  C   . THR A 1 60  ? 13.278  -5.077  2.698   1.00 15.35 ? 60  THR A C   1 
ATOM   429  O  O   . THR A 1 60  ? 13.498  -3.889  2.939   1.00 16.75 ? 60  THR A O   1 
ATOM   430  C  CB  . THR A 1 60  ? 15.248  -6.459  2.069   1.00 16.95 ? 60  THR A CB  1 
ATOM   431  O  OG1 . THR A 1 60  ? 15.965  -5.432  2.721   1.00 23.89 ? 60  THR A OG1 1 
ATOM   432  C  CG2 . THR A 1 60  ? 16.023  -7.179  1.003   1.00 17.18 ? 60  THR A CG2 1 
ATOM   433  N  N   . GLY A 1 61  ? 12.372  -5.825  3.302   1.00 15.13 ? 61  GLY A N   1 
ATOM   434  C  CA  . GLY A 1 61  ? 11.563  -5.267  4.377   1.00 13.32 ? 61  GLY A CA  1 
ATOM   435  C  C   . GLY A 1 61  ? 10.708  -6.354  5.006   1.00 13.55 ? 61  GLY A C   1 
ATOM   436  O  O   . GLY A 1 61  ? 11.043  -7.537  4.826   1.00 14.92 ? 61  GLY A O   1 
ATOM   437  N  N   . VAL A 1 62  ? 9.755   -5.926  5.780   1.00 11.88 ? 62  VAL A N   1 
ATOM   438  C  CA  . VAL A 1 62  ? 8.841   -6.850  6.500   1.00 13.54 ? 62  VAL A CA  1 
ATOM   439  C  C   . VAL A 1 62  ? 7.414   -6.390  6.234   1.00 13.71 ? 62  VAL A C   1 
ATOM   440  O  O   . VAL A 1 62  ? 7.122   -5.184  6.393   1.00 17.42 ? 62  VAL A O   1 
ATOM   441  C  CB  . VAL A 1 62  ? 9.176   -6.876  8.005   1.00 15.23 ? 62  VAL A CB  1 
ATOM   442  C  CG1 . VAL A 1 62  ? 8.162   -7.723  8.742   1.00 15.03 ? 62  VAL A CG1 1 
ATOM   443  C  CG2 . VAL A 1 62  ? 10.604  -7.376  8.277   1.00 13.26 ? 62  VAL A CG2 1 
ATOM   444  N  N   . TYR A 1 63  ? 6.459   -7.315  5.999   1.00 14.67 ? 63  TYR A N   1 
ATOM   445  C  CA  . TYR A 1 63  ? 5.052   -6.913  5.821   1.00 13.76 ? 63  TYR A CA  1 
ATOM   446  C  C   . TYR A 1 63  ? 4.148   -7.668  6.768   1.00 14.09 ? 63  TYR A C   1 
ATOM   447  O  O   . TYR A 1 63  ? 4.478   -8.764  7.171   1.00 15.57 ? 63  TYR A O   1 
ATOM   448  C  CB  . TYR A 1 63  ? 4.578   -7.073  4.378   1.00 13.50 ? 63  TYR A CB  1 
ATOM   449  C  CG  . TYR A 1 63  ? 4.139   -8.458  3.937   1.00 13.86 ? 63  TYR A CG  1 
ATOM   450  C  CD1 . TYR A 1 63  ? 5.047   -9.458  3.649   1.00 13.98 ? 63  TYR A CD1 1 
ATOM   451  C  CD2 . TYR A 1 63  ? 2.785   -8.763  3.823   1.00 13.64 ? 63  TYR A CD2 1 
ATOM   452  C  CE1 . TYR A 1 63  ? 4.643   -10.718 3.225   1.00 15.90 ? 63  TYR A CE1 1 
ATOM   453  C  CE2 . TYR A 1 63  ? 2.372   -10.032 3.499   1.00 14.56 ? 63  TYR A CE2 1 
ATOM   454  C  CZ  . TYR A 1 63  ? 3.288   -11.009 3.147   1.00 15.00 ? 63  TYR A CZ  1 
ATOM   455  O  OH  . TYR A 1 63  ? 2.841   -12.259 2.807   1.00 16.00 ? 63  TYR A OH  1 
ATOM   456  N  N   . TYR A 1 64  ? 3.046   -7.034  7.097   1.00 14.40 ? 64  TYR A N   1 
ATOM   457  C  CA  . TYR A 1 64  ? 2.056   -7.701  7.936   1.00 15.19 ? 64  TYR A CA  1 
ATOM   458  C  C   . TYR A 1 64  ? 1.014   -8.365  7.054   1.00 15.58 ? 64  TYR A C   1 
ATOM   459  O  O   . TYR A 1 64  ? 0.381   -7.784  6.165   1.00 14.63 ? 64  TYR A O   1 
ATOM   460  C  CB  . TYR A 1 64  ? 1.382   -6.718  8.876   1.00 15.80 ? 64  TYR A CB  1 
ATOM   461  C  CG  . TYR A 1 64  ? 0.352   -7.372  9.741   1.00 17.89 ? 64  TYR A CG  1 
ATOM   462  C  CD1 . TYR A 1 64  ? 0.785   -8.308  10.646  1.00 19.64 ? 64  TYR A CD1 1 
ATOM   463  C  CD2 . TYR A 1 64  ? -0.998  -7.097  9.629   1.00 17.14 ? 64  TYR A CD2 1 
ATOM   464  C  CE1 . TYR A 1 64  ? -0.127  -8.973  11.451  1.00 20.29 ? 64  TYR A CE1 1 
ATOM   465  C  CE2 . TYR A 1 64  ? -1.930  -7.762  10.422  1.00 19.24 ? 64  TYR A CE2 1 
ATOM   466  C  CZ  . TYR A 1 64  ? -1.475  -8.680  11.337  1.00 21.12 ? 64  TYR A CZ  1 
ATOM   467  O  OH  . TYR A 1 64  ? -2.353  -9.383  12.134  1.00 23.41 ? 64  TYR A OH  1 
ATOM   468  N  N   . CYS A 1 65  ? 0.760   -9.626  7.388   1.00 16.15 ? 65  CYS A N   1 
ATOM   469  C  CA  . CYS A 1 65  ? -0.219  -10.492 6.707   1.00 15.86 ? 65  CYS A CA  1 
ATOM   470  C  C   . CYS A 1 65  ? -1.358  -10.856 7.661   1.00 16.81 ? 65  CYS A C   1 
ATOM   471  O  O   . CYS A 1 65  ? -1.158  -11.757 8.510   1.00 18.46 ? 65  CYS A O   1 
ATOM   472  C  CB  . CYS A 1 65  ? 0.478   -11.734 6.167   1.00 15.93 ? 65  CYS A CB  1 
ATOM   473  S  SG  . CYS A 1 65  ? -0.664  -12.911 5.409   1.00 17.31 ? 65  CYS A SG  1 
ATOM   474  N  N   . SER A 1 66  ? -2.497  -10.202 7.525   1.00 17.48 ? 66  SER A N   1 
ATOM   475  C  CA  . SER A 1 66  ? -3.626  -10.399 8.462   1.00 18.16 ? 66  SER A CA  1 
ATOM   476  C  C   . SER A 1 66  ? -4.137  -11.837 8.351   1.00 15.46 ? 66  SER A C   1 
ATOM   477  O  O   . SER A 1 66  ? -4.521  -12.351 9.391   1.00 20.31 ? 66  SER A O   1 
ATOM   478  C  CB  . SER A 1 66  ? -4.729  -9.392  8.296   1.00 20.71 ? 66  SER A CB  1 
ATOM   479  O  OG  . SER A 1 66  ? -5.399  -9.470  7.040   1.00 25.77 ? 66  SER A OG  1 
ATOM   480  N  N   . SER A 1 67  ? -4.186  -12.422 7.167   1.00 16.98 ? 67  SER A N   1 
ATOM   481  C  CA  . SER A 1 67  ? -4.747  -13.792 6.960   1.00 16.35 ? 67  SER A CA  1 
ATOM   482  C  C   . SER A 1 67  ? -3.796  -14.829 7.594   1.00 18.07 ? 67  SER A C   1 
ATOM   483  O  O   . SER A 1 67  ? -4.147  -16.070 7.528   1.00 18.22 ? 67  SER A O   1 
ATOM   484  C  CB  . SER A 1 67  ? -5.006  -14.047 5.525   1.00 18.57 ? 67  SER A CB  1 
ATOM   485  O  OG  . SER A 1 67  ? -3.780  -14.120 4.756   1.00 19.22 ? 67  SER A OG  1 
ATOM   486  N  N   . ARG A 1 68  ? -2.671  -14.429 8.211   1.00 17.76 ? 68  ARG A N   1 
ATOM   487  C  CA  . ARG A 1 68  ? -1.727  -15.320 8.958   1.00 17.14 ? 68  ARG A CA  1 
ATOM   488  C  C   . ARG A 1 68  ? -1.399  -14.787 10.350  1.00 16.35 ? 68  ARG A C   1 
ATOM   489  O  O   . ARG A 1 68  ? -0.714  -15.468 11.098  1.00 19.85 ? 68  ARG A O   1 
ATOM   490  C  CB  . ARG A 1 68  ? -0.418  -15.578 8.205   1.00 17.61 ? 68  ARG A CB  1 
ATOM   491  C  CG  . ARG A 1 68  ? -0.584  -16.259 6.860   1.00 18.59 ? 68  ARG A CG  1 
ATOM   492  C  CD  . ARG A 1 68  ? -0.825  -17.751 7.052   1.00 17.93 ? 68  ARG A CD  1 
ATOM   493  N  NE  . ARG A 1 68  ? -1.005  -18.423 5.793   1.00 19.02 ? 68  ARG A NE  1 
ATOM   494  C  CZ  . ARG A 1 68  ? -2.161  -18.542 5.122   1.00 18.30 ? 68  ARG A CZ  1 
ATOM   495  N  NH1 . ARG A 1 68  ? -3.291  -18.049 5.603   1.00 18.89 ? 68  ARG A NH1 1 
ATOM   496  N  NH2 . ARG A 1 68  ? -2.204  -19.195 3.978   1.00 19.33 ? 68  ARG A NH2 1 
ATOM   497  N  N   . ARG A 1 69  ? -1.941  -13.610 10.701  1.00 19.19 ? 69  ARG A N   1 
ATOM   498  C  CA  . ARG A 1 69  ? -1.577  -12.884 11.933  1.00 19.49 ? 69  ARG A CA  1 
ATOM   499  C  C   . ARG A 1 69  ? -0.064  -12.903 12.089  1.00 18.47 ? 69  ARG A C   1 
ATOM   500  O  O   . ARG A 1 69  ? 0.452   -13.155 13.210  1.00 21.49 ? 69  ARG A O   1 
ATOM   501  C  CB  . ARG A 1 69  ? -2.302  -13.545 13.107  1.00 20.52 ? 69  ARG A CB  1 
ATOM   502  C  CG  . ARG A 1 69  ? -3.803  -13.346 13.080  1.00 21.94 ? 69  ARG A CG  1 
ATOM   503  C  CD  . ARG A 1 69  ? -4.371  -13.900 14.375  1.00 23.13 ? 69  ARG A CD  1 
ATOM   504  N  NE  . ARG A 1 69  ? -5.839  -13.818 14.432  1.00 26.42 ? 69  ARG A NE  1 
ATOM   505  C  CZ  . ARG A 1 69  ? -6.688  -14.850 14.534  1.00 24.70 ? 69  ARG A CZ  1 
ATOM   506  N  NH1 . ARG A 1 69  ? -6.247  -16.097 14.488  1.00 28.38 ? 69  ARG A NH1 1 
ATOM   507  N  NH2 . ARG A 1 69  ? -8.005  -14.620 14.583  1.00 27.19 ? 69  ARG A NH2 1 
ATOM   508  N  N   . LYS A 1 70  ? 0.693   -12.592 11.019  1.00 19.65 ? 70  LYS A N   1 
ATOM   509  C  CA  . LYS A 1 70  ? 2.162   -12.729 11.061  1.00 19.43 ? 70  LYS A CA  1 
ATOM   510  C  C   . LYS A 1 70  ? 2.787   -11.624 10.233  1.00 16.47 ? 70  LYS A C   1 
ATOM   511  O  O   . LYS A 1 70  ? 2.169   -11.248 9.223   1.00 18.14 ? 70  LYS A O   1 
ATOM   512  C  CB  . LYS A 1 70  ? 2.651   -14.076 10.502  1.00 23.34 ? 70  LYS A CB  1 
ATOM   513  C  CG  . LYS A 1 70  ? 2.625   -15.222 11.513  1.00 31.29 ? 70  LYS A CG  1 
ATOM   514  C  CD  . LYS A 1 70  ? 3.552   -16.379 11.207  1.00 36.26 ? 70  LYS A CD  1 
ATOM   515  C  CE  . LYS A 1 70  ? 3.290   -17.597 12.080  1.00 43.11 ? 70  LYS A CE  1 
ATOM   516  N  NZ  . LYS A 1 70  ? 1.844   -17.891 12.232  1.00 50.14 ? 70  LYS A NZ  1 
ATOM   517  N  N   . HIS A 1 71  ? 3.943   -11.204 10.680  1.00 17.98 ? 71  HIS A N   1 
ATOM   518  C  CA  . HIS A 1 71  ? 4.873   -10.351 9.897   1.00 16.47 ? 71  HIS A CA  1 
ATOM   519  C  C   . HIS A 1 71  ? 5.881   -11.259 9.204   1.00 18.84 ? 71  HIS A C   1 
ATOM   520  O  O   . HIS A 1 71  ? 6.455   -12.144 9.854   1.00 19.48 ? 71  HIS A O   1 
ATOM   521  C  CB  . HIS A 1 71  ? 5.556   -9.326  10.786  1.00 17.80 ? 71  HIS A CB  1 
ATOM   522  C  CG  . HIS A 1 71  ? 4.629   -8.374  11.434  1.00 17.10 ? 71  HIS A CG  1 
ATOM   523  N  ND1 . HIS A 1 71  ? 4.416   -7.049  10.981  1.00 19.64 ? 71  HIS A ND1 1 
ATOM   524  C  CD2 . HIS A 1 71  ? 3.873   -8.540  12.536  1.00 20.60 ? 71  HIS A CD2 1 
ATOM   525  C  CE1 . HIS A 1 71  ? 3.534   -6.474  11.784  1.00 19.66 ? 71  HIS A CE1 1 
ATOM   526  N  NE2 . HIS A 1 71  ? 3.222   -7.343  12.759  1.00 25.32 ? 71  HIS A NE2 1 
ATOM   527  N  N   . TYR A 1 72  ? 6.111   -11.050 7.911   1.00 16.78 ? 72  TYR A N   1 
ATOM   528  C  CA  . TYR A 1 72  ? 7.062   -11.818 7.098   1.00 14.85 ? 72  TYR A CA  1 
ATOM   529  C  C   . TYR A 1 72  ? 8.150   -10.905 6.542   1.00 14.02 ? 72  TYR A C   1 
ATOM   530  O  O   . TYR A 1 72  ? 7.842   -9.893  5.913   1.00 15.19 ? 72  TYR A O   1 
ATOM   531  C  CB  . TYR A 1 72  ? 6.363   -12.507 5.919   1.00 15.73 ? 72  TYR A CB  1 
ATOM   532  C  CG  . TYR A 1 72  ? 5.346   -13.550 6.298   1.00 17.27 ? 72  TYR A CG  1 
ATOM   533  C  CD1 . TYR A 1 72  ? 5.784   -14.798 6.700   1.00 19.21 ? 72  TYR A CD1 1 
ATOM   534  C  CD2 . TYR A 1 72  ? 3.978   -13.310 6.291   1.00 17.54 ? 72  TYR A CD2 1 
ATOM   535  C  CE1 . TYR A 1 72  ? 4.876   -15.810 6.996   1.00 18.24 ? 72  TYR A CE1 1 
ATOM   536  C  CE2 . TYR A 1 72  ? 3.048   -14.312 6.601   1.00 18.48 ? 72  TYR A CE2 1 
ATOM   537  C  CZ  . TYR A 1 72  ? 3.522   -15.558 6.978   1.00 21.49 ? 72  TYR A CZ  1 
ATOM   538  O  OH  . TYR A 1 72  ? 2.647   -16.579 7.286   1.00 20.63 ? 72  TYR A OH  1 
ATOM   539  N  N   . PRO A 1 73  ? 9.426   -11.336 6.621   1.00 14.45 ? 73  PRO A N   1 
ATOM   540  C  CA  . PRO A 1 73  ? 10.502  -10.652 5.920   1.00 14.02 ? 73  PRO A CA  1 
ATOM   541  C  C   . PRO A 1 73  ? 10.452  -11.051 4.455   1.00 14.80 ? 73  PRO A C   1 
ATOM   542  O  O   . PRO A 1 73  ? 10.295  -12.245 4.135   1.00 17.61 ? 73  PRO A O   1 
ATOM   543  C  CB  . PRO A 1 73  ? 11.813  -11.140 6.575   1.00 16.67 ? 73  PRO A CB  1 
ATOM   544  C  CG  . PRO A 1 73  ? 11.434  -12.405 7.274   1.00 19.71 ? 73  PRO A CG  1 
ATOM   545  C  CD  . PRO A 1 73  ? 9.921   -12.460 7.415   1.00 18.08 ? 73  PRO A CD  1 
ATOM   546  N  N   . VAL A 1 74  ? 10.564  -10.051 3.586   1.00 14.56 ? 74  VAL A N   1 
ATOM   547  C  CA  . VAL A 1 74  ? 10.486  -10.280 2.128   1.00 14.34 ? 74  VAL A CA  1 
ATOM   548  C  C   . VAL A 1 74  ? 11.523  -9.434  1.397   1.00 15.13 ? 74  VAL A C   1 
ATOM   549  O  O   . VAL A 1 74  ? 11.897  -8.342  1.835   1.00 14.89 ? 74  VAL A O   1 
ATOM   550  C  CB  . VAL A 1 74  ? 9.088   -9.977  1.577   1.00 15.54 ? 74  VAL A CB  1 
ATOM   551  C  CG1 . VAL A 1 74  ? 8.115   -11.028 2.042   1.00 15.49 ? 74  VAL A CG1 1 
ATOM   552  C  CG2 . VAL A 1 74  ? 8.636   -8.587  1.919   1.00 16.47 ? 74  VAL A CG2 1 
ATOM   553  N  N   . SER A 1 75  ? 11.938  -9.959  0.266   1.00 14.54 ? 75  SER A N   1 
ATOM   554  C  CA  . SER A 1 75  ? 12.575  -9.174  -0.804  1.00 15.01 ? 75  SER A CA  1 
ATOM   555  C  C   . SER A 1 75  ? 11.489  -8.826  -1.823  1.00 15.19 ? 75  SER A C   1 
ATOM   556  O  O   . SER A 1 75  ? 10.616  -9.646  -2.089  1.00 14.95 ? 75  SER A O   1 
ATOM   557  C  CB  . SER A 1 75  ? 13.626  -9.993  -1.481  1.00 19.59 ? 75  SER A CB  1 
ATOM   558  O  OG  . SER A 1 75  ? 14.648  -10.375 -0.599  1.00 25.58 ? 75  SER A OG  1 
ATOM   559  N  N   . PHE A 1 76  ? 11.508  -7.624  -2.375  1.00 14.91 ? 76  PHE A N   1 
ATOM   560  C  CA  . PHE A 1 76  ? 10.472  -7.155  -3.310  1.00 13.60 ? 76  PHE A CA  1 
ATOM   561  C  C   . PHE A 1 76  ? 11.090  -6.356  -4.436  1.00 14.57 ? 76  PHE A C   1 
ATOM   562  O  O   . PHE A 1 76  ? 12.195  -5.772  -4.323  1.00 15.25 ? 76  PHE A O   1 
ATOM   563  C  CB  . PHE A 1 76  ? 9.401   -6.367  -2.541  1.00 14.60 ? 76  PHE A CB  1 
ATOM   564  C  CG  . PHE A 1 76  ? 9.914   -5.193  -1.731  1.00 13.50 ? 76  PHE A CG  1 
ATOM   565  C  CD1 . PHE A 1 76  ? 10.284  -5.333  -0.411  1.00 13.56 ? 76  PHE A CD1 1 
ATOM   566  C  CD2 . PHE A 1 76  ? 9.997   -3.910  -2.281  1.00 15.20 ? 76  PHE A CD2 1 
ATOM   567  C  CE1 . PHE A 1 76  ? 10.757  -4.295  0.354   1.00 15.23 ? 76  PHE A CE1 1 
ATOM   568  C  CE2 . PHE A 1 76  ? 10.503  -2.861  -1.509  1.00 14.13 ? 76  PHE A CE2 1 
ATOM   569  C  CZ  . PHE A 1 76  ? 10.807  -3.048  -0.197  1.00 15.65 ? 76  PHE A CZ  1 
ATOM   570  N  N   . SER A 1 77  ? 10.433  -6.464  -5.590  1.00 15.41 ? 77  SER A N   1 
ATOM   571  C  CA  . SER A 1 77  ? 10.773  -5.706  -6.824  1.00 16.83 ? 77  SER A CA  1 
ATOM   572  C  C   . SER A 1 77  ? 10.552  -4.199  -6.676  1.00 18.00 ? 77  SER A C   1 
ATOM   573  O  O   . SER A 1 77  ? 9.779   -3.760  -5.876  1.00 19.17 ? 77  SER A O   1 
ATOM   574  C  CB  . SER A 1 77  ? 10.025  -6.272  -8.003  1.00 16.99 ? 77  SER A CB  1 
ATOM   575  O  OG  . SER A 1 77  ? 8.624   -6.129  -7.856  1.00 19.67 ? 77  SER A OG  1 
ATOM   576  N  N   . LYS A 1 78  ? 11.253  -3.385  -7.472  1.00 18.40 ? 78  LYS A N   1 
ATOM   577  C  CA  . LYS A 1 78  ? 11.057  -1.915  -7.491  1.00 19.84 ? 78  LYS A CA  1 
ATOM   578  C  C   . LYS A 1 78  ? 9.695   -1.619  -8.111  1.00 20.06 ? 78  LYS A C   1 
ATOM   579  O  O   . LYS A 1 78  ? 9.150   -2.395  -8.904  1.00 19.59 ? 78  LYS A O   1 
ATOM   580  C  CB  . LYS A 1 78  ? 12.242  -1.234  -8.186  1.00 21.58 ? 78  LYS A CB  1 
ATOM   581  C  CG  . LYS A 1 78  ? 13.590  -1.453  -7.522  1.00 21.32 ? 78  LYS A CG  1 
ATOM   582  C  CD  . LYS A 1 78  ? 14.750  -0.739  -8.224  1.00 24.13 ? 78  LYS A CD  1 
ATOM   583  C  CE  . LYS A 1 78  ? 15.994  -0.744  -7.363  1.00 27.62 ? 78  LYS A CE  1 
ATOM   584  N  NZ  . LYS A 1 78  ? 17.031  0.180   -7.893  1.00 34.99 ? 78  LYS A NZ  1 
ATOM   585  N  N   . PRO A 1 79  ? 9.092   -0.498  -7.673  1.00 20.17 ? 79  PRO A N   1 
ATOM   586  C  CA  . PRO A 1 79  ? 7.747   -0.153  -8.142  1.00 20.73 ? 79  PRO A CA  1 
ATOM   587  C  C   . PRO A 1 79  ? 7.682   -0.070  -9.667  1.00 20.87 ? 79  PRO A C   1 
ATOM   588  O  O   . PRO A 1 79  ? 8.487   0.646   -10.241 1.00 25.41 ? 79  PRO A O   1 
ATOM   589  C  CB  . PRO A 1 79  ? 7.469   1.204   -7.513  1.00 22.02 ? 79  PRO A CB  1 
ATOM   590  C  CG  . PRO A 1 79  ? 8.433   1.352   -6.377  1.00 23.33 ? 79  PRO A CG  1 
ATOM   591  C  CD  . PRO A 1 79  ? 9.593   0.397   -6.637  1.00 22.01 ? 79  PRO A CD  1 
ATOM   592  N  N   A SER A 1 80  ? 6.756   -0.823  -10.272 0.25 22.38 ? 80  SER A N   1 
ATOM   593  N  N   B SER A 1 80  ? 6.724   -0.751  -10.280 0.25 22.53 ? 80  SER A N   1 
ATOM   594  C  CA  A SER A 1 80  ? 6.582   -0.928  -11.747 0.25 23.72 ? 80  SER A CA  1 
ATOM   595  C  CA  B SER A 1 80  ? 6.569   -0.747  -11.754 0.25 23.16 ? 80  SER A CA  1 
ATOM   596  C  C   A SER A 1 80  ? 5.113   -1.070  -12.163 0.25 25.40 ? 80  SER A C   1 
ATOM   597  C  C   B SER A 1 80  ? 5.110   -0.938  -12.163 0.25 25.40 ? 80  SER A C   1 
ATOM   598  O  O   A SER A 1 80  ? 4.214   -1.296  -11.311 0.25 24.21 ? 80  SER A O   1 
ATOM   599  O  O   B SER A 1 80  ? 4.220   -0.970  -11.290 0.25 23.97 ? 80  SER A O   1 
ATOM   600  C  CB  A SER A 1 80  ? 7.337   -2.117  -12.292 0.25 25.79 ? 80  SER A CB  1 
ATOM   601  C  CB  B SER A 1 80  ? 7.441   -1.820  -12.347 0.25 25.79 ? 80  SER A CB  1 
ATOM   602  O  OG  A SER A 1 80  ? 8.319   -2.568  -11.368 0.25 30.51 ? 80  SER A OG  1 
ATOM   603  O  OG  B SER A 1 80  ? 8.747   -1.732  -11.794 0.25 29.83 ? 80  SER A OG  1 
ATOM   604  N  N   . LEU A 1 81  ? 4.890   -1.011  -13.476 1.00 24.01 ? 81  LEU A N   1 
ATOM   605  C  CA  . LEU A 1 81  ? 3.572   -1.226  -14.086 1.00 24.82 ? 81  LEU A CA  1 
ATOM   606  C  C   . LEU A 1 81  ? 3.453   -2.716  -14.376 1.00 24.31 ? 81  LEU A C   1 
ATOM   607  O  O   . LEU A 1 81  ? 4.221   -3.237  -15.235 1.00 28.84 ? 81  LEU A O   1 
ATOM   608  C  CB  . LEU A 1 81  ? 3.534   -0.363  -15.353 1.00 25.84 ? 81  LEU A CB  1 
ATOM   609  C  CG  . LEU A 1 81  ? 2.260   -0.482  -16.180 1.00 31.85 ? 81  LEU A CG  1 
ATOM   610  C  CD1 . LEU A 1 81  ? 1.038   -0.148  -15.343 1.00 32.10 ? 81  LEU A CD1 1 
ATOM   611  C  CD2 . LEU A 1 81  ? 2.349   0.448   -17.390 1.00 31.50 ? 81  LEU A CD2 1 
ATOM   612  N  N   . ILE A 1 82  ? 2.503   -3.382  -13.723 1.00 21.13 ? 82  ILE A N   1 
ATOM   613  C  CA  . ILE A 1 82  ? 2.382   -4.843  -13.629 1.00 22.97 ? 82  ILE A CA  1 
ATOM   614  C  C   . ILE A 1 82  ? 0.968   -5.257  -13.984 1.00 23.36 ? 82  ILE A C   1 
ATOM   615  O  O   . ILE A 1 82  ? 0.047   -4.711  -13.393 1.00 25.00 ? 82  ILE A O   1 
ATOM   616  C  CB  . ILE A 1 82  ? 2.700   -5.283  -12.183 1.00 26.13 ? 82  ILE A CB  1 
ATOM   617  C  CG1 . ILE A 1 82  ? 4.092   -4.791  -11.772 1.00 27.72 ? 82  ILE A CG1 1 
ATOM   618  C  CG2 . ILE A 1 82  ? 2.483   -6.781  -12.020 1.00 27.83 ? 82  ILE A CG2 1 
ATOM   619  C  CD1 . ILE A 1 82  ? 5.243   -5.375  -12.537 1.00 30.05 ? 82  ILE A CD1 1 
ATOM   620  N  N   . PHE A 1 83  ? 0.820   -6.271  -14.806 1.00 23.25 ? 83  PHE A N   1 
ATOM   621  C  CA  . PHE A 1 83  ? -0.500  -6.885  -15.044 1.00 22.82 ? 83  PHE A CA  1 
ATOM   622  C  C   . PHE A 1 83  ? -0.881  -7.676  -13.802 1.00 24.66 ? 83  PHE A C   1 
ATOM   623  O  O   . PHE A 1 83  ? -0.009  -8.458  -13.329 1.00 23.28 ? 83  PHE A O   1 
ATOM   624  C  CB  . PHE A 1 83  ? -0.518  -7.778  -16.274 1.00 25.16 ? 83  PHE A CB  1 
ATOM   625  C  CG  . PHE A 1 83  ? -1.908  -8.218  -16.629 1.00 24.48 ? 83  PHE A CG  1 
ATOM   626  C  CD1 . PHE A 1 83  ? -2.785  -7.320  -17.217 1.00 28.37 ? 83  PHE A CD1 1 
ATOM   627  C  CD2 . PHE A 1 83  ? -2.352  -9.503  -16.352 1.00 29.25 ? 83  PHE A CD2 1 
ATOM   628  C  CE1 . PHE A 1 83  ? -4.059  -7.728  -17.578 1.00 29.86 ? 83  PHE A CE1 1 
ATOM   629  C  CE2 . PHE A 1 83  ? -3.635  -9.899  -16.698 1.00 30.97 ? 83  PHE A CE2 1 
ATOM   630  C  CZ  . PHE A 1 83  ? -4.492  -8.994  -17.280 1.00 27.92 ? 83  PHE A CZ  1 
ATOM   631  N  N   . VAL A 1 84  ? -2.093  -7.450  -13.281 1.00 23.65 ? 84  VAL A N   1 
ATOM   632  C  CA  . VAL A 1 84  ? -2.609  -8.196  -12.120 1.00 21.68 ? 84  VAL A CA  1 
ATOM   633  C  C   . VAL A 1 84  ? -3.821  -8.993  -12.599 1.00 21.23 ? 84  VAL A C   1 
ATOM   634  O  O   . VAL A 1 84  ? -4.797  -8.378  -13.159 1.00 24.89 ? 84  VAL A O   1 
ATOM   635  C  CB  . VAL A 1 84  ? -2.937  -7.197  -10.989 1.00 23.00 ? 84  VAL A CB  1 
ATOM   636  C  CG1 . VAL A 1 84  ? -3.372  -7.869  -9.706  1.00 21.06 ? 84  VAL A CG1 1 
ATOM   637  C  CG2 . VAL A 1 84  ? -1.781  -6.231  -10.765 1.00 21.19 ? 84  VAL A CG2 1 
ATOM   638  N  N   . GLU A 1 85  ? -3.840  -10.276 -12.307 1.00 22.61 ? 85  GLU A N   1 
ATOM   639  C  CA  . GLU A 1 85  ? -4.997  -11.133 -12.595 1.00 24.52 ? 85  GLU A CA  1 
ATOM   640  C  C   . GLU A 1 85  ? -6.200  -10.626 -11.801 1.00 29.57 ? 85  GLU A C   1 
ATOM   641  O  O   . GLU A 1 85  ? -6.023  -9.884  -10.783 1.00 26.88 ? 85  GLU A O   1 
ATOM   642  C  CB  . GLU A 1 85  ? -4.641  -12.586 -12.297 1.00 25.67 ? 85  GLU A CB  1 
ATOM   643  C  CG  . GLU A 1 85  ? -3.566  -13.119 -13.235 1.00 28.83 ? 85  GLU A CG  1 
ATOM   644  C  CD  . GLU A 1 85  ? -3.872  -13.122 -14.727 1.00 33.17 ? 85  GLU A CD  1 
ATOM   645  O  OE1 . GLU A 1 85  ? -5.088  -13.103 -15.121 1.00 29.49 ? 85  GLU A OE1 1 
ATOM   646  O  OE2 . GLU A 1 85  ? -2.898  -13.181 -15.512 1.00 28.70 ? 85  GLU A OE2 1 
ATOM   647  N  N   . ALA A 1 86  ? -7.399  -10.994 -12.248 1.00 30.73 ? 86  ALA A N   1 
ATOM   648  C  CA  . ALA A 1 86  ? -8.641  -10.526 -11.602 1.00 28.36 ? 86  ALA A CA  1 
ATOM   649  C  C   . ALA A 1 86  ? -8.641  -10.994 -10.150 1.00 28.35 ? 86  ALA A C   1 
ATOM   650  O  O   . ALA A 1 86  ? -8.157  -12.110 -9.846  1.00 26.58 ? 86  ALA A O   1 
ATOM   651  C  CB  . ALA A 1 86  ? -9.872  -11.022 -12.338 1.00 28.28 ? 86  ALA A CB  1 
ATOM   652  N  N   . SER A 1 87  ? -9.224  -10.170 -9.283  1.00 29.73 ? 87  SER A N   1 
ATOM   653  C  CA  . SER A 1 87  ? -9.350  -10.436 -7.834  1.00 29.00 ? 87  SER A CA  1 
ATOM   654  C  C   . SER A 1 87  ? -10.811 -10.253 -7.453  1.00 32.62 ? 87  SER A C   1 
ATOM   655  O  O   . SER A 1 87  ? -11.603 -9.798  -8.314  1.00 30.18 ? 87  SER A O   1 
ATOM   656  C  CB  . SER A 1 87  ? -8.474  -9.508  -7.022  1.00 27.25 ? 87  SER A CB  1 
ATOM   657  O  OG  . SER A 1 87  ? -8.936  -8.169  -7.071  1.00 28.06 ? 87  SER A OG  1 
ATOM   658  N  N   . GLU A 1 88  ? -11.114 -10.472 -6.178  1.00 32.86 ? 88  GLU A N   1 
ATOM   659  C  CA  . GLU A 1 88  ? -12.497 -10.236 -5.695  1.00 34.66 ? 88  GLU A CA  1 
ATOM   660  C  C   . GLU A 1 88  ? -12.866 -8.750  -5.846  1.00 32.56 ? 88  GLU A C   1 
ATOM   661  O  O   . GLU A 1 88  ? -14.055 -8.492  -5.986  1.00 28.88 ? 88  GLU A O   1 
ATOM   662  C  CB  . GLU A 1 88  ? -12.679 -10.807 -4.286  1.00 36.58 ? 88  GLU A CB  1 
ATOM   663  C  CG  . GLU A 1 88  ? -12.538 -9.804  -3.162  1.00 44.07 ? 88  GLU A CG  1 
ATOM   664  C  CD  . GLU A 1 88  ? -12.919 -10.349 -1.791  1.00 47.17 ? 88  GLU A CD  1 
ATOM   665  O  OE1 . GLU A 1 88  ? -13.082 -11.592 -1.664  1.00 46.35 ? 88  GLU A OE1 1 
ATOM   666  O  OE2 . GLU A 1 88  ? -13.043 -9.521  -0.847  1.00 55.62 ? 88  GLU A OE2 1 
ATOM   667  N  N   . TYR A 1 89  ? -11.915 -7.808  -5.919  1.00 28.55 ? 89  TYR A N   1 
ATOM   668  C  CA  . TYR A 1 89  ? -12.181 -6.347  -5.815  1.00 26.64 ? 89  TYR A CA  1 
ATOM   669  C  C   . TYR A 1 89  ? -11.692 -5.566  -7.042  1.00 25.82 ? 89  TYR A C   1 
ATOM   670  O  O   . TYR A 1 89  ? -11.999 -4.346  -7.173  1.00 27.89 ? 89  TYR A O   1 
ATOM   671  C  CB  . TYR A 1 89  ? -11.577 -5.831  -4.502  1.00 27.22 ? 89  TYR A CB  1 
ATOM   672  C  CG  . TYR A 1 89  ? -10.122 -6.168  -4.306  1.00 26.52 ? 89  TYR A CG  1 
ATOM   673  C  CD1 . TYR A 1 89  ? -9.756  -7.319  -3.616  1.00 26.42 ? 89  TYR A CD1 1 
ATOM   674  C  CD2 . TYR A 1 89  ? -9.113  -5.418  -4.890  1.00 27.02 ? 89  TYR A CD2 1 
ATOM   675  C  CE1 . TYR A 1 89  ? -8.429  -7.665  -3.437  1.00 25.07 ? 89  TYR A CE1 1 
ATOM   676  C  CE2 . TYR A 1 89  ? -7.776  -5.747  -4.719  1.00 25.73 ? 89  TYR A CE2 1 
ATOM   677  C  CZ  . TYR A 1 89  ? -7.435  -6.872  -3.991  1.00 25.31 ? 89  TYR A CZ  1 
ATOM   678  O  OH  . TYR A 1 89  ? -6.137  -7.214  -3.793  1.00 23.10 ? 89  TYR A OH  1 
ATOM   679  N  N   . TYR A 1 90  ? -11.011 -6.219  -7.999  1.00 24.81 ? 90  TYR A N   1 
ATOM   680  C  CA  . TYR A 1 90  ? -10.676 -5.578  -9.303  1.00 23.92 ? 90  TYR A CA  1 
ATOM   681  C  C   . TYR A 1 90  ? -10.726 -6.567  -10.459 1.00 24.48 ? 90  TYR A C   1 
ATOM   682  O  O   . TYR A 1 90  ? -10.433 -7.744  -10.283 1.00 26.96 ? 90  TYR A O   1 
ATOM   683  C  CB  . TYR A 1 90  ? -9.244  -5.036  -9.309  1.00 24.43 ? 90  TYR A CB  1 
ATOM   684  C  CG  . TYR A 1 90  ? -9.085  -3.697  -8.633  1.00 25.73 ? 90  TYR A CG  1 
ATOM   685  C  CD1 . TYR A 1 90  ? -9.873  -2.590  -8.944  1.00 26.75 ? 90  TYR A CD1 1 
ATOM   686  C  CD2 . TYR A 1 90  ? -8.120  -3.525  -7.661  1.00 25.85 ? 90  TYR A CD2 1 
ATOM   687  C  CE1 . TYR A 1 90  ? -9.674  -1.347  -8.354  1.00 28.80 ? 90  TYR A CE1 1 
ATOM   688  C  CE2 . TYR A 1 90  ? -7.934  -2.301  -7.046  1.00 25.27 ? 90  TYR A CE2 1 
ATOM   689  C  CZ  . TYR A 1 90  ? -8.700  -1.198  -7.384  1.00 25.08 ? 90  TYR A CZ  1 
ATOM   690  O  OH  . TYR A 1 90  ? -8.478  -0.001  -6.746  1.00 26.13 ? 90  TYR A OH  1 
ATOM   691  N  N   . PRO A 1 91  ? -10.980 -6.084  -11.701 1.00 26.55 ? 91  PRO A N   1 
ATOM   692  C  CA  . PRO A 1 91  ? -10.811 -6.941  -12.871 1.00 27.78 ? 91  PRO A CA  1 
ATOM   693  C  C   . PRO A 1 91  ? -9.307  -7.182  -13.083 1.00 27.99 ? 91  PRO A C   1 
ATOM   694  O  O   . PRO A 1 91  ? -8.504  -6.440  -12.521 1.00 26.17 ? 91  PRO A O   1 
ATOM   695  C  CB  . PRO A 1 91  ? -11.374 -6.083  -14.007 1.00 27.42 ? 91  PRO A CB  1 
ATOM   696  C  CG  . PRO A 1 91  ? -11.004 -4.668  -13.588 1.00 28.21 ? 91  PRO A CG  1 
ATOM   697  C  CD  . PRO A 1 91  ? -11.206 -4.675  -12.075 1.00 26.91 ? 91  PRO A CD  1 
ATOM   698  N  N   . ALA A 1 92  ? -8.956  -8.143  -13.927 1.00 29.03 ? 92  ALA A N   1 
ATOM   699  C  CA  . ALA A 1 92  ? -7.603  -8.267  -14.490 1.00 30.14 ? 92  ALA A CA  1 
ATOM   700  C  C   . ALA A 1 92  ? -7.271  -6.923  -15.155 1.00 31.56 ? 92  ALA A C   1 
ATOM   701  O  O   . ALA A 1 92  ? -8.064  -6.434  -16.014 1.00 33.80 ? 92  ALA A O   1 
ATOM   702  C  CB  . ALA A 1 92  ? -7.563  -9.411  -15.469 1.00 31.57 ? 92  ALA A CB  1 
ATOM   703  N  N   . ARG A 1 93  ? -6.198  -6.269  -14.733 1.00 26.05 ? 93  ARG A N   1 
ATOM   704  C  CA  . ARG A 1 93  ? -5.821  -4.945  -15.259 1.00 28.02 ? 93  ARG A CA  1 
ATOM   705  C  C   . ARG A 1 93  ? -4.354  -4.713  -14.942 1.00 27.16 ? 93  ARG A C   1 
ATOM   706  O  O   . ARG A 1 93  ? -3.744  -5.547  -14.184 1.00 27.19 ? 93  ARG A O   1 
ATOM   707  C  CB  . ARG A 1 93  ? -6.721  -3.882  -14.629 1.00 25.77 ? 93  ARG A CB  1 
ATOM   708  C  CG  . ARG A 1 93  ? -6.481  -3.744  -13.134 1.00 27.38 ? 93  ARG A CG  1 
ATOM   709  C  CD  . ARG A 1 93  ? -7.328  -2.746  -12.403 1.00 30.81 ? 93  ARG A CD  1 
ATOM   710  N  NE  . ARG A 1 93  ? -6.618  -2.464  -11.171 1.00 27.06 ? 93  ARG A NE  1 
ATOM   711  C  CZ  . ARG A 1 93  ? -6.475  -1.249  -10.624 1.00 28.72 ? 93  ARG A CZ  1 
ATOM   712  N  NH1 . ARG A 1 93  ? -7.047  -0.178  -11.146 1.00 28.85 ? 93  ARG A NH1 1 
ATOM   713  N  NH2 . ARG A 1 93  ? -5.748  -1.116  -9.530  1.00 29.84 ? 93  ARG A NH2 1 
ATOM   714  N  N   . TYR A 1 94  ? -3.804  -3.653  -15.512 1.00 27.09 ? 94  TYR A N   1 
ATOM   715  C  CA  . TYR A 1 94  ? -2.477  -3.122  -15.167 1.00 25.36 ? 94  TYR A CA  1 
ATOM   716  C  C   . TYR A 1 94  ? -2.615  -2.254  -13.936 1.00 27.49 ? 94  TYR A C   1 
ATOM   717  O  O   . TYR A 1 94  ? -3.525  -1.387  -13.898 1.00 29.52 ? 94  TYR A O   1 
ATOM   718  C  CB  . TYR A 1 94  ? -1.866  -2.347  -16.324 1.00 26.09 ? 94  TYR A CB  1 
ATOM   719  C  CG  . TYR A 1 94  ? -1.243  -3.305  -17.311 1.00 28.57 ? 94  TYR A CG  1 
ATOM   720  C  CD1 . TYR A 1 94  ? 0.027   -3.810  -17.087 1.00 30.67 ? 94  TYR A CD1 1 
ATOM   721  C  CD2 . TYR A 1 94  ? -1.954  -3.799  -18.400 1.00 35.39 ? 94  TYR A CD2 1 
ATOM   722  C  CE1 . TYR A 1 94  ? 0.620   -4.705  -17.968 1.00 35.47 ? 94  TYR A CE1 1 
ATOM   723  C  CE2 . TYR A 1 94  ? -1.377  -4.701  -19.288 1.00 35.42 ? 94  TYR A CE2 1 
ATOM   724  C  CZ  . TYR A 1 94  ? -0.087  -5.159  -19.066 1.00 38.71 ? 94  TYR A CZ  1 
ATOM   725  O  OH  . TYR A 1 94  ? 0.522   -6.060  -19.893 1.00 42.24 ? 94  TYR A OH  1 
ATOM   726  N  N   . GLN A 1 95  ? -1.730  -2.454  -12.961 1.00 23.04 ? 95  GLN A N   1 
ATOM   727  C  CA  . GLN A 1 95  ? -1.654  -1.545  -11.777 1.00 20.99 ? 95  GLN A CA  1 
ATOM   728  C  C   . GLN A 1 95  ? -0.267  -0.915  -11.770 1.00 20.34 ? 95  GLN A C   1 
ATOM   729  O  O   . GLN A 1 95  ? 0.713   -1.693  -12.014 1.00 23.92 ? 95  GLN A O   1 
ATOM   730  C  CB  . GLN A 1 95  ? -1.936  -2.305  -10.476 1.00 20.99 ? 95  GLN A CB  1 
ATOM   731  C  CG  . GLN A 1 95  ? -1.965  -1.442  -9.229  1.00 24.74 ? 95  GLN A CG  1 
ATOM   732  C  CD  . GLN A 1 95  ? -2.594  -2.158  -8.059  1.00 20.65 ? 95  GLN A CD  1 
ATOM   733  O  OE1 . GLN A 1 95  ? -3.619  -2.804  -8.199  1.00 22.70 ? 95  GLN A OE1 1 
ATOM   734  N  NE2 . GLN A 1 95  ? -2.046  -1.944  -6.871  1.00 23.06 ? 95  GLN A NE2 1 
ATOM   735  N  N   . SER A 1 96  ? -0.130  0.386   -11.534 1.00 21.11 ? 96  SER A N   1 
ATOM   736  C  CA  . SER A 1 96  ? 1.168   1.108   -11.518 1.00 23.33 ? 96  SER A CA  1 
ATOM   737  C  C   . SER A 1 96  ? 1.734   1.204   -10.102 1.00 23.73 ? 96  SER A C   1 
ATOM   738  O  O   . SER A 1 96  ? 0.986   0.959   -9.138  1.00 20.02 ? 96  SER A O   1 
ATOM   739  C  CB  . SER A 1 96  ? 1.011   2.457   -12.118 1.00 23.36 ? 96  SER A CB  1 
ATOM   740  O  OG  . SER A 1 96  ? 0.080   3.184   -11.370 1.00 25.69 ? 96  SER A OG  1 
ATOM   741  N  N   . HIS A 1 97  ? 3.014   1.586   -10.019 1.00 20.80 ? 97  HIS A N   1 
ATOM   742  C  CA  . HIS A 1 97  ? 3.763   1.769   -8.753  1.00 21.93 ? 97  HIS A CA  1 
ATOM   743  C  C   . HIS A 1 97  ? 3.581   0.534   -7.865  1.00 20.23 ? 97  HIS A C   1 
ATOM   744  O  O   . HIS A 1 97  ? 3.479   0.725   -6.633  1.00 20.47 ? 97  HIS A O   1 
ATOM   745  C  CB  . HIS A 1 97  ? 3.250   3.035   -8.092  1.00 20.60 ? 97  HIS A CB  1 
ATOM   746  C  CG  . HIS A 1 97  ? 3.496   4.234   -8.931  1.00 22.47 ? 97  HIS A CG  1 
ATOM   747  N  ND1 . HIS A 1 97  ? 4.613   5.022   -8.754  1.00 21.47 ? 97  HIS A ND1 1 
ATOM   748  C  CD2 . HIS A 1 97  ? 2.763   4.774   -9.932  1.00 22.79 ? 97  HIS A CD2 1 
ATOM   749  C  CE1 . HIS A 1 97  ? 4.539   6.047   -9.606  1.00 23.98 ? 97  HIS A CE1 1 
ATOM   750  N  NE2 . HIS A 1 97  ? 3.419   5.907   -10.349 1.00 26.49 ? 97  HIS A NE2 1 
ATOM   751  N  N   . LEU A 1 98  ? 3.630   -0.654  -8.429  1.00 19.84 ? 98  LEU A N   1 
ATOM   752  C  CA  . LEU A 1 98  ? 3.365   -1.909  -7.701  1.00 18.17 ? 98  LEU A CA  1 
ATOM   753  C  C   . LEU A 1 98  ? 4.699   -2.662  -7.530  1.00 17.65 ? 98  LEU A C   1 
ATOM   754  O  O   . LEU A 1 98  ? 5.375   -2.894  -8.494  1.00 18.81 ? 98  LEU A O   1 
ATOM   755  C  CB  . LEU A 1 98  ? 2.362   -2.790  -8.433  1.00 18.53 ? 98  LEU A CB  1 
ATOM   756  C  CG  . LEU A 1 98  ? 1.947   -4.081  -7.750  1.00 19.54 ? 98  LEU A CG  1 
ATOM   757  C  CD1 . LEU A 1 98  ? 1.150   -3.763  -6.533  1.00 19.05 ? 98  LEU A CD1 1 
ATOM   758  C  CD2 . LEU A 1 98  ? 1.213   -5.067  -8.657  1.00 21.24 ? 98  LEU A CD2 1 
ATOM   759  N  N   . MET A 1 99  ? 4.903   -3.178  -6.331  1.00 17.29 ? 99  MET A N   1 
ATOM   760  C  CA  . MET A 1 99  ? 6.098   -3.991  -5.924  1.00 15.58 ? 99  MET A CA  1 
ATOM   761  C  C   . MET A 1 99  ? 5.642   -5.401  -5.623  1.00 16.27 ? 99  MET A C   1 
ATOM   762  O  O   . MET A 1 99  ? 4.598   -5.563  -4.971  1.00 17.13 ? 99  MET A O   1 
ATOM   763  C  CB  . MET A 1 99  ? 6.773   -3.408  -4.689  1.00 15.79 ? 99  MET A CB  1 
ATOM   764  C  CG  . MET A 1 99  ? 7.301   -1.970  -4.950  1.00 18.49 ? 99  MET A CG  1 
ATOM   765  S  SD  . MET A 1 99  ? 7.806   -1.157  -3.448  1.00 18.66 ? 99  MET A SD  1 
ATOM   766  C  CE  . MET A 1 99  ? 6.264   -0.933  -2.553  1.00 18.94 ? 99  MET A CE  1 
ATOM   767  N  N   . LEU A 1 100 ? 6.375   -6.417  -6.101  1.00 15.18 ? 100 LEU A N   1 
ATOM   768  C  CA  . LEU A 1 100 ? 5.952   -7.813  -5.869  1.00 14.87 ? 100 LEU A CA  1 
ATOM   769  C  C   . LEU A 1 100 ? 6.990   -8.491  -4.977  1.00 15.12 ? 100 LEU A C   1 
ATOM   770  O  O   . LEU A 1 100 ? 8.178   -8.238  -5.125  1.00 15.69 ? 100 LEU A O   1 
ATOM   771  C  CB  . LEU A 1 100 ? 5.819   -8.618  -7.165  1.00 16.61 ? 100 LEU A CB  1 
ATOM   772  C  CG  . LEU A 1 100 ? 4.690   -8.172  -8.079  1.00 18.05 ? 100 LEU A CG  1 
ATOM   773  C  CD1 . LEU A 1 100 ? 4.842   -8.778  -9.465  1.00 19.80 ? 100 LEU A CD1 1 
ATOM   774  C  CD2 . LEU A 1 100 ? 3.368   -8.520  -7.467  1.00 19.63 ? 100 LEU A CD2 1 
ATOM   775  N  N   . ALA A 1 101 ? 6.491   -9.398  -4.155  1.00 14.09 ? 101 ALA A N   1 
ATOM   776  C  CA  . ALA A 1 101 ? 7.301   -10.322 -3.346  1.00 13.84 ? 101 ALA A CA  1 
ATOM   777  C  C   . ALA A 1 101 ? 6.667   -11.697 -3.379  1.00 15.50 ? 101 ALA A C   1 
ATOM   778  O  O   . ALA A 1 101 ? 5.432   -11.817 -3.624  1.00 15.88 ? 101 ALA A O   1 
ATOM   779  C  CB  . ALA A 1 101 ? 7.463   -9.895  -1.906  1.00 13.99 ? 101 ALA A CB  1 
ATOM   780  N  N   . VAL A 1 102 ? 7.459   -12.701 -3.033  1.00 15.27 ? 102 VAL A N   1 
ATOM   781  C  CA  . VAL A 1 102 ? 6.939   -14.062 -2.811  1.00 16.02 ? 102 VAL A CA  1 
ATOM   782  C  C   . VAL A 1 102 ? 6.374   -14.160 -1.398  1.00 16.36 ? 102 VAL A C   1 
ATOM   783  O  O   . VAL A 1 102 ? 7.104   -13.968 -0.420  1.00 16.33 ? 102 VAL A O   1 
ATOM   784  C  CB  . VAL A 1 102 ? 8.025   -15.121 -3.098  1.00 16.35 ? 102 VAL A CB  1 
ATOM   785  C  CG1 . VAL A 1 102 ? 7.477   -16.514 -2.791  1.00 17.26 ? 102 VAL A CG1 1 
ATOM   786  C  CG2 . VAL A 1 102 ? 8.520   -15.013 -4.540  1.00 15.61 ? 102 VAL A CG2 1 
ATOM   787  N  N   . GLY A 1 103 ? 5.078   -14.411 -1.298  1.00 16.42 ? 103 GLY A N   1 
ATOM   788  C  CA  . GLY A 1 103 ? 4.428   -14.518 0.014   1.00 16.18 ? 103 GLY A CA  1 
ATOM   789  C  C   . GLY A 1 103 ? 2.930   -14.647 -0.159  1.00 19.03 ? 103 GLY A C   1 
ATOM   790  O  O   . GLY A 1 103 ? 2.421   -14.573 -1.261  1.00 19.20 ? 103 GLY A O   1 
ATOM   791  N  N   . HIS A 1 104 ? 2.266   -14.716 0.964   1.00 18.99 ? 104 HIS A N   1 
ATOM   792  C  CA  . HIS A 1 104 ? 0.839   -14.968 1.061   1.00 18.84 ? 104 HIS A CA  1 
ATOM   793  C  C   . HIS A 1 104 ? 0.113   -13.639 1.087   1.00 17.92 ? 104 HIS A C   1 
ATOM   794  O  O   . HIS A 1 104 ? 0.425   -12.774 1.952   1.00 17.45 ? 104 HIS A O   1 
ATOM   795  C  CB  . HIS A 1 104 ? 0.534   -15.777 2.319   1.00 17.92 ? 104 HIS A CB  1 
ATOM   796  C  CG  . HIS A 1 104 ? -0.910  -16.128 2.305   1.00 20.70 ? 104 HIS A CG  1 
ATOM   797  N  ND1 . HIS A 1 104 ? -1.436  -16.953 1.322   1.00 20.78 ? 104 HIS A ND1 1 
ATOM   798  C  CD2 . HIS A 1 104 ? -1.942  -15.688 3.063   1.00 19.61 ? 104 HIS A CD2 1 
ATOM   799  C  CE1 . HIS A 1 104 ? -2.751  -17.048 1.518   1.00 19.67 ? 104 HIS A CE1 1 
ATOM   800  N  NE2 . HIS A 1 104 ? -3.078  -16.289 2.589   1.00 21.01 ? 104 HIS A NE2 1 
ATOM   801  N  N   . SER A 1 105 ? -0.939  -13.557 0.269   1.00 16.42 ? 105 SER A N   1 
ATOM   802  C  CA  . SER A 1 105 ? -1.817  -12.367 0.230   1.00 17.10 ? 105 SER A CA  1 
ATOM   803  C  C   . SER A 1 105 ? -3.176  -12.801 -0.290  1.00 19.21 ? 105 SER A C   1 
ATOM   804  O  O   . SER A 1 105 ? -3.253  -13.234 -1.477  1.00 22.95 ? 105 SER A O   1 
ATOM   805  C  CB  . SER A 1 105 ? -1.236  -11.266 -0.617  1.00 18.26 ? 105 SER A CB  1 
ATOM   806  O  OG  . SER A 1 105 ? -2.162  -10.174 -0.710  1.00 18.31 ? 105 SER A OG  1 
ATOM   807  N  N   . GLU A 1 106 ? -4.161  -12.526 0.506   1.00 18.62 ? 106 GLU A N   1 
ATOM   808  C  CA  . GLU A 1 106 ? -5.595  -12.682 0.183   1.00 22.13 ? 106 GLU A CA  1 
ATOM   809  C  C   . GLU A 1 106 ? -6.214  -11.308 0.208   1.00 23.25 ? 106 GLU A C   1 
ATOM   810  O  O   . GLU A 1 106 ? -5.644  -10.346 0.750   1.00 20.49 ? 106 GLU A O   1 
ATOM   811  C  CB  . GLU A 1 106 ? -6.267  -13.536 1.252   1.00 25.34 ? 106 GLU A CB  1 
ATOM   812  C  CG  . GLU A 1 106 ? -5.822  -14.953 1.267   1.00 27.43 ? 106 GLU A CG  1 
ATOM   813  C  CD  . GLU A 1 106 ? -6.396  -15.702 2.462   1.00 26.27 ? 106 GLU A CD  1 
ATOM   814  O  OE1 . GLU A 1 106 ? -7.488  -15.346 2.958   1.00 32.22 ? 106 GLU A OE1 1 
ATOM   815  O  OE2 . GLU A 1 106 ? -5.717  -16.588 2.926   1.00 24.95 ? 106 GLU A OE2 1 
ATOM   816  N  N   . PRO A 1 107 ? -7.443  -11.166 -0.319  1.00 24.59 ? 107 PRO A N   1 
ATOM   817  C  CA  . PRO A 1 107 ? -8.054  -9.843  -0.383  1.00 24.58 ? 107 PRO A CA  1 
ATOM   818  C  C   . PRO A 1 107 ? -8.103  -9.046  0.924   1.00 22.82 ? 107 PRO A C   1 
ATOM   819  O  O   . PRO A 1 107 ? -7.840  -7.823  0.903   1.00 23.91 ? 107 PRO A O   1 
ATOM   820  C  CB  . PRO A 1 107 ? -9.443  -10.209 -0.908  1.00 24.35 ? 107 PRO A CB  1 
ATOM   821  C  CG  . PRO A 1 107 ? -9.147  -11.318 -1.874  1.00 25.35 ? 107 PRO A CG  1 
ATOM   822  C  CD  . PRO A 1 107 ? -8.170  -12.198 -1.104  1.00 24.54 ? 107 PRO A CD  1 
ATOM   823  N  N   . GLY A 1 108 ? -8.429  -9.705  2.030   1.00 21.63 ? 108 GLY A N   1 
ATOM   824  C  CA  . GLY A 1 108 ? -8.535  -9.085  3.347   1.00 23.42 ? 108 GLY A CA  1 
ATOM   825  C  C   . GLY A 1 108 ? -7.190  -8.577  3.831   1.00 20.26 ? 108 GLY A C   1 
ATOM   826  O  O   . GLY A 1 108 ? -7.203  -7.820  4.786   1.00 19.84 ? 108 GLY A O   1 
ATOM   827  N  N   . ASP A 1 109 ? -6.077  -9.045  3.236   1.00 20.04 ? 109 ASP A N   1 
ATOM   828  C  CA  . ASP A 1 109 ? -4.731  -8.600  3.666   1.00 17.96 ? 109 ASP A CA  1 
ATOM   829  C  C   . ASP A 1 109 ? -4.431  -7.205  3.149   1.00 18.83 ? 109 ASP A C   1 
ATOM   830  O  O   . ASP A 1 109 ? -3.488  -6.586  3.645   1.00 17.25 ? 109 ASP A O   1 
ATOM   831  C  CB  . ASP A 1 109 ? -3.628  -9.545  3.191   1.00 16.75 ? 109 ASP A CB  1 
ATOM   832  C  CG  . ASP A 1 109 ? -3.829  -10.886 3.868   1.00 15.79 ? 109 ASP A CG  1 
ATOM   833  O  OD1 . ASP A 1 109 ? -4.133  -10.830 5.079   1.00 18.90 ? 109 ASP A OD1 1 
ATOM   834  O  OD2 . ASP A 1 109 ? -3.570  -11.942 3.255   1.00 18.83 ? 109 ASP A OD2 1 
ATOM   835  N  N   . CYS A 1 110 ? -5.225  -6.687  2.229   1.00 16.79 ? 110 CYS A N   1 
ATOM   836  C  CA  . CYS A 1 110 ? -4.970  -5.344  1.697   1.00 16.47 ? 110 CYS A CA  1 
ATOM   837  C  C   . CYS A 1 110 ? -4.918  -4.333  2.853   1.00 17.41 ? 110 CYS A C   1 
ATOM   838  O  O   . CYS A 1 110 ? -5.776  -4.339  3.747   1.00 18.60 ? 110 CYS A O   1 
ATOM   839  C  CB  . CYS A 1 110 ? -6.048  -4.951  0.692   1.00 18.10 ? 110 CYS A CB  1 
ATOM   840  S  SG  . CYS A 1 110 ? -5.817  -5.689  -0.924  1.00 20.47 ? 110 CYS A SG  1 
ATOM   841  N  N   . GLY A 1 111 ? -3.964  -3.407  2.785   1.00 16.16 ? 111 GLY A N   1 
ATOM   842  C  CA  . GLY A 1 111 ? -3.746  -2.382  3.801   1.00 16.09 ? 111 GLY A CA  1 
ATOM   843  C  C   . GLY A 1 111 ? -2.654  -2.771  4.785   1.00 14.92 ? 111 GLY A C   1 
ATOM   844  O  O   . GLY A 1 111 ? -2.248  -1.906  5.550   1.00 15.83 ? 111 GLY A O   1 
ATOM   845  N  N   . GLY A 1 112 ? -2.169  -4.027  4.810   1.00 14.59 ? 112 GLY A N   1 
ATOM   846  C  CA  . GLY A 1 112 ? -1.055  -4.399  5.710   1.00 14.42 ? 112 GLY A CA  1 
ATOM   847  C  C   . GLY A 1 112 ? 0.193   -3.613  5.327   1.00 14.03 ? 112 GLY A C   1 
ATOM   848  O  O   . GLY A 1 112 ? 0.426   -3.406  4.131   1.00 14.53 ? 112 GLY A O   1 
ATOM   849  N  N   . ILE A 1 113 ? 0.912   -3.152  6.318   1.00 14.59 ? 113 ILE A N   1 
ATOM   850  C  CA  . ILE A 1 113 ? 2.108   -2.294  6.047   1.00 14.59 ? 113 ILE A CA  1 
ATOM   851  C  C   . ILE A 1 113 ? 3.285   -3.165  5.627   1.00 13.81 ? 113 ILE A C   1 
ATOM   852  O  O   . ILE A 1 113 ? 3.537   -4.209  6.266   1.00 14.35 ? 113 ILE A O   1 
ATOM   853  C  CB  . ILE A 1 113 ? 2.419   -1.475  7.319   1.00 19.20 ? 113 ILE A CB  1 
ATOM   854  C  CG1 . ILE A 1 113 ? 1.410   -0.315  7.354   1.00 23.58 ? 113 ILE A CG1 1 
ATOM   855  C  CG2 . ILE A 1 113 ? 3.881   -0.982  7.350   1.00 18.81 ? 113 ILE A CG2 1 
ATOM   856  C  CD1 . ILE A 1 113 ? 1.558   0.671   8.473   1.00 28.51 ? 113 ILE A CD1 1 
ATOM   857  N  N   . LEU A 1 114 ? 4.043   -2.684  4.638   1.00 14.82 ? 114 LEU A N   1 
ATOM   858  C  CA  . LEU A 1 114 ? 5.418   -3.144  4.319   1.00 13.93 ? 114 LEU A CA  1 
ATOM   859  C  C   . LEU A 1 114 ? 6.340   -2.036  4.845   1.00 14.08 ? 114 LEU A C   1 
ATOM   860  O  O   . LEU A 1 114 ? 6.070   -0.864  4.516   1.00 15.10 ? 114 LEU A O   1 
ATOM   861  C  CB  . LEU A 1 114 ? 5.514   -3.294  2.793   1.00 14.86 ? 114 LEU A CB  1 
ATOM   862  C  CG  . LEU A 1 114 ? 6.911   -3.536  2.244   1.00 15.41 ? 114 LEU A CG  1 
ATOM   863  C  CD1 . LEU A 1 114 ? 7.457   -4.879  2.694   1.00 14.81 ? 114 LEU A CD1 1 
ATOM   864  C  CD2 . LEU A 1 114 ? 6.913   -3.418  0.693   1.00 14.33 ? 114 LEU A CD2 1 
ATOM   865  N  N   . ARG A 1 115 ? 7.292   -2.441  5.674   0.32 13.69 ? 115 ARG A N   1 
ATOM   866  C  CA  . ARG A 1 115 ? 8.201   -1.435  6.154   0.32 15.00 ? 115 ARG A CA  1 
ATOM   867  C  C   . ARG A 1 115 ? 9.673   -1.919  6.071   0.32 15.37 ? 115 ARG A C   1 
ATOM   868  O  O   . ARG A 1 115 ? 9.988   -3.023  5.841   0.32 15.63 ? 115 ARG A O   1 
ATOM   869  C  CB  . ARG A 1 115 ? 7.765   -1.260  7.589   0.32 16.53 ? 115 ARG A CB  1 
ATOM   870  C  CG  . ARG A 1 115 ? 7.932   -2.504  8.477   0.32 16.87 ? 115 ARG A CG  1 
ATOM   871  C  CD  . ARG A 1 115 ? 7.882   -2.529  9.991   0.32 20.66 ? 115 ARG A CD  1 
ATOM   872  N  NE  . ARG A 1 115 ? 6.501   -2.713  10.378  0.32 26.61 ? 115 ARG A NE  1 
ATOM   873  C  CZ  . ARG A 1 115 ? 5.573   -1.820  10.827  0.32 31.30 ? 115 ARG A CZ  1 
ATOM   874  N  NH1 . ARG A 1 115 ? 5.900   -0.605  11.326  0.32 34.28 ? 115 ARG A NH1 1 
ATOM   875  N  NH2 . ARG A 1 115 ? 4.345   -2.308  10.985  0.32 33.32 ? 115 ARG A NH2 1 
ATOM   876  N  N   . CYS A 1 116 ? 10.577  -0.939  6.038   1.00 16.05 ? 116 CYS A N   1 
ATOM   877  C  CA  . CYS A 1 116 ? 12.056  -1.132  5.962   1.00 15.91 ? 116 CYS A CA  1 
ATOM   878  C  C   . CYS A 1 116 ? 12.649  -0.351  7.151   1.00 17.49 ? 116 CYS A C   1 
ATOM   879  O  O   . CYS A 1 116 ? 11.922  0.299   7.902   1.00 19.52 ? 116 CYS A O   1 
ATOM   880  C  CB  . CYS A 1 116 ? 12.553  -0.737  4.561   1.00 14.56 ? 116 CYS A CB  1 
ATOM   881  S  SG  . CYS A 1 116 ? 12.479  1.074   4.308   1.00 16.31 ? 116 CYS A SG  1 
ATOM   882  N  N   . GLN A 1 117 ? 13.980  -0.306  7.186   1.00 20.63 ? 117 GLN A N   1 
ATOM   883  C  CA  . GLN A 1 117 ? 14.707  0.497   8.187   1.00 24.59 ? 117 GLN A CA  1 
ATOM   884  C  C   . GLN A 1 117 ? 14.307  1.973   8.123   1.00 24.88 ? 117 GLN A C   1 
ATOM   885  O  O   . GLN A 1 117 ? 14.399  2.648   9.142   1.00 28.75 ? 117 GLN A O   1 
ATOM   886  C  CB  . GLN A 1 117 ? 16.204  0.288   7.994   1.00 27.00 ? 117 GLN A CB  1 
ATOM   887  C  CG  . GLN A 1 117 ? 16.768  0.923   6.729   1.00 27.68 ? 117 GLN A CG  1 
ATOM   888  C  CD  . GLN A 1 117 ? 18.231  0.586   6.552   1.00 36.73 ? 117 GLN A CD  1 
ATOM   889  O  OE1 . GLN A 1 117 ? 18.586  -0.332  5.813   1.00 40.10 ? 117 GLN A OE1 1 
ATOM   890  N  NE2 . GLN A 1 117 ? 19.081  1.313   7.267   1.00 39.15 ? 117 GLN A NE2 1 
ATOM   891  N  N   . HIS A 1 118 ? 13.848  2.493   6.985   1.00 20.66 ? 118 HIS A N   1 
ATOM   892  C  CA  . HIS A 1 118 ? 13.563  3.933   6.857   1.00 19.96 ? 118 HIS A CA  1 
ATOM   893  C  C   . HIS A 1 118 ? 12.100  4.269   7.170   1.00 22.18 ? 118 HIS A C   1 
ATOM   894  O  O   . HIS A 1 118 ? 11.790  5.471   7.173   1.00 25.63 ? 118 HIS A O   1 
ATOM   895  C  CB  . HIS A 1 118 ? 13.923  4.331   5.416   1.00 18.59 ? 118 HIS A CB  1 
ATOM   896  C  CG  . HIS A 1 118 ? 15.321  3.983   5.031   1.00 19.66 ? 118 HIS A CG  1 
ATOM   897  N  ND1 . HIS A 1 118 ? 15.679  2.923   4.234   1.00 16.54 ? 118 HIS A ND1 1 
ATOM   898  C  CD2 . HIS A 1 118 ? 16.459  4.683   5.224   1.00 18.92 ? 118 HIS A CD2 1 
ATOM   899  C  CE1 . HIS A 1 118 ? 16.979  2.865   4.119   1.00 19.73 ? 118 HIS A CE1 1 
ATOM   900  N  NE2 . HIS A 1 118 ? 17.471  3.979   4.678   1.00 19.84 ? 118 HIS A NE2 1 
ATOM   901  N  N   . GLY A 1 119 ? 11.240  3.262   7.453   1.00 19.04 ? 119 GLY A N   1 
ATOM   902  C  CA  . GLY A 1 119 ? 9.823   3.549   7.721   1.00 19.82 ? 119 GLY A CA  1 
ATOM   903  C  C   . GLY A 1 119 ? 8.891   2.749   6.829   1.00 17.58 ? 119 GLY A C   1 
ATOM   904  O  O   . GLY A 1 119 ? 9.321   1.675   6.323   1.00 17.91 ? 119 GLY A O   1 
ATOM   905  N  N   . VAL A 1 120 ? 7.707   3.281   6.573   1.00 16.61 ? 120 VAL A N   1 
ATOM   906  C  CA  . VAL A 1 120 ? 6.664   2.584   5.802   1.00 16.59 ? 120 VAL A CA  1 
ATOM   907  C  C   . VAL A 1 120 ? 6.949   2.727   4.312   1.00 16.68 ? 120 VAL A C   1 
ATOM   908  O  O   . VAL A 1 120 ? 7.132   3.858   3.783   1.00 17.95 ? 120 VAL A O   1 
ATOM   909  C  CB  . VAL A 1 120 ? 5.276   3.122   6.177   1.00 17.39 ? 120 VAL A CB  1 
ATOM   910  C  CG1 . VAL A 1 120 ? 4.215   2.568   5.233   1.00 17.21 ? 120 VAL A CG1 1 
ATOM   911  C  CG2 . VAL A 1 120 ? 4.919   2.885   7.607   1.00 18.03 ? 120 VAL A CG2 1 
ATOM   912  N  N   . VAL A 1 121 ? 7.037   1.609   3.611   1.00 14.75 ? 121 VAL A N   1 
ATOM   913  C  CA  . VAL A 1 121 ? 7.336   1.545   2.165   1.00 15.06 ? 121 VAL A CA  1 
ATOM   914  C  C   . VAL A 1 121 ? 6.028   1.590   1.357   1.00 14.03 ? 121 VAL A C   1 
ATOM   915  O  O   . VAL A 1 121 ? 5.953   2.125   0.250   1.00 16.67 ? 121 VAL A O   1 
ATOM   916  C  CB  . VAL A 1 121 ? 8.141   0.263   1.901   1.00 14.80 ? 121 VAL A CB  1 
ATOM   917  C  CG1 . VAL A 1 121 ? 8.337   0.006   0.418   1.00 14.66 ? 121 VAL A CG1 1 
ATOM   918  C  CG2 . VAL A 1 121 ? 9.424   0.286   2.710   1.00 16.27 ? 121 VAL A CG2 1 
ATOM   919  N  N   . GLY A 1 122 ? 5.018   0.875   1.831   1.00 14.29 ? 122 GLY A N   1 
ATOM   920  C  CA  . GLY A 1 122 ? 3.796   0.686   1.045   1.00 17.41 ? 122 GLY A CA  1 
ATOM   921  C  C   . GLY A 1 122 ? 2.791   -0.143  1.808   1.00 14.33 ? 122 GLY A C   1 
ATOM   922  O  O   . GLY A 1 122 ? 2.992   -0.470  2.990   1.00 14.94 ? 122 GLY A O   1 
ATOM   923  N  N   . ILE A 1 123 ? 1.666   -0.446  1.146   1.00 15.51 ? 123 ILE A N   1 
ATOM   924  C  CA  . ILE A 1 123 ? 0.600   -1.294  1.745   1.00 14.14 ? 123 ILE A CA  1 
ATOM   925  C  C   . ILE A 1 123 ? 0.255   -2.426  0.780   1.00 14.36 ? 123 ILE A C   1 
ATOM   926  O  O   . ILE A 1 123 ? 0.369   -2.226  -0.422  1.00 13.59 ? 123 ILE A O   1 
ATOM   927  C  CB  . ILE A 1 123 ? -0.680  -0.503  2.122   1.00 14.73 ? 123 ILE A CB  1 
ATOM   928  C  CG1 . ILE A 1 123 ? -1.198  0.364   0.994   1.00 15.82 ? 123 ILE A CG1 1 
ATOM   929  C  CG2 . ILE A 1 123 ? -0.444  0.295   3.392   1.00 14.14 ? 123 ILE A CG2 1 
ATOM   930  C  CD1 . ILE A 1 123 ? -2.531  1.022   1.277   1.00 16.45 ? 123 ILE A CD1 1 
ATOM   931  N  N   . VAL A 1 124 ? -0.141  -3.544  1.335   1.00 14.90 ? 124 VAL A N   1 
ATOM   932  C  CA  . VAL A 1 124 ? -0.575  -4.708  0.540   1.00 14.32 ? 124 VAL A CA  1 
ATOM   933  C  C   . VAL A 1 124 ? -1.725  -4.270  -0.341  1.00 15.10 ? 124 VAL A C   1 
ATOM   934  O  O   . VAL A 1 124 ? -2.673  -3.596  0.150   1.00 15.11 ? 124 VAL A O   1 
ATOM   935  C  CB  . VAL A 1 124 ? -0.982  -5.882  1.420   1.00 14.11 ? 124 VAL A CB  1 
ATOM   936  C  CG1 . VAL A 1 124 ? -1.664  -6.982  0.615   1.00 14.53 ? 124 VAL A CG1 1 
ATOM   937  C  CG2 . VAL A 1 124 ? 0.148   -6.443  2.267   1.00 13.77 ? 124 VAL A CG2 1 
ATOM   938  N  N   . SER A 1 125 ? -1.651  -4.636  -1.607  1.00 15.00 ? 125 SER A N   1 
ATOM   939  C  CA  . SER A 1 125 ? -2.659  -4.237  -2.626  1.00 15.71 ? 125 SER A CA  1 
ATOM   940  C  C   . SER A 1 125 ? -3.082  -5.400  -3.519  1.00 18.05 ? 125 SER A C   1 
ATOM   941  O  O   . SER A 1 125 ? -4.251  -5.378  -4.004  1.00 19.50 ? 125 SER A O   1 
ATOM   942  C  CB  . SER A 1 125 ? -2.190  -3.086  -3.466  1.00 16.77 ? 125 SER A CB  1 
ATOM   943  O  OG  . SER A 1 125 ? -3.140  -2.695  -4.489  1.00 19.71 ? 125 SER A OG  1 
ATOM   944  N  N   . THR A 1 126 ? -2.215  -6.364  -3.801  1.00 17.40 ? 126 THR A N   1 
ATOM   945  C  CA  . THR A 1 126 ? -2.560  -7.539  -4.646  1.00 16.92 ? 126 THR A CA  1 
ATOM   946  C  C   . THR A 1 126 ? -2.130  -8.851  -4.009  1.00 16.51 ? 126 THR A C   1 
ATOM   947  O  O   . THR A 1 126 ? -1.282  -8.888  -3.092  1.00 15.86 ? 126 THR A O   1 
ATOM   948  C  CB  . THR A 1 126 ? -1.913  -7.422  -6.041  1.00 18.85 ? 126 THR A CB  1 
ATOM   949  O  OG1 . THR A 1 126 ? -0.511  -7.714  -5.988  1.00 17.42 ? 126 THR A OG1 1 
ATOM   950  C  CG2 . THR A 1 126 ? -2.087  -6.071  -6.683  1.00 18.41 ? 126 THR A CG2 1 
ATOM   951  N  N   . GLY A 1 127 ? -2.621  -9.960  -4.554  1.00 18.91 ? 127 GLY A N   1 
ATOM   952  C  CA  . GLY A 1 127 ? -2.328  -11.299 -4.056  1.00 17.96 ? 127 GLY A CA  1 
ATOM   953  C  C   . GLY A 1 127 ? -2.606  -12.321 -5.135  1.00 19.63 ? 127 GLY A C   1 
ATOM   954  O  O   . GLY A 1 127 ? -2.944  -11.952 -6.286  1.00 22.46 ? 127 GLY A O   1 
ATOM   955  N  N   . GLY A 1 128 ? -2.437  -13.573 -4.778  1.00 20.07 ? 128 GLY A N   1 
ATOM   956  C  CA  . GLY A 1 128 ? -2.686  -14.716 -5.683  1.00 19.75 ? 128 GLY A CA  1 
ATOM   957  C  C   . GLY A 1 128 ? -1.388  -15.292 -6.214  1.00 22.86 ? 128 GLY A C   1 
ATOM   958  O  O   . GLY A 1 128 ? -0.337  -14.573 -6.326  1.00 21.59 ? 128 GLY A O   1 
ATOM   959  N  N   . ASN A 1 129 ? -1.460  -16.559 -6.602  1.00 24.40 ? 129 ASN A N   1 
ATOM   960  C  CA  . ASN A 1 129 ? -0.352  -17.292 -7.266  1.00 24.85 ? 129 ASN A CA  1 
ATOM   961  C  C   . ASN A 1 129 ? 0.940   -17.088 -6.478  1.00 22.84 ? 129 ASN A C   1 
ATOM   962  O  O   . ASN A 1 129 ? 1.992   -16.990 -7.110  1.00 23.48 ? 129 ASN A O   1 
ATOM   963  C  CB  . ASN A 1 129 ? -0.082  -16.844 -8.694  1.00 26.72 ? 129 ASN A CB  1 
ATOM   964  C  CG  . ASN A 1 129 ? -1.129  -17.309 -9.678  1.00 33.18 ? 129 ASN A CG  1 
ATOM   965  O  OD1 . ASN A 1 129 ? -1.651  -18.427 -9.582  1.00 33.11 ? 129 ASN A OD1 1 
ATOM   966  N  ND2 . ASN A 1 129 ? -1.418  -16.451 -10.638 1.00 34.11 ? 129 ASN A ND2 1 
ATOM   967  N  N   . GLY A 1 130 ? 0.850   -17.096 -5.154  1.00 21.17 ? 130 GLY A N   1 
ATOM   968  C  CA  . GLY A 1 130 ? 2.033   -17.185 -4.271  1.00 18.22 ? 130 GLY A CA  1 
ATOM   969  C  C   . GLY A 1 130 ? 2.786   -15.856 -4.195  1.00 18.41 ? 130 GLY A C   1 
ATOM   970  O  O   . GLY A 1 130 ? 3.867   -15.833 -3.719  1.00 17.85 ? 130 GLY A O   1 
ATOM   971  N  N   . LEU A 1 131 ? 2.231   -14.761 -4.709  1.00 16.88 ? 131 LEU A N   1 
ATOM   972  C  CA  . LEU A 1 131 ? 2.867   -13.449 -4.610  1.00 16.13 ? 131 LEU A CA  1 
ATOM   973  C  C   . LEU A 1 131 ? 1.997   -12.558 -3.700  1.00 15.26 ? 131 LEU A C   1 
ATOM   974  O  O   . LEU A 1 131 ? 0.744   -12.702 -3.617  1.00 16.62 ? 131 LEU A O   1 
ATOM   975  C  CB  . LEU A 1 131 ? 3.091   -12.770 -5.955  1.00 16.87 ? 131 LEU A CB  1 
ATOM   976  C  CG  . LEU A 1 131 ? 3.861   -13.552 -7.018  1.00 18.05 ? 131 LEU A CG  1 
ATOM   977  C  CD1 . LEU A 1 131 ? 4.151   -12.605 -8.180  1.00 21.46 ? 131 LEU A CD1 1 
ATOM   978  C  CD2 . LEU A 1 131 ? 5.119   -14.169 -6.399  1.00 19.07 ? 131 LEU A CD2 1 
ATOM   979  N  N   . VAL A 1 132 ? 2.651   -11.567 -3.152  1.00 15.54 ? 132 VAL A N   1 
ATOM   980  C  CA  . VAL A 1 132 ? 2.010   -10.377 -2.519  1.00 14.27 ? 132 VAL A CA  1 
ATOM   981  C  C   . VAL A 1 132 ? 2.470   -9.129  -3.246  1.00 15.35 ? 132 VAL A C   1 
ATOM   982  O  O   . VAL A 1 132 ? 3.692   -8.950  -3.445  1.00 16.22 ? 132 VAL A O   1 
ATOM   983  C  CB  . VAL A 1 132 ? 2.315   -10.353 -1.028  1.00 15.94 ? 132 VAL A CB  1 
ATOM   984  C  CG1 . VAL A 1 132 ? 3.779   -10.478 -0.680  1.00 16.83 ? 132 VAL A CG1 1 
ATOM   985  C  CG2 . VAL A 1 132 ? 1.655   -9.129  -0.420  1.00 15.70 ? 132 VAL A CG2 1 
ATOM   986  N  N   . GLY A 1 133 ? 1.538   -8.256  -3.631  1.00 16.30 ? 133 GLY A N   1 
ATOM   987  C  CA  . GLY A 1 133 ? 1.870   -6.974  -4.226  1.00 16.42 ? 133 GLY A CA  1 
ATOM   988  C  C   . GLY A 1 133 ? 1.610   -5.820  -3.309  1.00 15.74 ? 133 GLY A C   1 
ATOM   989  O  O   . GLY A 1 133 ? 0.603   -5.863  -2.673  1.00 15.88 ? 133 GLY A O   1 
ATOM   990  N  N   . PHE A 1 134 ? 2.481   -4.830  -3.341  1.00 15.79 ? 134 PHE A N   1 
ATOM   991  C  CA  . PHE A 1 134 ? 2.432   -3.645  -2.461  1.00 14.65 ? 134 PHE A CA  1 
ATOM   992  C  C   . PHE A 1 134 ? 2.399   -2.385  -3.301  1.00 16.37 ? 134 PHE A C   1 
ATOM   993  O  O   . PHE A 1 134 ? 3.160   -2.233  -4.257  1.00 18.41 ? 134 PHE A O   1 
ATOM   994  C  CB  . PHE A 1 134 ? 3.643   -3.564  -1.550  1.00 14.32 ? 134 PHE A CB  1 
ATOM   995  C  CG  . PHE A 1 134 ? 3.945   -4.821  -0.799  1.00 13.45 ? 134 PHE A CG  1 
ATOM   996  C  CD1 . PHE A 1 134 ? 3.354   -5.073  0.434   1.00 14.62 ? 134 PHE A CD1 1 
ATOM   997  C  CD2 . PHE A 1 134 ? 4.886   -5.726  -1.300  1.00 13.49 ? 134 PHE A CD2 1 
ATOM   998  C  CE1 . PHE A 1 134 ? 3.648   -6.246  1.113   1.00 14.61 ? 134 PHE A CE1 1 
ATOM   999  C  CE2 . PHE A 1 134 ? 5.143   -6.905  -0.622  1.00 14.37 ? 134 PHE A CE2 1 
ATOM   1000 C  CZ  . PHE A 1 134 ? 4.582   -7.132  0.616   1.00 15.12 ? 134 PHE A CZ  1 
ATOM   1001 N  N   . ALA A 1 135 ? 1.458   -1.547  -2.928  1.00 14.08 ? 135 ALA A N   1 
ATOM   1002 C  CA  . ALA A 1 135 ? 1.353   -0.219  -3.535  1.00 15.37 ? 135 ALA A CA  1 
ATOM   1003 C  C   . ALA A 1 135 ? 2.404   0.647   -2.868  1.00 15.59 ? 135 ALA A C   1 
ATOM   1004 O  O   . ALA A 1 135 ? 2.343   0.857   -1.666  1.00 16.32 ? 135 ALA A O   1 
ATOM   1005 C  CB  . ALA A 1 135 ? -0.017  0.311   -3.332  1.00 14.84 ? 135 ALA A CB  1 
ATOM   1006 N  N   . ASP A 1 136 ? 3.375   1.127   -3.615  1.00 15.69 ? 136 ASP A N   1 
ATOM   1007 C  CA  . ASP A 1 136 ? 4.446   1.967   -3.070  1.00 15.53 ? 136 ASP A CA  1 
ATOM   1008 C  C   . ASP A 1 136 ? 3.904   3.338   -2.655  1.00 15.80 ? 136 ASP A C   1 
ATOM   1009 O  O   . ASP A 1 136 ? 2.984   3.838   -3.345  1.00 18.57 ? 136 ASP A O   1 
ATOM   1010 C  CB  . ASP A 1 136 ? 5.516   2.158   -4.129  1.00 16.87 ? 136 ASP A CB  1 
ATOM   1011 C  CG  . ASP A 1 136 ? 6.713   2.940   -3.652  1.00 17.99 ? 136 ASP A CG  1 
ATOM   1012 O  OD1 . ASP A 1 136 ? 7.299   2.635   -2.574  1.00 17.90 ? 136 ASP A OD1 1 
ATOM   1013 O  OD2 . ASP A 1 136 ? 7.043   3.942   -4.345  1.00 21.99 ? 136 ASP A OD2 1 
ATOM   1014 N  N   . VAL A 1 137 ? 4.435   3.931   -1.617  1.00 16.56 ? 137 VAL A N   1 
ATOM   1015 C  CA  . VAL A 1 137 ? 4.105   5.343   -1.256  1.00 17.78 ? 137 VAL A CA  1 
ATOM   1016 C  C   . VAL A 1 137 ? 5.367   6.190   -1.184  1.00 16.78 ? 137 VAL A C   1 
ATOM   1017 O  O   . VAL A 1 137 ? 5.286   7.354   -0.808  1.00 18.39 ? 137 VAL A O   1 
ATOM   1018 C  CB  . VAL A 1 137 ? 3.301   5.400   0.040   1.00 17.63 ? 137 VAL A CB  1 
ATOM   1019 C  CG1 . VAL A 1 137 ? 1.995   4.658   -0.158  1.00 16.57 ? 137 VAL A CG1 1 
ATOM   1020 C  CG2 . VAL A 1 137 ? 4.036   4.871   1.253   1.00 16.87 ? 137 VAL A CG2 1 
ATOM   1021 N  N   . ARG A 1 138 ? 6.530   5.603   -1.477  1.00 16.67 ? 138 ARG A N   1 
ATOM   1022 C  CA  . ARG A 1 138 ? 7.808   6.300   -1.166  1.00 18.17 ? 138 ARG A CA  1 
ATOM   1023 C  C   . ARG A 1 138 ? 8.036   7.470   -2.117  1.00 17.79 ? 138 ARG A C   1 
ATOM   1024 O  O   . ARG A 1 138 ? 8.847   8.324   -1.780  1.00 20.61 ? 138 ARG A O   1 
ATOM   1025 C  CB  . ARG A 1 138 ? 8.993   5.342   -1.239  1.00 16.31 ? 138 ARG A CB  1 
ATOM   1026 C  CG  . ARG A 1 138 ? 8.919   4.251   -0.178  1.00 17.10 ? 138 ARG A CG  1 
ATOM   1027 C  CD  . ARG A 1 138 ? 10.108  3.346   -0.376  1.00 16.38 ? 138 ARG A CD  1 
ATOM   1028 N  NE  . ARG A 1 138 ? 9.936   2.571   -1.555  1.00 16.50 ? 138 ARG A NE  1 
ATOM   1029 C  CZ  . ARG A 1 138 ? 10.722  1.578   -1.928  1.00 15.80 ? 138 ARG A CZ  1 
ATOM   1030 N  NH1 . ARG A 1 138 ? 11.865  1.386   -1.299  1.00 15.63 ? 138 ARG A NH1 1 
ATOM   1031 N  NH2 . ARG A 1 138 ? 10.391  0.839   -2.957  1.00 16.72 ? 138 ARG A NH2 1 
ATOM   1032 N  N   . ASP A 1 139 ? 7.378   7.477   -3.260  1.00 19.59 ? 139 ASP A N   1 
ATOM   1033 C  CA  . ASP A 1 139 ? 7.481   8.599   -4.234  1.00 21.23 ? 139 ASP A CA  1 
ATOM   1034 C  C   . ASP A 1 139 ? 6.532   9.741   -3.872  1.00 23.98 ? 139 ASP A C   1 
ATOM   1035 O  O   . ASP A 1 139 ? 6.645   10.787  -4.557  1.00 22.93 ? 139 ASP A O   1 
ATOM   1036 C  CB  . ASP A 1 139 ? 7.177   8.138   -5.647  1.00 22.26 ? 139 ASP A CB  1 
ATOM   1037 C  CG  . ASP A 1 139 ? 5.750   7.643   -5.838  1.00 27.04 ? 139 ASP A CG  1 
ATOM   1038 O  OD1 . ASP A 1 139 ? 5.246   6.940   -4.920  1.00 24.20 ? 139 ASP A OD1 1 
ATOM   1039 O  OD2 . ASP A 1 139 ? 5.181   7.919   -6.902  1.00 27.33 ? 139 ASP A OD2 1 
ATOM   1040 N  N   . LEU A 1 140 ? 5.630   9.548   -2.909  1.00 21.60 ? 140 LEU A N   1 
ATOM   1041 C  CA  . LEU A 1 140 ? 4.643   10.580  -2.499  1.00 24.00 ? 140 LEU A CA  1 
ATOM   1042 C  C   . LEU A 1 140 ? 5.286   11.478  -1.458  1.00 21.35 ? 140 LEU A C   1 
ATOM   1043 O  O   . LEU A 1 140 ? 5.025   11.385  -0.254  1.00 24.11 ? 140 LEU A O   1 
ATOM   1044 C  CB  . LEU A 1 140 ? 3.375   9.884   -1.996  1.00 22.54 ? 140 LEU A CB  1 
ATOM   1045 C  CG  . LEU A 1 140 ? 2.724   8.960   -3.016  1.00 24.02 ? 140 LEU A CG  1 
ATOM   1046 C  CD1 . LEU A 1 140 ? 1.491   8.300   -2.418  1.00 23.25 ? 140 LEU A CD1 1 
ATOM   1047 C  CD2 . LEU A 1 140 ? 2.374   9.663   -4.310  1.00 25.70 ? 140 LEU A CD2 1 
ATOM   1048 N  N   . LEU A 1 141 ? 6.163   12.388  -1.924  1.00 23.75 ? 141 LEU A N   1 
ATOM   1049 C  CA  . LEU A 1 141 ? 6.976   13.153  -0.969  1.00 23.89 ? 141 LEU A CA  1 
ATOM   1050 C  C   . LEU A 1 141 ? 6.099   14.124  -0.187  1.00 25.48 ? 141 LEU A C   1 
ATOM   1051 O  O   . LEU A 1 141 ? 6.415   14.428  0.931   1.00 23.60 ? 141 LEU A O   1 
ATOM   1052 C  CB  . LEU A 1 141 ? 8.059   13.925  -1.726  1.00 26.56 ? 141 LEU A CB  1 
ATOM   1053 C  CG  . LEU A 1 141 ? 9.005   13.085  -2.578  1.00 27.69 ? 141 LEU A CG  1 
ATOM   1054 C  CD1 . LEU A 1 141 ? 10.178  13.959  -2.986  1.00 29.98 ? 141 LEU A CD1 1 
ATOM   1055 C  CD2 . LEU A 1 141 ? 9.511   11.865  -1.838  1.00 26.21 ? 141 LEU A CD2 1 
ATOM   1056 N  N   . TRP A 1 142 ? 5.012   14.563  -0.812  1.00 25.26 ? 142 TRP A N   1 
ATOM   1057 C  CA  . TRP A 1 142 ? 4.049   15.523  -0.234  1.00 27.24 ? 142 TRP A CA  1 
ATOM   1058 C  C   . TRP A 1 142 ? 3.359   14.976  1.016   1.00 26.63 ? 142 TRP A C   1 
ATOM   1059 O  O   . TRP A 1 142 ? 2.821   15.793  1.756   1.00 26.88 ? 142 TRP A O   1 
ATOM   1060 C  CB  . TRP A 1 142 ? 3.047   15.955  -1.305  1.00 23.49 ? 142 TRP A CB  1 
ATOM   1061 C  CG  . TRP A 1 142 ? 2.250   14.864  -1.953  1.00 25.60 ? 142 TRP A CG  1 
ATOM   1062 C  CD1 . TRP A 1 142 ? 2.420   14.312  -3.184  1.00 26.47 ? 142 TRP A CD1 1 
ATOM   1063 C  CD2 . TRP A 1 142 ? 1.096   14.231  -1.379  1.00 25.34 ? 142 TRP A CD2 1 
ATOM   1064 N  NE1 . TRP A 1 142 ? 1.440   13.382  -3.423  1.00 28.00 ? 142 TRP A NE1 1 
ATOM   1065 C  CE2 . TRP A 1 142 ? 0.601   13.339  -2.346  1.00 27.23 ? 142 TRP A CE2 1 
ATOM   1066 C  CE3 . TRP A 1 142 ? 0.408   14.415  -0.174  1.00 24.66 ? 142 TRP A CE3 1 
ATOM   1067 C  CZ2 . TRP A 1 142 ? -0.547  12.584  -2.107  1.00 25.56 ? 142 TRP A CZ2 1 
ATOM   1068 C  CZ3 . TRP A 1 142 ? -0.697  13.633  0.078   1.00 24.36 ? 142 TRP A CZ3 1 
ATOM   1069 C  CH2 . TRP A 1 142 ? -1.146  12.723  -0.874  1.00 23.42 ? 142 TRP A CH2 1 
ATOM   1070 N  N   . LEU A 1 143 ? 3.334   13.657  1.250   1.00 23.96 ? 143 LEU A N   1 
ATOM   1071 C  CA  . LEU A 1 143 ? 2.817   13.057  2.498   1.00 26.09 ? 143 LEU A CA  1 
ATOM   1072 C  C   . LEU A 1 143 ? 3.581   13.582  3.716   1.00 29.75 ? 143 LEU A C   1 
ATOM   1073 O  O   . LEU A 1 143 ? 3.022   13.494  4.813   1.00 31.45 ? 143 LEU A O   1 
ATOM   1074 C  CB  . LEU A 1 143 ? 2.928   11.531  2.466   1.00 25.55 ? 143 LEU A CB  1 
ATOM   1075 C  CG  . LEU A 1 143 ? 1.924   10.785  1.596   1.00 22.29 ? 143 LEU A CG  1 
ATOM   1076 C  CD1 . LEU A 1 143 ? 2.233   9.279   1.588   1.00 22.04 ? 143 LEU A CD1 1 
ATOM   1077 C  CD2 . LEU A 1 143 ? 0.505   11.014  2.118   1.00 25.93 ? 143 LEU A CD2 1 
ATOM   1078 N  N   . ASP A 1 144 ? 4.833   14.038  3.539   1.00 32.17 ? 144 ASP A N   1 
ATOM   1079 C  CA  . ASP A 1 144 ? 5.741   14.465  4.638   1.00 36.61 ? 144 ASP A CA  1 
ATOM   1080 C  C   . ASP A 1 144 ? 5.546   15.924  5.051   1.00 41.34 ? 144 ASP A C   1 
ATOM   1081 O  O   . ASP A 1 144 ? 6.294   16.334  5.949   1.00 44.58 ? 144 ASP A O   1 
ATOM   1082 C  CB  . ASP A 1 144 ? 7.212   14.346  4.232   1.00 39.67 ? 144 ASP A CB  1 
ATOM   1083 C  CG  . ASP A 1 144 ? 7.686   12.927  3.999   1.00 40.70 ? 144 ASP A CG  1 
ATOM   1084 O  OD1 . ASP A 1 144 ? 6.959   11.994  4.388   1.00 43.77 ? 144 ASP A OD1 1 
ATOM   1085 O  OD2 . ASP A 1 144 ? 8.765   12.767  3.364   1.00 42.21 ? 144 ASP A OD2 1 
ATOM   1086 N  N   . GLU A 1 145 ? 4.597   16.670  4.466   1.00 49.22 ? 145 GLU A N   1 
ATOM   1087 C  CA  . GLU A 1 145 ? 4.360   18.095  4.852   1.00 54.04 ? 145 GLU A CA  1 
ATOM   1088 C  C   . GLU A 1 145 ? 2.899   18.529  4.645   1.00 54.47 ? 145 GLU A C   1 
ATOM   1089 O  O   . GLU A 1 145 ? 2.103   17.759  4.053   1.00 44.58 ? 145 GLU A O   1 
ATOM   1090 C  CB  . GLU A 1 145 ? 5.279   18.999  4.034   1.00 58.44 ? 145 GLU A CB  1 
ATOM   1091 C  CG  . GLU A 1 145 ? 4.936   19.004  2.554   1.00 62.42 ? 145 GLU A CG  1 
ATOM   1092 C  CD  . GLU A 1 145 ? 6.136   18.931  1.632   1.00 67.60 ? 145 GLU A CD  1 
ATOM   1093 O  OE1 . GLU A 1 145 ? 5.933   18.780  0.413   1.00 71.73 ? 145 GLU A OE1 1 
ATOM   1094 O  OE2 . GLU A 1 145 ? 7.270   19.006  2.141   1.00 78.62 ? 145 GLU A OE2 1 
ATOM   1095 N  N   . GLU A 1 146 ? 2.581   19.739  5.126   1.00 60.69 ? 146 GLU A N   1 
ATOM   1096 C  CA  . GLU A 1 146 ? 1.352   20.509  4.787   1.00 67.93 ? 146 GLU A CA  1 
ATOM   1097 C  C   . GLU A 1 146 ? 0.118   19.662  5.126   1.00 72.08 ? 146 GLU A C   1 
ATOM   1098 O  O   . GLU A 1 146 ? -0.748  20.100  5.899   1.00 74.94 ? 146 GLU A O   1 
ATOM   1099 C  CB  . GLU A 1 146 ? 1.423   20.950  3.320   1.00 65.40 ? 146 GLU A CB  1 
ATOM   1100 C  CG  . GLU A 1 146 ? 0.167   20.683  2.507   1.00 71.26 ? 146 GLU A CG  1 
ATOM   1101 C  CD  . GLU A 1 146 ? -1.042  21.551  2.832   1.00 74.58 ? 146 GLU A CD  1 
ATOM   1102 O  OE1 . GLU A 1 146 ? -2.092  21.350  2.194   1.00 76.74 ? 146 GLU A OE1 1 
ATOM   1103 O  OE2 . GLU A 1 146 ? -0.937  22.426  3.715   1.00 80.86 ? 146 GLU A OE2 1 
HETATM 1104 C  C13 . TEH B 2 .   ? -12.914 -13.251 -9.086  0.50 20.00 ? 201 TEH A C13 1 
HETATM 1105 C  C15 . TEH B 2 .   ? -15.343 -13.286 -8.881  0.50 20.00 ? 201 TEH A C15 1 
HETATM 1106 C  C17 . TEH B 2 .   ? -15.396 -12.288 -9.990  0.50 20.00 ? 201 TEH A C17 1 
HETATM 1107 C  C01 . TEH B 2 .   ? -15.386 -5.249  -8.603  0.50 20.00 ? 201 TEH A C01 1 
HETATM 1108 C  C02 . TEH B 2 .   ? -15.318 -5.133  -9.950  0.50 20.00 ? 201 TEH A C02 1 
HETATM 1109 C  C03 . TEH B 2 .   ? -14.727 -6.115  -10.706 0.50 20.00 ? 201 TEH A C03 1 
HETATM 1110 C  C04 . TEH B 2 .   ? -14.253 -7.238  -10.083 0.50 20.00 ? 201 TEH A C04 1 
HETATM 1111 C  C05 . TEH B 2 .   ? -14.311 -7.373  -8.713  0.50 20.00 ? 201 TEH A C05 1 
HETATM 1112 C  C06 . TEH B 2 .   ? -14.871 -6.356  -7.977  0.50 20.00 ? 201 TEH A C06 1 
HETATM 1113 C  C08 . TEH B 2 .   ? -13.451 -9.278  -11.021 0.50 20.00 ? 201 TEH A C08 1 
HETATM 1114 C  C09 . TEH B 2 .   ? -14.559 -10.172 -10.522 0.50 20.00 ? 201 TEH A C09 1 
HETATM 1115 C  C12 . TEH B 2 .   ? -12.911 -11.816 -9.559  0.50 20.00 ? 201 TEH A C12 1 
HETATM 1116 N  N11 . TEH B 2 .   ? -14.237 -11.390 -10.053 0.50 20.00 ? 201 TEH A N11 1 
HETATM 1117 N  N14 . TEH B 2 .   ? -14.160 -13.544 -8.400  0.50 20.00 ? 201 TEH A N14 1 
HETATM 1118 O  O07 . TEH B 2 .   ? -13.920 -7.940  -11.191 0.50 20.00 ? 201 TEH A O07 1 
HETATM 1119 O  O10 . TEH B 2 .   ? -15.701 -9.755  -10.503 0.50 20.00 ? 201 TEH A O10 1 
HETATM 1120 O  O16 . TEH B 2 .   ? -16.328 -13.987 -8.644  0.50 20.00 ? 201 TEH A O16 1 
HETATM 1121 C  C13 . TEH C 2 .   ? 2.328   -3.584  11.878  0.34 20.00 ? 202 TEH A C13 1 
HETATM 1122 C  C15 . TEH C 2 .   ? 0.750   -5.171  12.779  0.34 20.00 ? 202 TEH A C15 1 
HETATM 1123 C  C17 . TEH C 2 .   ? -0.158  -5.144  11.584  0.34 20.00 ? 202 TEH A C17 1 
HETATM 1124 C  C01 . TEH C 2 .   ? -6.396  -5.831  8.779   0.34 20.00 ? 202 TEH A C01 1 
HETATM 1125 C  C02 . TEH C 2 .   ? -5.676  -5.813  7.567   0.34 20.00 ? 202 TEH A C02 1 
HETATM 1126 C  C03 . TEH C 2 .   ? -4.368  -5.389  7.521   0.34 20.00 ? 202 TEH A C03 1 
HETATM 1127 C  C04 . TEH C 2 .   ? -3.812  -4.987  8.722   0.34 20.00 ? 202 TEH A C04 1 
HETATM 1128 C  C05 . TEH C 2 .   ? -4.478  -5.146  9.921   0.34 20.00 ? 202 TEH A C05 1 
HETATM 1129 C  C06 . TEH C 2 .   ? -5.796  -5.490  9.941   0.34 20.00 ? 202 TEH A C06 1 
HETATM 1130 C  C08 . TEH C 2 .   ? -2.236  -3.845  10.219  0.34 20.00 ? 202 TEH A C08 1 
HETATM 1131 C  C09 . TEH C 2 .   ? -0.778  -3.592  9.933   0.34 20.00 ? 202 TEH A C09 1 
HETATM 1132 C  C12 . TEH C 2 .   ? 1.011   -2.879  11.565  0.34 20.00 ? 202 TEH A C12 1 
HETATM 1133 N  N11 . TEH C 2 .   ? 0.032   -3.821  10.981  0.34 20.00 ? 202 TEH A N11 1 
HETATM 1134 N  N14 . TEH C 2 .   ? 1.990   -4.820  12.550  0.34 20.00 ? 202 TEH A N14 1 
HETATM 1135 O  O07 . TEH C 2 .   ? -2.875  -4.009  8.973   0.34 20.00 ? 202 TEH A O07 1 
HETATM 1136 O  O10 . TEH C 2 .   ? -0.366  -3.307  8.821   0.34 20.00 ? 202 TEH A O10 1 
HETATM 1137 O  O16 . TEH C 2 .   ? 0.300   -5.165  13.898  0.34 20.00 ? 202 TEH A O16 1 
HETATM 1138 ZN ZN  . ZN  D 3 .   ? 14.325  1.744   3.147   1.00 17.32 ? 203 ZN  A ZN  1 
HETATM 1139 S  S   . DMS E 4 .   ? 10.373  4.344   11.342  1.00 58.25 ? 204 DMS A S   1 
HETATM 1140 O  O   . DMS E 4 .   ? 10.589  5.084   12.637  1.00 60.21 ? 204 DMS A O   1 
HETATM 1141 C  C1  . DMS E 4 .   ? 11.830  3.330   11.115  1.00 52.60 ? 204 DMS A C1  1 
HETATM 1142 C  C2  . DMS E 4 .   ? 9.205   3.069   11.727  1.00 55.75 ? 204 DMS A C2  1 
HETATM 1143 S  S   . DMS F 4 .   ? -5.413  7.307   -12.261 1.00 41.28 ? 205 DMS A S   1 
HETATM 1144 O  O   . DMS F 4 .   ? -5.799  5.868   -12.371 1.00 38.62 ? 205 DMS A O   1 
HETATM 1145 C  C1  . DMS F 4 .   ? -3.941  7.496   -13.248 1.00 42.92 ? 205 DMS A C1  1 
HETATM 1146 C  C2  . DMS F 4 .   ? -6.549  8.178   -13.333 1.00 45.18 ? 205 DMS A C2  1 
HETATM 1147 S  S   . DMS G 4 .   ? 7.251   -17.677 0.812   1.00 48.61 ? 206 DMS A S   1 
HETATM 1148 O  O   . DMS G 4 .   ? 5.820   -17.817 0.416   1.00 48.65 ? 206 DMS A O   1 
HETATM 1149 C  C1  . DMS G 4 .   ? 7.287   -17.790 2.590   1.00 48.10 ? 206 DMS A C1  1 
HETATM 1150 C  C2  . DMS G 4 .   ? 8.017   -19.239 0.425   1.00 45.71 ? 206 DMS A C2  1 
HETATM 1151 S  S   . SO4 H 5 .   ? -2.867  -8.043  -21.373 1.00 52.55 ? 207 SO4 A S   1 
HETATM 1152 O  O1  . SO4 H 5 .   ? -2.449  -7.116  -22.392 1.00 47.29 ? 207 SO4 A O1  1 
HETATM 1153 O  O2  . SO4 H 5 .   ? -1.752  -8.357  -20.520 1.00 49.12 ? 207 SO4 A O2  1 
HETATM 1154 O  O3  . SO4 H 5 .   ? -3.347  -9.245  -21.996 1.00 47.29 ? 207 SO4 A O3  1 
HETATM 1155 O  O4  . SO4 H 5 .   ? -3.919  -7.460  -20.584 1.00 50.46 ? 207 SO4 A O4  1 
HETATM 1156 O  O   . HOH I 6 .   ? 1.895   -3.460  13.514  1.00 42.33 ? 301 HOH A O   1 
HETATM 1157 O  O   . HOH I 6 .   ? 1.648   -5.618  -21.768 1.00 43.51 ? 302 HOH A O   1 
HETATM 1158 O  O   . HOH I 6 .   ? -7.561  -14.204 -10.362 0.50 45.32 ? 303 HOH A O   1 
HETATM 1159 O  O   . HOH I 6 .   ? 2.401   12.305  13.718  1.00 71.13 ? 304 HOH A O   1 
HETATM 1160 O  O   . HOH I 6 .   ? 4.751   19.080  -1.570  1.00 51.19 ? 305 HOH A O   1 
HETATM 1161 O  O   . HOH I 6 .   ? -2.189  -11.799 -8.566  1.00 19.75 ? 306 HOH A O   1 
HETATM 1162 O  O   . HOH I 6 .   ? -9.461  -14.034 2.418   1.00 47.42 ? 307 HOH A O   1 
HETATM 1163 O  O   . HOH I 6 .   ? 10.744  1.541   -10.009 1.00 45.20 ? 308 HOH A O   1 
HETATM 1164 O  O   . HOH I 6 .   ? -6.660  18.573  13.331  1.00 47.57 ? 309 HOH A O   1 
HETATM 1165 O  O   . HOH I 6 .   ? -4.783  -8.842  11.988  1.00 27.28 ? 310 HOH A O   1 
HETATM 1166 O  O   . HOH I 6 .   ? -4.579  16.594  6.176   1.00 45.88 ? 311 HOH A O   1 
HETATM 1167 O  O   . HOH I 6 .   ? -9.402  10.536  7.413   1.00 42.99 ? 312 HOH A O   1 
HETATM 1168 O  O   . HOH I 6 .   ? -9.611  -4.564  -16.792 1.00 39.32 ? 313 HOH A O   1 
HETATM 1169 O  O   . HOH I 6 .   ? -9.627  -12.381 -5.378  1.00 46.61 ? 314 HOH A O   1 
HETATM 1170 O  O   . HOH I 6 .   ? 13.100  7.386   8.293   1.00 40.26 ? 315 HOH A O   1 
HETATM 1171 O  O   . HOH I 6 .   ? 0.109   16.113  7.827   1.00 30.78 ? 316 HOH A O   1 
HETATM 1172 O  O   . HOH I 6 .   ? -1.298  17.750  0.582   1.00 47.65 ? 317 HOH A O   1 
HETATM 1173 O  O   . HOH I 6 .   ? -11.783 8.352   7.042   1.00 32.39 ? 318 HOH A O   1 
HETATM 1174 O  O   . HOH I 6 .   ? 3.314   10.774  11.183  1.00 31.29 ? 319 HOH A O   1 
HETATM 1175 O  O   . HOH I 6 .   ? 10.827  -3.266  -11.403 1.00 39.02 ? 320 HOH A O   1 
HETATM 1176 O  O   . HOH I 6 .   ? -6.671  -0.074  2.988   1.00 19.15 ? 321 HOH A O   1 
HETATM 1177 O  O   . HOH I 6 .   ? -14.955 1.354   -1.056  1.00 47.35 ? 322 HOH A O   1 
HETATM 1178 O  O   . HOH I 6 .   ? -6.968  2.137   10.459  1.00 37.52 ? 323 HOH A O   1 
HETATM 1179 O  O   . HOH I 6 .   ? -0.760  2.626   10.476  1.00 24.86 ? 324 HOH A O   1 
HETATM 1180 O  O   . HOH I 6 .   ? 17.749  -1.503  -3.828  1.00 51.73 ? 325 HOH A O   1 
HETATM 1181 O  O   . HOH I 6 .   ? -16.234 -9.974  -6.087  0.26 55.77 ? 326 HOH A O   1 
HETATM 1182 O  O   . HOH I 6 .   ? -11.183 1.965   -10.164 1.00 36.48 ? 327 HOH A O   1 
HETATM 1183 O  O   . HOH I 6 .   ? 13.105  1.657   -5.501  1.00 26.08 ? 328 HOH A O   1 
HETATM 1184 O  O   . HOH I 6 .   ? 7.012   7.904   -8.809  1.00 42.33 ? 329 HOH A O   1 
HETATM 1185 O  O   . HOH I 6 .   ? -8.955  -6.521  -18.505 1.00 53.19 ? 330 HOH A O   1 
HETATM 1186 O  O   . HOH I 6 .   ? 8.849   -14.462 3.986   1.00 29.02 ? 331 HOH A O   1 
HETATM 1187 O  O   . HOH I 6 .   ? 4.751   10.478  -7.465  1.00 37.28 ? 332 HOH A O   1 
HETATM 1188 O  O   . HOH I 6 .   ? -14.150 15.328  -1.202  1.00 32.09 ? 333 HOH A O   1 
HETATM 1189 O  O   . HOH I 6 .   ? 0.428   -15.187 14.934  1.00 42.90 ? 334 HOH A O   1 
HETATM 1190 O  O   . HOH I 6 .   ? 6.445   4.361   -6.910  1.00 27.53 ? 335 HOH A O   1 
HETATM 1191 O  O   . HOH I 6 .   ? -6.079  17.918  -2.618  1.00 45.56 ? 336 HOH A O   1 
HETATM 1192 O  O   . HOH I 6 .   ? 12.149  3.839   -4.112  1.00 21.66 ? 337 HOH A O   1 
HETATM 1193 O  O   . HOH I 6 .   ? -8.344  7.659   -10.306 1.00 28.86 ? 338 HOH A O   1 
HETATM 1194 O  O   . HOH I 6 .   ? -16.718 3.995   -0.388  1.00 37.23 ? 339 HOH A O   1 
HETATM 1195 O  O   . HOH I 6 .   ? -13.658 3.287   -2.737  1.00 30.08 ? 340 HOH A O   1 
HETATM 1196 O  O   . HOH I 6 .   ? -7.467  -2.734  9.786   1.00 47.04 ? 341 HOH A O   1 
HETATM 1197 O  O   . HOH I 6 .   ? 10.983  13.679  4.578   1.00 29.79 ? 342 HOH A O   1 
HETATM 1198 O  O   . HOH I 6 .   ? -5.577  -0.593  -15.445 1.00 50.74 ? 343 HOH A O   1 
HETATM 1199 O  O   . HOH I 6 .   ? -1.647  17.644  6.542   1.00 50.72 ? 344 HOH A O   1 
HETATM 1200 O  O   . HOH I 6 .   ? 0.154   -12.630 -8.127  1.00 24.09 ? 345 HOH A O   1 
HETATM 1201 O  O   . HOH I 6 .   ? 7.122   6.695   12.854  1.00 36.41 ? 346 HOH A O   1 
HETATM 1202 O  O   . HOH I 6 .   ? 10.264  -12.290 -2.506  1.00 14.76 ? 347 HOH A O   1 
HETATM 1203 O  O   . HOH I 6 .   ? 9.606   4.666   -4.790  1.00 20.99 ? 348 HOH A O   1 
HETATM 1204 O  O   . HOH I 6 .   ? 0.434   5.431   13.547  1.00 29.81 ? 349 HOH A O   1 
HETATM 1205 O  O   . HOH I 6 .   ? 0.030   0.331   -6.568  1.00 22.78 ? 350 HOH A O   1 
HETATM 1206 O  O   . HOH I 6 .   ? 18.075  3.871   -0.454  1.00 21.94 ? 351 HOH A O   1 
HETATM 1207 O  O   . HOH I 6 .   ? -0.422  -14.784 -2.337  1.00 23.36 ? 352 HOH A O   1 
HETATM 1208 O  O   . HOH I 6 .   ? 9.540   -14.794 0.434   1.00 28.05 ? 353 HOH A O   1 
HETATM 1209 O  O   . HOH I 6 .   ? -17.610 6.786   5.794   1.00 29.50 ? 354 HOH A O   1 
HETATM 1210 O  O   . HOH I 6 .   ? -3.932  -15.693 -2.423  1.00 37.56 ? 355 HOH A O   1 
HETATM 1211 O  O   . HOH I 6 .   ? 0.833   -10.957 -13.998 1.00 32.73 ? 356 HOH A O   1 
HETATM 1212 O  O   . HOH I 6 .   ? 7.392   -4.430  -9.614  1.00 24.31 ? 357 HOH A O   1 
HETATM 1213 O  O   . HOH I 6 .   ? 3.442   -18.927 8.409   1.00 24.94 ? 358 HOH A O   1 
HETATM 1214 O  O   . HOH I 6 .   ? -11.166 1.429   4.833   1.00 30.22 ? 359 HOH A O   1 
HETATM 1215 O  O   . HOH I 6 .   ? 18.263  5.052   -6.278  1.00 35.03 ? 360 HOH A O   1 
HETATM 1216 O  O   . HOH I 6 .   ? -12.898 0.085   4.559   1.00 45.64 ? 361 HOH A O   1 
HETATM 1217 O  O   . HOH I 6 .   ? 4.363   -17.989 -2.105  1.00 23.32 ? 362 HOH A O   1 
HETATM 1218 O  O   . HOH I 6 .   ? 2.409   15.330  6.750   1.00 47.67 ? 363 HOH A O   1 
HETATM 1219 O  O   . HOH I 6 .   ? -13.389 6.030   7.346   1.00 34.48 ? 364 HOH A O   1 
HETATM 1220 O  O   . HOH I 6 .   ? -2.347  -7.681  5.920   1.00 15.42 ? 365 HOH A O   1 
HETATM 1221 O  O   . HOH I 6 .   ? 7.092   10.645  6.776   1.00 26.39 ? 366 HOH A O   1 
HETATM 1222 O  O   . HOH I 6 .   ? -9.575  -5.982  -0.214  1.00 24.27 ? 367 HOH A O   1 
HETATM 1223 O  O   . HOH I 6 .   ? -0.308  -13.267 -14.595 1.00 27.53 ? 368 HOH A O   1 
HETATM 1224 O  O   . HOH I 6 .   ? -6.242  -11.304 11.265  1.00 37.42 ? 369 HOH A O   1 
HETATM 1225 O  O   . HOH I 6 .   ? -0.017  -18.055 -0.766  1.00 34.50 ? 370 HOH A O   1 
HETATM 1226 O  O   . HOH I 6 .   ? -7.758  -12.828 -14.486 1.00 29.19 ? 371 HOH A O   1 
HETATM 1227 O  O   . HOH I 6 .   ? -6.494  -17.433 7.009   1.00 18.31 ? 372 HOH A O   1 
HETATM 1228 O  O   . HOH I 6 .   ? -0.580  -18.373 10.978  1.00 35.54 ? 373 HOH A O   1 
HETATM 1229 O  O   . HOH I 6 .   ? -10.052 -11.951 2.055   1.00 31.50 ? 374 HOH A O   1 
HETATM 1230 O  O   . HOH I 6 .   ? 17.469  -3.251  -0.403  1.00 30.49 ? 375 HOH A O   1 
HETATM 1231 O  O   . HOH I 6 .   ? -4.913  -19.249 3.388   1.00 24.25 ? 376 HOH A O   1 
HETATM 1232 O  O   . HOH I 6 .   ? 9.283   14.749  1.490   1.00 36.62 ? 377 HOH A O   1 
HETATM 1233 O  O   . HOH I 6 .   ? -8.862  12.978  -8.427  1.00 36.42 ? 378 HOH A O   1 
HETATM 1234 O  O   . HOH I 6 .   ? 18.031  -2.466  7.507   1.00 62.73 ? 379 HOH A O   1 
HETATM 1235 O  O   . HOH I 6 .   ? 13.656  -8.493  4.818   1.00 27.46 ? 380 HOH A O   1 
HETATM 1236 O  O   . HOH I 6 .   ? 12.333  -0.669  -4.262  1.00 20.54 ? 381 HOH A O   1 
HETATM 1237 O  O   . HOH I 6 .   ? -2.607  10.346  10.300  1.00 33.00 ? 382 HOH A O   1 
HETATM 1238 O  O   . HOH I 6 .   ? -10.672 1.720   -6.380  1.00 25.40 ? 383 HOH A O   1 
HETATM 1239 O  O   . HOH I 6 .   ? -4.260  10.100  12.331  1.00 29.78 ? 384 HOH A O   1 
HETATM 1240 O  O   . HOH I 6 .   ? -13.757 -2.467  -6.070  1.00 30.11 ? 385 HOH A O   1 
HETATM 1241 O  O   . HOH I 6 .   ? -0.529  -14.065 -11.817 1.00 28.03 ? 386 HOH A O   1 
HETATM 1242 O  O   . HOH I 6 .   ? -5.177  -4.483  -6.573  1.00 24.03 ? 387 HOH A O   1 
HETATM 1243 O  O   . HOH I 6 .   ? 4.906   -4.474  8.876   1.00 24.18 ? 388 HOH A O   1 
HETATM 1244 O  O   . HOH I 6 .   ? 4.760   2.214   -12.130 1.00 28.39 ? 389 HOH A O   1 
HETATM 1245 O  O   . HOH I 6 .   ? 5.023   -12.070 13.130  1.00 27.77 ? 390 HOH A O   1 
HETATM 1246 O  O   . HOH I 6 .   ? 3.287   -16.050 -9.426  1.00 27.22 ? 391 HOH A O   1 
HETATM 1247 O  O   . HOH I 6 .   ? -10.126 -5.710  4.373   1.00 32.64 ? 392 HOH A O   1 
HETATM 1248 O  O   . HOH I 6 .   ? 2.921   14.653  13.590  1.00 46.82 ? 393 HOH A O   1 
HETATM 1249 O  O   . HOH I 6 .   ? -16.760 16.608  3.938   1.00 33.88 ? 394 HOH A O   1 
HETATM 1250 O  O   . HOH I 6 .   ? 19.965  4.248   -2.518  1.00 35.46 ? 395 HOH A O   1 
HETATM 1251 O  O   . HOH I 6 .   ? 1.226   2.979   -5.383  1.00 19.63 ? 396 HOH A O   1 
HETATM 1252 O  O   . HOH I 6 .   ? -7.913  11.706  13.517  1.00 39.91 ? 397 HOH A O   1 
HETATM 1253 O  O   . HOH I 6 .   ? 5.003   2.765   12.248  1.00 52.74 ? 398 HOH A O   1 
HETATM 1254 O  O   . HOH I 6 .   ? -14.052 17.609  0.655   1.00 35.71 ? 399 HOH A O   1 
HETATM 1255 O  O   . HOH I 6 .   ? -3.927  -17.940 -6.437  1.00 32.68 ? 400 HOH A O   1 
HETATM 1256 O  O   . HOH I 6 .   ? -0.396  6.587   -11.875 1.00 58.89 ? 401 HOH A O   1 
HETATM 1257 O  O   . HOH I 6 .   ? -19.032 8.440   -1.223  1.00 29.76 ? 402 HOH A O   1 
HETATM 1258 O  O   . HOH I 6 .   ? -7.572  -18.111 4.464   1.00 25.53 ? 403 HOH A O   1 
HETATM 1259 O  O   . HOH I 6 .   ? -5.305  -4.740  -10.048 1.00 27.72 ? 404 HOH A O   1 
HETATM 1260 O  O   . HOH I 6 .   ? -9.582  5.848   10.703  1.00 37.17 ? 405 HOH A O   1 
HETATM 1261 O  O   . HOH I 6 .   ? -2.405  14.885  17.074  1.00 38.49 ? 406 HOH A O   1 
HETATM 1262 O  O   . HOH I 6 .   ? -4.624  -9.312  -1.887  1.00 24.43 ? 407 HOH A O   1 
HETATM 1263 O  O   . HOH I 6 .   ? -4.615  -11.161 -8.626  1.00 26.12 ? 408 HOH A O   1 
HETATM 1264 O  O   . HOH I 6 .   ? -0.248  -9.758  -7.994  1.00 24.04 ? 409 HOH A O   1 
HETATM 1265 O  O   . HOH I 6 .   ? -7.084  -7.137  7.630   1.00 35.55 ? 410 HOH A O   1 
HETATM 1266 O  O   . HOH I 6 .   ? 0.704   -9.624  -10.790 1.00 21.87 ? 411 HOH A O   1 
HETATM 1267 O  O   . HOH I 6 .   ? 14.393  7.865   4.541   1.00 27.31 ? 412 HOH A O   1 
HETATM 1268 O  O   . HOH I 6 .   ? 1.176   8.834   -9.271  1.00 38.29 ? 413 HOH A O   1 
HETATM 1269 O  O   . HOH I 6 .   ? -12.161 -6.768  -1.064  1.00 41.68 ? 414 HOH A O   1 
HETATM 1270 O  O   . HOH I 6 .   ? 2.965   -18.259 0.122   1.00 32.70 ? 415 HOH A O   1 
HETATM 1271 O  O   . HOH I 6 .   ? 6.971   -0.171  -15.323 1.00 37.57 ? 416 HOH A O   1 
HETATM 1272 O  O   . HOH I 6 .   ? 1.087   12.635  -6.216  1.00 40.89 ? 417 HOH A O   1 
HETATM 1273 O  O   . HOH I 6 .   ? 13.228  -4.353  -9.385  1.00 25.21 ? 418 HOH A O   1 
HETATM 1274 O  O   . HOH I 6 .   ? -1.926  -0.886  8.263   1.00 24.41 ? 419 HOH A O   1 
HETATM 1275 O  O   . HOH I 6 .   ? 1.571   -18.910 4.516   1.00 28.91 ? 420 HOH A O   1 
HETATM 1276 O  O   . HOH I 6 .   ? -8.763  -12.144 15.935  1.00 41.62 ? 421 HOH A O   1 
HETATM 1277 O  O   . HOH I 6 .   ? 14.948  1.218   11.638  1.00 36.43 ? 422 HOH A O   1 
HETATM 1278 O  O   . HOH I 6 .   ? 7.980   -14.645 9.832   1.00 30.27 ? 423 HOH A O   1 
HETATM 1279 O  O   . HOH I 6 .   ? -6.622  -7.050  -10.335 1.00 27.07 ? 424 HOH A O   1 
HETATM 1280 O  O   . HOH I 6 .   ? 16.115  -4.045  -8.980  1.00 39.02 ? 425 HOH A O   1 
HETATM 1281 O  O   . HOH I 6 .   ? 6.685   2.865   -10.912 1.00 37.18 ? 426 HOH A O   1 
HETATM 1282 O  O   . HOH I 6 .   ? 11.715  -1.543  10.180  1.00 42.32 ? 427 HOH A O   1 
HETATM 1283 O  O   . HOH I 6 .   ? 11.301  -12.813 -0.055  1.00 23.21 ? 428 HOH A O   1 
HETATM 1284 O  O   . HOH I 6 .   ? -13.759 -3.475  -2.293  1.00 47.75 ? 429 HOH A O   1 
HETATM 1285 O  O   . HOH I 6 .   ? -6.283  -6.948  -7.483  1.00 23.63 ? 430 HOH A O   1 
HETATM 1286 O  O   . HOH I 6 .   ? -5.487  -2.107  -17.392 1.00 39.13 ? 431 HOH A O   1 
HETATM 1287 O  O   . HOH I 6 .   ? 20.287  4.107   3.771   1.00 38.13 ? 432 HOH A O   1 
HETATM 1288 O  O   . HOH I 6 .   ? 6.544   -14.252 2.487   1.00 22.18 ? 433 HOH A O   1 
HETATM 1289 O  O   . HOH I 6 .   ? -8.653  1.164   7.224   1.00 28.84 ? 434 HOH A O   1 
HETATM 1290 O  O   . HOH I 6 .   ? 0.810   17.382  9.893   1.00 53.17 ? 435 HOH A O   1 
HETATM 1291 O  O   . HOH I 6 .   ? -6.384  13.001  -6.996  1.00 32.52 ? 436 HOH A O   1 
HETATM 1292 O  O   . HOH I 6 .   ? 1.296   -19.837 10.023  1.00 30.16 ? 437 HOH A O   1 
HETATM 1293 O  O   . HOH I 6 .   ? -1.386  -17.143 -3.147  1.00 28.43 ? 438 HOH A O   1 
HETATM 1294 O  O   . HOH I 6 .   ? -11.385 -13.185 0.241   1.00 41.10 ? 439 HOH A O   1 
HETATM 1295 O  O   . HOH I 6 .   ? 4.052   -15.048 3.363   1.00 17.29 ? 440 HOH A O   1 
HETATM 1296 O  O   . HOH I 6 .   ? -11.905 -8.956  1.893   1.00 51.18 ? 441 HOH A O   1 
HETATM 1297 O  O   . HOH I 6 .   ? -11.081 -9.532  -15.564 1.00 32.14 ? 442 HOH A O   1 
HETATM 1298 O  O   . HOH I 6 .   ? 7.122   -12.960 12.688  1.00 43.26 ? 443 HOH A O   1 
HETATM 1299 O  O   . HOH I 6 .   ? -22.681 7.864   1.016   1.00 35.90 ? 444 HOH A O   1 
HETATM 1300 O  O   . HOH I 6 .   ? -15.640 0.737   1.147   1.00 51.20 ? 445 HOH A O   1 
HETATM 1301 O  O   . HOH I 6 .   ? 12.993  -13.512 3.465   1.00 43.07 ? 446 HOH A O   1 
HETATM 1302 O  O   . HOH I 6 .   ? 6.273   13.807  -4.895  1.00 33.00 ? 447 HOH A O   1 
HETATM 1303 O  O   . HOH I 6 .   ? -1.448  -11.523 -10.827 1.00 24.65 ? 448 HOH A O   1 
HETATM 1304 O  O   . HOH I 6 .   ? -6.184  -13.027 -7.661  1.00 34.42 ? 449 HOH A O   1 
HETATM 1305 O  O   . HOH I 6 .   ? -4.935  -9.173  -6.451  1.00 22.17 ? 450 HOH A O   1 
HETATM 1306 O  O   . HOH I 6 .   ? -6.258  9.913   -10.697 1.00 49.31 ? 451 HOH A O   1 
HETATM 1307 O  O   . HOH I 6 .   ? -1.390  6.149   14.140  1.00 31.46 ? 452 HOH A O   1 
HETATM 1308 O  O   . HOH I 6 .   ? -4.505  0.730   10.228  1.00 34.30 ? 453 HOH A O   1 
HETATM 1309 O  O   . HOH I 6 .   ? -7.995  2.416   -13.782 1.00 50.91 ? 454 HOH A O   1 
HETATM 1310 O  O   . HOH I 6 .   ? 6.999   4.261   10.765  1.00 26.41 ? 455 HOH A O   1 
HETATM 1311 O  O   . HOH I 6 .   ? -18.355 3.645   3.639   1.00 37.81 ? 456 HOH A O   1 
HETATM 1312 O  O   . HOH I 6 .   ? -1.325  -8.876  15.073  1.00 41.03 ? 457 HOH A O   1 
HETATM 1313 O  O   . HOH I 6 .   ? -20.404 14.111  3.492   1.00 35.04 ? 458 HOH A O   1 
HETATM 1314 O  O   . HOH I 6 .   ? -11.596 1.720   7.158   1.00 43.85 ? 459 HOH A O   1 
HETATM 1315 O  O   . HOH I 6 .   ? -2.902  -13.876 -9.366  1.00 45.29 ? 460 HOH A O   1 
HETATM 1316 O  O   . HOH I 6 .   ? -8.773  -0.470  4.819   1.00 23.22 ? 461 HOH A O   1 
HETATM 1317 O  O   . HOH I 6 .   ? 11.400  8.153   11.937  1.00 50.86 ? 462 HOH A O   1 
HETATM 1318 O  O   . HOH I 6 .   ? -0.865  4.018   -14.514 1.00 52.53 ? 463 HOH A O   1 
HETATM 1319 O  O   . HOH I 6 .   ? -10.161 12.149  11.039  1.00 45.92 ? 464 HOH A O   1 
HETATM 1320 O  O   . HOH I 6 .   ? 7.066   17.473  -2.359  1.00 46.37 ? 465 HOH A O   1 
HETATM 1321 O  O   . HOH I 6 .   ? 2.475   0.681   12.062  1.00 41.66 ? 466 HOH A O   1 
HETATM 1322 O  O   . HOH I 6 .   ? -10.298 15.765  8.701   1.00 46.79 ? 467 HOH A O   1 
HETATM 1323 O  O   . HOH I 6 .   ? 14.470  -10.707 2.742   1.00 41.75 ? 468 HOH A O   1 
HETATM 1324 O  O   . HOH I 6 .   ? -15.279 -7.014  -3.215  1.00 42.73 ? 469 HOH A O   1 
HETATM 1325 O  O   . HOH I 6 .   ? -12.484 3.858   8.259   1.00 49.05 ? 470 HOH A O   1 
HETATM 1326 O  O   . HOH I 6 .   ? -5.932  -10.738 -4.148  1.00 28.21 ? 471 HOH A O   1 
HETATM 1327 O  O   . HOH I 6 .   ? -2.798  17.625  14.478  1.00 51.26 ? 472 HOH A O   1 
HETATM 1328 O  O   . HOH I 6 .   ? 9.076   15.407  7.817   1.00 41.71 ? 473 HOH A O   1 
HETATM 1329 O  O   . HOH I 6 .   ? 2.999   -11.384 14.842  1.00 46.47 ? 474 HOH A O   1 
HETATM 1330 O  O   . HOH I 6 .   ? -3.773  16.753  16.515  1.00 37.86 ? 475 HOH A O   1 
HETATM 1331 O  O   . HOH I 6 .   ? -6.956  -13.190 17.726  1.00 55.01 ? 476 HOH A O   1 
HETATM 1332 O  O   . HOH I 6 .   ? 9.509   0.622   10.469  1.00 51.63 ? 477 HOH A O   1 
HETATM 1333 O  O   . HOH I 6 .   ? 18.398  1.400   0.730   1.00 26.90 ? 478 HOH A O   1 
HETATM 1334 O  O   . HOH I 6 .   ? 0.505   -7.192  -24.408 1.00 39.36 ? 479 HOH A O   1 
HETATM 1335 O  O   . HOH I 6 .   ? -4.992  -15.355 17.767  1.00 40.15 ? 480 HOH A O   1 
HETATM 1336 O  O   . HOH I 6 .   ? -9.536  -15.614 -0.001  1.00 37.07 ? 481 HOH A O   1 
HETATM 1337 O  O   . HOH I 6 .   ? -14.718 -4.080  -4.813  1.00 47.10 ? 482 HOH A O   1 
HETATM 1338 O  O   . HOH I 6 .   ? 4.004   12.633  -6.207  1.00 40.37 ? 483 HOH A O   1 
HETATM 1339 O  O   . HOH I 6 .   ? 19.280  -0.582  -1.009  1.00 42.38 ? 484 HOH A O   1 
HETATM 1340 O  O   . HOH I 6 .   ? 20.070  1.472   3.029   1.00 44.33 ? 485 HOH A O   1 
HETATM 1341 O  O   . HOH I 6 .   ? -2.394  1.301   -16.081 1.00 47.42 ? 486 HOH A O   1 
HETATM 1342 O  O   . HOH I 6 .   ? -8.205  -0.215  -14.604 1.00 41.14 ? 487 HOH A O   1 
HETATM 1343 O  O   . HOH I 6 .   ? 3.653   -17.604 3.885   1.00 34.78 ? 488 HOH A O   1 
HETATM 1344 O  O   . HOH I 6 .   ? -5.448  14.957  -6.428  1.00 53.76 ? 489 HOH A O   1 
HETATM 1345 O  O   . HOH I 6 .   ? -7.735  -3.526  -18.291 1.00 42.95 ? 490 HOH A O   1 
HETATM 1346 O  O   . HOH I 6 .   ? -10.756 -6.157  2.485   1.00 44.38 ? 491 HOH A O   1 
HETATM 1347 O  O   . HOH I 6 .   ? -6.449  15.826  17.472  1.00 52.01 ? 492 HOH A O   1 
HETATM 1348 O  O   . HOH I 6 .   ? -1.086  16.081  -4.264  1.00 53.04 ? 493 HOH A O   1 
HETATM 1349 O  O   . HOH I 6 .   ? 5.589   16.052  -4.254  1.00 35.27 ? 494 HOH A O   1 
HETATM 1350 O  O   . HOH I 6 .   ? -4.495  -16.690 -12.916 1.00 45.77 ? 495 HOH A O   1 
HETATM 1351 O  O   . HOH I 6 .   ? -8.722  8.099   10.600  1.00 45.05 ? 496 HOH A O   1 
HETATM 1352 O  O   . HOH I 6 .   ? 1.142   18.768  -0.044  1.00 67.08 ? 497 HOH A O   1 
HETATM 1353 O  O   . HOH I 6 .   ? 0.252   -20.918 -5.262  1.00 49.52 ? 498 HOH A O   1 
HETATM 1354 O  O   . HOH I 6 .   ? -6.643  -12.807 -5.135  1.00 37.14 ? 499 HOH A O   1 
HETATM 1355 O  O   . HOH I 6 .   ? -6.003  -15.105 -3.895  1.00 47.33 ? 500 HOH A O   1 
HETATM 1356 O  O   . HOH I 6 .   ? 0.744   -2.070  -20.031 1.00 47.37 ? 501 HOH A O   1 
HETATM 1357 O  O   . HOH I 6 .   ? -6.850  9.653   12.362  1.00 50.51 ? 502 HOH A O   1 
HETATM 1358 O  O   . HOH I 6 .   ? 1.295   11.006  -8.437  1.00 42.30 ? 503 HOH A O   1 
HETATM 1359 O  O   . HOH I 6 .   ? -5.366  -15.073 -8.887  1.00 54.59 ? 504 HOH A O   1 
HETATM 1360 O  O   . HOH I 6 .   ? 1.756   -13.752 -10.199 1.00 25.97 ? 505 HOH A O   1 
HETATM 1361 O  O   . HOH I 6 .   ? 12.311  2.583   -8.102  1.00 41.08 ? 506 HOH A O   1 
HETATM 1362 O  O   . HOH I 6 .   ? 9.691   4.600   -7.554  1.00 31.03 ? 507 HOH A O   1 
HETATM 1363 O  O   . HOH I 6 .   ? -9.084  -14.557 -13.758 0.50 55.69 ? 508 HOH A O   1 
HETATM 1364 O  O   . HOH I 6 .   ? -3.888  7.764   13.951  1.00 45.41 ? 509 HOH A O   1 
HETATM 1365 O  O   . HOH I 6 .   ? 5.800   -18.655 5.288   1.00 46.30 ? 510 HOH A O   1 
HETATM 1366 O  O   . HOH I 6 .   ? -12.953 0.383   -6.130  1.00 34.82 ? 511 HOH A O   1 
HETATM 1367 O  O   . HOH I 6 .   ? 2.664   -11.365 -11.659 1.00 23.34 ? 512 HOH A O   1 
HETATM 1368 O  O   . HOH I 6 .   ? -15.888 -8.768  2.297   1.00 49.55 ? 513 HOH A O   1 
HETATM 1369 O  O   . HOH I 6 .   ? -2.061  -16.995 15.145  1.00 31.01 ? 514 HOH A O   1 
HETATM 1370 O  O   . HOH I 6 .   ? -5.826  -16.810 -6.437  1.00 56.55 ? 515 HOH A O   1 
HETATM 1371 O  O   . HOH I 6 .   ? -11.142 -1.748  5.106   1.00 43.25 ? 516 HOH A O   1 
HETATM 1372 O  O   . HOH I 6 .   ? 9.337   -16.227 5.768   1.00 37.39 ? 517 HOH A O   1 
HETATM 1373 O  O   . HOH I 6 .   ? 19.042  3.640   11.107  1.00 47.10 ? 518 HOH A O   1 
HETATM 1374 O  O   . HOH I 6 .   ? -6.521  -16.042 -11.271 1.00 52.69 ? 519 HOH A O   1 
HETATM 1375 O  O   . HOH I 6 .   ? -18.955 16.073  4.135   1.00 49.03 ? 520 HOH A O   1 
HETATM 1376 O  O   . HOH I 6 .   ? -9.717  -11.979 -16.372 1.00 50.95 ? 521 HOH A O   1 
HETATM 1377 O  O   . HOH I 6 .   ? -1.896  -14.116 17.123  1.00 53.12 ? 522 HOH A O   1 
HETATM 1378 O  O   . HOH I 6 .   ? 2.396   19.258  -2.728  1.00 52.66 ? 523 HOH A O   1 
HETATM 1379 O  O   . HOH I 6 .   ? -12.147 -4.158  4.457   1.00 49.97 ? 524 HOH A O   1 
HETATM 1380 O  O   . HOH I 6 .   ? -5.427  17.897  3.754   1.00 42.03 ? 525 HOH A O   1 
HETATM 1381 O  O   . HOH I 6 .   ? -15.844 0.285   5.405   1.00 43.13 ? 526 HOH A O   1 
HETATM 1382 O  O   . HOH I 6 .   ? 9.169   -16.046 8.037   1.00 51.43 ? 527 HOH A O   1 
HETATM 1383 O  O   . HOH I 6 .   ? 3.693   17.551  -5.009  1.00 42.45 ? 528 HOH A O   1 
HETATM 1384 O  O   . HOH I 6 .   ? 7.420   -17.469 9.029   1.00 39.88 ? 529 HOH A O   1 
HETATM 1385 O  O   . HOH I 6 .   ? -1.418  -0.103  -18.537 1.00 63.48 ? 530 HOH A O   1 
HETATM 1386 O  O   . HOH I 6 .   ? -13.420 -5.483  2.609   1.00 40.20 ? 531 HOH A O   1 
HETATM 1387 O  O   . HOH I 6 .   ? -9.924  -14.656 -16.774 1.00 90.17 ? 532 HOH A O   1 
HETATM 1388 O  O   . HOH I 6 .   ? 1.449   1.982   -20.219 1.00 52.97 ? 533 HOH A O   1 
# 
